data_5G1O
#
_entry.id   5G1O
#
_cell.length_a   82.790
_cell.length_b   157.890
_cell.length_c   82.720
_cell.angle_alpha   90.00
_cell.angle_beta   120.00
_cell.angle_gamma   90.00
#
_symmetry.space_group_name_H-M   'P 1 21 1'
#
loop_
_entity.id
_entity.type
_entity.pdbx_description
1 polymer 'CAD protein'
2 non-polymer 1,2-ETHANEDIOL
3 non-polymer GLYCEROL
4 water water
#
_entity_poly.entity_id   1
_entity_poly.type   'polypeptide(L)'
_entity_poly.pdbx_seq_one_letter_code
;GPMSPLLHSLVGQHILSVQQFTKDQMSHLFNVAHTLRMMVQKERSLDILKGKVMASMFYEVSTRTSSSFAAAMARLGGAV
LSFSEATSSVQKGESLADSVQTMSCYADVVVLRHPQPGAVELAAKHCRRPVINAGDGVGEHPTQALLDIFTIREELGTVN
GMTITMVGDLKHGRTVHSLACLLTQYRVSLRYVAPPSLRMPPTVRAFVASRGTKQEEFESIEEALPDTDVLYMTRIQKER
FGSTQEYEACFGQFILTPHIMTRAKKKMVVMHPMPRVNEISVEVDSDPRAAYFRQAENGMYIRMALLATVLGRF
;
_entity_poly.pdbx_strand_id   A,B,C,D,E,F
#
# COMPACT_ATOMS: atom_id res chain seq x y z
N LEU A 6 18.91 12.56 3.83
CA LEU A 6 17.44 12.31 3.62
C LEU A 6 16.48 12.99 4.62
N LEU A 7 17.02 13.54 5.71
CA LEU A 7 16.23 14.30 6.70
C LEU A 7 15.74 15.63 6.17
N HIS A 8 16.57 16.28 5.37
CA HIS A 8 16.23 17.59 4.79
C HIS A 8 15.56 17.47 3.43
N SER A 9 14.80 16.40 3.23
CA SER A 9 14.09 16.17 1.99
C SER A 9 12.57 16.25 2.21
N LEU A 10 11.90 17.02 1.35
CA LEU A 10 10.45 17.25 1.46
C LEU A 10 9.59 16.09 0.92
N VAL A 11 9.74 14.94 1.55
CA VAL A 11 9.16 13.68 1.05
C VAL A 11 7.65 13.70 1.19
N GLY A 12 6.95 13.33 0.12
CA GLY A 12 5.50 13.33 0.08
C GLY A 12 4.76 14.66 0.18
N GLN A 13 5.50 15.76 0.32
CA GLN A 13 4.86 17.05 0.63
C GLN A 13 4.50 17.84 -0.63
N HIS A 14 3.41 18.61 -0.55
CA HIS A 14 3.02 19.54 -1.59
C HIS A 14 4.01 20.73 -1.57
N ILE A 15 4.38 21.24 -2.75
CA ILE A 15 5.41 22.28 -2.87
C ILE A 15 4.79 23.51 -3.49
N LEU A 16 4.30 24.40 -2.65
CA LEU A 16 3.41 25.46 -3.10
C LEU A 16 4.09 26.81 -3.15
N SER A 17 5.04 27.05 -2.25
CA SER A 17 5.83 28.27 -2.23
C SER A 17 7.21 28.06 -1.62
N VAL A 18 8.16 28.87 -2.07
CA VAL A 18 9.58 28.66 -1.75
C VAL A 18 9.86 29.02 -0.30
N GLN A 19 9.07 29.95 0.21
CA GLN A 19 9.23 30.42 1.58
C GLN A 19 8.82 29.34 2.59
N GLN A 20 8.63 28.11 2.12
CA GLN A 20 8.44 26.96 3.00
C GLN A 20 9.76 26.17 3.15
N PHE A 21 10.79 26.52 2.37
CA PHE A 21 12.11 25.88 2.47
C PHE A 21 12.96 26.52 3.58
N THR A 22 13.49 25.72 4.50
CA THR A 22 14.60 26.19 5.33
C THR A 22 15.86 26.33 4.48
N LYS A 23 16.83 27.12 4.96
CA LYS A 23 18.16 27.18 4.34
C LYS A 23 18.71 25.78 4.18
N ASP A 24 18.57 24.99 5.25
CA ASP A 24 19.04 23.62 5.28
C ASP A 24 18.33 22.74 4.24
N GLN A 25 17.06 23.01 3.94
CA GLN A 25 16.34 22.28 2.89
C GLN A 25 16.72 22.77 1.51
N MET A 26 16.94 24.08 1.40
CA MET A 26 17.37 24.71 0.15
C MET A 26 18.83 24.34 -0.12
N SER A 27 19.59 24.13 0.95
CA SER A 27 20.97 23.69 0.81
C SER A 27 21.03 22.26 0.32
N HIS A 28 20.14 21.43 0.84
CA HIS A 28 20.10 20.04 0.45
C HIS A 28 19.67 19.91 -1.00
N LEU A 29 18.62 20.65 -1.36
CA LEU A 29 18.09 20.64 -2.73
C LEU A 29 19.15 21.08 -3.76
N PHE A 30 19.95 22.07 -3.39
CA PHE A 30 21.01 22.56 -4.25
C PHE A 30 22.13 21.54 -4.41
N ASN A 31 22.49 20.86 -3.32
CA ASN A 31 23.52 19.82 -3.37
C ASN A 31 23.08 18.63 -4.22
N VAL A 32 21.82 18.25 -4.06
CA VAL A 32 21.23 17.19 -4.88
C VAL A 32 21.25 17.58 -6.37
N ALA A 33 20.94 18.84 -6.66
CA ALA A 33 20.99 19.33 -8.03
C ALA A 33 22.42 19.18 -8.60
N HIS A 34 23.43 19.64 -7.85
CA HIS A 34 24.84 19.38 -8.23
C HIS A 34 25.11 17.90 -8.49
N THR A 35 24.60 17.03 -7.63
CA THR A 35 24.85 15.59 -7.74
C THR A 35 24.24 14.98 -9.00
N LEU A 36 22.98 15.29 -9.27
CA LEU A 36 22.32 14.80 -10.45
C LEU A 36 23.00 15.33 -11.73
N ARG A 37 23.39 16.60 -11.71
CA ARG A 37 24.03 17.20 -12.88
C ARG A 37 25.28 16.41 -13.30
N MET A 38 26.13 16.08 -12.34
CA MET A 38 27.42 15.47 -12.64
C MET A 38 27.26 14.00 -12.98
N MET A 39 26.33 13.31 -12.30
CA MET A 39 25.90 11.97 -12.75
C MET A 39 25.53 12.00 -14.22
N VAL A 40 24.68 12.97 -14.58
CA VAL A 40 24.21 13.20 -15.94
C VAL A 40 25.37 13.38 -16.91
N GLN A 41 26.30 14.28 -16.58
CA GLN A 41 27.50 14.53 -17.39
C GLN A 41 28.31 13.29 -17.71
N LYS A 42 28.41 12.39 -16.73
CA LYS A 42 29.16 11.14 -16.91
C LYS A 42 28.36 10.00 -17.57
N GLU A 43 27.12 10.27 -17.97
CA GLU A 43 26.26 9.29 -18.64
C GLU A 43 26.02 8.03 -17.79
N ARG A 44 25.84 8.22 -16.49
CA ARG A 44 25.36 7.13 -15.66
C ARG A 44 23.86 7.00 -15.90
N SER A 45 23.45 5.86 -16.43
CA SER A 45 22.04 5.55 -16.58
C SER A 45 21.38 5.79 -15.24
N LEU A 46 20.46 6.73 -15.18
CA LEU A 46 19.71 6.98 -13.94
C LEU A 46 18.34 6.30 -14.00
N ASP A 47 18.12 5.40 -13.04
CA ASP A 47 16.82 4.79 -12.84
C ASP A 47 16.20 5.16 -11.49
N ILE A 48 16.63 6.29 -10.93
CA ILE A 48 16.12 6.80 -9.66
C ILE A 48 14.60 6.71 -9.60
N LEU A 49 13.93 7.22 -10.63
CA LEU A 49 12.46 7.28 -10.66
C LEU A 49 11.86 6.35 -11.69
N LYS A 50 12.58 5.30 -12.04
CA LYS A 50 12.04 4.31 -12.95
C LYS A 50 10.76 3.77 -12.34
N GLY A 51 9.73 3.59 -13.19
CA GLY A 51 8.41 3.15 -12.76
C GLY A 51 7.43 4.24 -12.35
N LYS A 52 7.95 5.38 -11.87
CA LYS A 52 7.12 6.45 -11.33
C LYS A 52 6.62 7.35 -12.44
N VAL A 53 5.48 8.00 -12.20
CA VAL A 53 4.83 8.80 -13.22
C VAL A 53 4.50 10.19 -12.67
N MET A 54 4.87 11.20 -13.45
CA MET A 54 4.50 12.58 -13.18
C MET A 54 3.37 12.95 -14.11
N ALA A 55 2.33 13.56 -13.56
CA ALA A 55 1.28 14.16 -14.35
C ALA A 55 1.61 15.63 -14.44
N SER A 56 1.41 16.20 -15.61
CA SER A 56 1.89 17.54 -15.95
C SER A 56 0.68 18.33 -16.41
N MET A 57 0.32 19.37 -15.66
CA MET A 57 -0.98 20.03 -15.86
C MET A 57 -0.83 21.55 -15.88
N PHE A 58 -0.76 22.12 -17.09
CA PHE A 58 -0.54 23.55 -17.29
C PHE A 58 -1.79 24.29 -17.80
N TYR A 59 -2.32 25.20 -16.99
CA TYR A 59 -3.54 25.97 -17.33
C TYR A 59 -3.28 27.45 -17.67
N GLU A 60 -2.24 28.05 -17.10
CA GLU A 60 -1.68 29.29 -17.65
C GLU A 60 -1.02 28.91 -18.96
N VAL A 61 -0.41 27.71 -18.96
CA VAL A 61 0.32 27.16 -20.09
C VAL A 61 1.66 27.91 -20.23
N SER A 62 2.72 27.25 -19.78
CA SER A 62 4.09 27.74 -19.96
C SER A 62 4.92 26.56 -20.43
N THR A 63 5.36 26.61 -21.69
CA THR A 63 6.07 25.48 -22.30
C THR A 63 7.55 25.40 -21.90
N ARG A 64 8.15 26.54 -21.58
CA ARG A 64 9.52 26.54 -21.02
C ARG A 64 9.57 25.77 -19.71
N THR A 65 8.57 25.96 -18.85
CA THR A 65 8.54 25.27 -17.56
C THR A 65 8.19 23.78 -17.75
N SER A 66 7.11 23.53 -18.49
CA SER A 66 6.65 22.15 -18.73
C SER A 66 7.74 21.26 -19.29
N SER A 67 8.45 21.75 -20.30
CA SER A 67 9.54 20.97 -20.93
C SER A 67 10.62 20.65 -19.93
N SER A 68 10.92 21.62 -19.08
CA SER A 68 11.97 21.49 -18.10
C SER A 68 11.64 20.41 -17.08
N PHE A 69 10.41 20.42 -16.58
CA PHE A 69 9.90 19.34 -15.75
C PHE A 69 9.83 18.00 -16.50
N ALA A 70 9.41 18.01 -17.77
CA ALA A 70 9.36 16.76 -18.52
C ALA A 70 10.75 16.18 -18.68
N ALA A 71 11.71 17.09 -18.93
CA ALA A 71 13.09 16.71 -19.17
C ALA A 71 13.73 16.16 -17.89
N ALA A 72 13.46 16.80 -16.76
CA ALA A 72 13.94 16.33 -15.46
C ALA A 72 13.42 14.94 -15.13
N MET A 73 12.12 14.71 -15.35
CA MET A 73 11.51 13.41 -15.03
C MET A 73 12.08 12.31 -15.94
N ALA A 74 12.23 12.61 -17.23
CA ALA A 74 12.86 11.65 -18.16
C ALA A 74 14.28 11.30 -17.74
N ARG A 75 15.09 12.30 -17.43
CA ARG A 75 16.52 12.06 -17.15
C ARG A 75 16.78 11.38 -15.82
N LEU A 76 15.75 11.25 -14.99
CA LEU A 76 15.79 10.39 -13.81
C LEU A 76 15.23 8.99 -14.07
N GLY A 77 14.73 8.75 -15.28
CA GLY A 77 14.20 7.45 -15.67
C GLY A 77 12.68 7.26 -15.53
N GLY A 78 11.96 8.33 -15.23
CA GLY A 78 10.50 8.31 -15.06
C GLY A 78 9.72 8.67 -16.31
N ALA A 79 8.40 8.63 -16.19
CA ALA A 79 7.50 8.97 -17.29
C ALA A 79 6.66 10.17 -16.94
N VAL A 80 6.10 10.78 -17.97
CA VAL A 80 5.31 11.98 -17.85
C VAL A 80 4.00 11.78 -18.58
N LEU A 81 2.90 12.07 -17.89
CA LEU A 81 1.55 12.10 -18.48
C LEU A 81 1.24 13.57 -18.76
N SER A 82 1.14 13.94 -20.03
CA SER A 82 1.02 15.36 -20.43
C SER A 82 -0.44 15.77 -20.66
N PHE A 83 -0.88 16.85 -20.02
CA PHE A 83 -2.29 17.23 -19.97
C PHE A 83 -2.60 18.40 -20.90
N SER A 84 -3.25 18.11 -22.02
CA SER A 84 -3.80 19.13 -22.88
C SER A 84 -5.26 19.39 -22.50
N GLU A 85 -5.55 20.61 -22.06
CA GLU A 85 -6.89 21.04 -21.63
C GLU A 85 -7.91 20.88 -22.77
N ALA A 86 -7.63 21.53 -23.89
CA ALA A 86 -8.48 21.47 -25.09
C ALA A 86 -9.83 22.14 -24.87
N GLY A 93 -18.15 21.97 -16.88
CA GLY A 93 -17.06 21.02 -17.04
C GLY A 93 -16.54 20.41 -15.75
N GLU A 94 -15.56 19.53 -15.90
CA GLU A 94 -14.95 18.84 -14.77
C GLU A 94 -14.17 19.83 -13.93
N SER A 95 -14.40 19.83 -12.62
CA SER A 95 -13.67 20.70 -11.74
C SER A 95 -12.18 20.34 -11.76
N LEU A 96 -11.33 21.36 -11.73
CA LEU A 96 -9.88 21.18 -11.58
C LEU A 96 -9.58 20.14 -10.51
N ALA A 97 -10.31 20.25 -9.40
CA ALA A 97 -10.21 19.29 -8.29
C ALA A 97 -10.28 17.86 -8.79
N ASP A 98 -11.36 17.56 -9.51
CA ASP A 98 -11.59 16.21 -10.05
C ASP A 98 -10.58 15.84 -11.14
N SER A 99 -10.21 16.82 -11.97
CA SER A 99 -9.21 16.58 -13.00
C SER A 99 -7.91 16.19 -12.35
N VAL A 100 -7.53 16.96 -11.33
CA VAL A 100 -6.29 16.71 -10.60
C VAL A 100 -6.37 15.41 -9.83
N GLN A 101 -7.53 15.12 -9.25
CA GLN A 101 -7.72 13.93 -8.44
C GLN A 101 -7.68 12.68 -9.28
N THR A 102 -8.26 12.75 -10.49
CA THR A 102 -8.21 11.62 -11.40
C THR A 102 -6.78 11.37 -11.90
N MET A 103 -6.07 12.42 -12.30
CA MET A 103 -4.67 12.26 -12.72
C MET A 103 -3.83 11.63 -11.61
N SER A 104 -4.11 11.99 -10.35
CA SER A 104 -3.41 11.38 -9.22
C SER A 104 -3.70 9.87 -9.01
N CYS A 105 -4.78 9.36 -9.61
CA CYS A 105 -4.97 7.90 -9.67
C CYS A 105 -3.95 7.19 -10.58
N TYR A 106 -3.38 7.94 -11.53
CA TYR A 106 -2.41 7.42 -12.49
C TYR A 106 -0.98 7.84 -12.23
N ALA A 107 -0.77 8.78 -11.31
CA ALA A 107 0.52 9.41 -11.14
C ALA A 107 0.98 9.48 -9.70
N ASP A 108 2.28 9.65 -9.55
CA ASP A 108 2.96 9.75 -8.26
C ASP A 108 3.21 11.19 -7.84
N VAL A 109 3.20 12.11 -8.81
CA VAL A 109 3.38 13.54 -8.55
C VAL A 109 2.48 14.27 -9.50
N VAL A 110 2.00 15.44 -9.07
CA VAL A 110 1.29 16.34 -9.93
C VAL A 110 2.09 17.64 -10.01
N VAL A 111 2.25 18.15 -11.23
CA VAL A 111 2.87 19.45 -11.40
C VAL A 111 1.81 20.30 -12.09
N LEU A 112 1.49 21.43 -11.49
CA LEU A 112 0.32 22.21 -11.86
C LEU A 112 0.66 23.67 -11.98
N ARG A 113 0.31 24.24 -13.13
CA ARG A 113 0.41 25.68 -13.35
C ARG A 113 -1.00 26.17 -13.66
N HIS A 114 -1.50 27.13 -12.88
CA HIS A 114 -2.90 27.60 -13.05
C HIS A 114 -3.03 29.08 -12.67
N PRO A 115 -3.73 29.89 -13.49
CA PRO A 115 -3.80 31.34 -13.23
C PRO A 115 -4.70 31.78 -12.09
N GLN A 116 -5.87 31.16 -11.96
CA GLN A 116 -6.84 31.48 -10.89
C GLN A 116 -6.25 31.46 -9.47
N PRO A 117 -6.16 32.64 -8.81
CA PRO A 117 -5.61 32.73 -7.45
C PRO A 117 -6.29 31.84 -6.40
N GLY A 118 -5.47 31.06 -5.68
CA GLY A 118 -5.97 30.08 -4.71
C GLY A 118 -6.12 28.68 -5.27
N ALA A 119 -6.33 28.55 -6.59
CA ALA A 119 -6.68 27.28 -7.22
C ALA A 119 -5.62 26.17 -7.09
N VAL A 120 -4.35 26.49 -7.34
CA VAL A 120 -3.27 25.49 -7.16
C VAL A 120 -3.31 24.93 -5.74
N GLU A 121 -3.34 25.82 -4.76
CA GLU A 121 -3.36 25.39 -3.35
C GLU A 121 -4.64 24.60 -3.03
N LEU A 122 -5.81 25.11 -3.44
CA LEU A 122 -7.06 24.37 -3.25
C LEU A 122 -6.99 22.99 -3.90
N ALA A 123 -6.51 22.93 -5.15
CA ALA A 123 -6.32 21.64 -5.81
C ALA A 123 -5.45 20.70 -4.99
N ALA A 124 -4.37 21.22 -4.41
CA ALA A 124 -3.43 20.44 -3.60
C ALA A 124 -4.02 19.99 -2.26
N LYS A 125 -4.86 20.86 -1.70
CA LYS A 125 -5.60 20.61 -0.47
C LYS A 125 -5.81 19.14 -0.13
N HIS A 126 -6.65 18.45 -0.90
CA HIS A 126 -6.98 17.03 -0.60
C HIS A 126 -6.44 16.03 -1.63
N CYS A 127 -5.41 16.42 -2.37
CA CYS A 127 -4.87 15.54 -3.40
C CYS A 127 -4.16 14.40 -2.74
N ARG A 128 -4.48 13.17 -3.15
CA ARG A 128 -3.78 11.99 -2.62
C ARG A 128 -2.27 12.10 -2.83
N ARG A 129 -1.86 12.83 -3.88
CA ARG A 129 -0.46 12.93 -4.25
C ARG A 129 0.14 14.33 -4.02
N PRO A 130 1.48 14.39 -3.82
CA PRO A 130 2.16 15.66 -3.68
C PRO A 130 1.95 16.52 -4.93
N VAL A 131 1.76 17.81 -4.73
CA VAL A 131 1.50 18.74 -5.81
C VAL A 131 2.64 19.73 -5.80
N ILE A 132 3.26 19.92 -6.97
CA ILE A 132 4.30 20.93 -7.10
C ILE A 132 3.68 22.04 -7.90
N ASN A 133 3.73 23.24 -7.34
CA ASN A 133 3.21 24.44 -7.99
C ASN A 133 4.18 24.95 -9.05
N ALA A 134 3.81 24.78 -10.31
CA ALA A 134 4.60 25.29 -11.42
C ALA A 134 4.19 26.71 -11.83
N GLY A 135 3.43 27.39 -10.96
CA GLY A 135 3.06 28.78 -11.19
C GLY A 135 1.59 29.00 -10.87
N ASP A 136 1.32 29.84 -9.87
CA ASP A 136 -0.05 30.06 -9.38
C ASP A 136 -0.54 31.46 -9.75
N GLY A 137 -1.64 31.90 -9.14
CA GLY A 137 -2.27 33.16 -9.49
C GLY A 137 -1.81 34.40 -8.73
N VAL A 138 -0.83 34.21 -7.86
CA VAL A 138 -0.17 35.34 -7.17
C VAL A 138 1.30 35.42 -7.53
N GLY A 139 1.74 34.61 -8.48
CA GLY A 139 3.14 34.59 -8.90
C GLY A 139 3.89 33.37 -8.39
N GLU A 140 3.68 33.01 -7.13
CA GLU A 140 4.43 31.92 -6.51
C GLU A 140 4.83 30.89 -7.54
N HIS A 141 6.08 30.99 -7.97
CA HIS A 141 6.68 30.03 -8.87
C HIS A 141 7.88 29.46 -8.10
N PRO A 142 7.65 28.40 -7.32
CA PRO A 142 8.67 27.88 -6.42
C PRO A 142 10.02 27.50 -7.03
N THR A 143 10.01 26.62 -8.02
CA THR A 143 11.25 26.17 -8.64
C THR A 143 11.89 27.27 -9.49
N GLN A 144 11.11 28.27 -9.86
CA GLN A 144 11.63 29.46 -10.54
C GLN A 144 12.53 30.22 -9.60
N ALA A 145 12.06 30.42 -8.37
CA ALA A 145 12.85 31.10 -7.34
C ALA A 145 14.04 30.25 -6.91
N LEU A 146 13.83 28.94 -6.74
CA LEU A 146 14.92 28.05 -6.34
C LEU A 146 16.05 28.07 -7.37
N LEU A 147 15.69 27.98 -8.65
CA LEU A 147 16.67 27.99 -9.74
C LEU A 147 17.41 29.31 -9.80
N ASP A 148 16.70 30.40 -9.53
CA ASP A 148 17.30 31.72 -9.64
C ASP A 148 18.43 31.88 -8.63
N ILE A 149 18.19 31.46 -7.39
CA ILE A 149 19.22 31.59 -6.36
C ILE A 149 20.35 30.58 -6.58
N PHE A 150 20.02 29.34 -6.96
CA PHE A 150 21.01 28.34 -7.36
C PHE A 150 21.95 28.95 -8.40
N THR A 151 21.36 29.66 -9.36
CA THR A 151 22.13 30.29 -10.45
C THR A 151 23.09 31.35 -9.92
N ILE A 152 22.59 32.22 -9.04
CA ILE A 152 23.45 33.26 -8.48
C ILE A 152 24.65 32.60 -7.84
N ARG A 153 24.38 31.61 -7.00
CA ARG A 153 25.46 30.97 -6.27
C ARG A 153 26.45 30.34 -7.25
N GLU A 154 25.92 29.60 -8.21
CA GLU A 154 26.72 28.92 -9.21
C GLU A 154 27.57 29.90 -10.03
N GLU A 155 26.97 30.98 -10.49
CA GLU A 155 27.67 31.95 -11.35
C GLU A 155 28.71 32.79 -10.59
N LEU A 156 28.37 33.25 -9.40
CA LEU A 156 29.23 34.20 -8.68
C LEU A 156 30.04 33.62 -7.55
N GLY A 157 29.69 32.44 -7.07
CA GLY A 157 30.37 31.84 -5.94
C GLY A 157 29.54 31.85 -4.66
N THR A 158 28.91 32.98 -4.37
CA THR A 158 27.97 33.09 -3.26
C THR A 158 26.76 33.98 -3.60
N VAL A 159 25.85 34.09 -2.64
CA VAL A 159 24.73 35.04 -2.71
C VAL A 159 24.99 36.20 -1.75
N ASN A 160 25.61 35.89 -0.61
CA ASN A 160 25.91 36.89 0.42
C ASN A 160 26.87 37.96 -0.07
N GLY A 161 26.52 39.21 0.23
CA GLY A 161 27.35 40.35 -0.15
C GLY A 161 26.87 41.01 -1.41
N MET A 162 26.09 40.30 -2.21
CA MET A 162 25.78 40.74 -3.56
C MET A 162 24.73 41.82 -3.65
N THR A 163 24.90 42.72 -4.61
CA THR A 163 23.86 43.71 -4.90
C THR A 163 23.14 43.28 -6.17
N ILE A 164 21.87 42.96 -6.01
CA ILE A 164 21.05 42.42 -7.07
C ILE A 164 20.13 43.52 -7.58
N THR A 165 20.15 43.71 -8.89
CA THR A 165 19.36 44.75 -9.53
C THR A 165 18.27 44.10 -10.36
N MET A 166 17.03 44.54 -10.13
CA MET A 166 15.87 44.09 -10.89
C MET A 166 15.41 45.18 -11.85
N VAL A 167 14.90 44.74 -13.00
CA VAL A 167 14.71 45.63 -14.14
C VAL A 167 13.52 45.22 -15.00
N GLY A 168 12.62 46.19 -15.23
CA GLY A 168 11.44 45.98 -16.10
C GLY A 168 10.11 46.26 -15.42
N ASP A 169 9.08 45.47 -15.74
CA ASP A 169 7.75 45.65 -15.14
C ASP A 169 7.68 44.91 -13.81
N LEU A 170 7.99 45.62 -12.74
CA LEU A 170 7.99 45.05 -11.42
C LEU A 170 6.60 45.03 -10.77
N LYS A 171 5.64 45.76 -11.33
CA LYS A 171 4.30 45.79 -10.74
C LYS A 171 3.56 44.47 -10.89
N HIS A 172 3.35 44.04 -12.14
CA HIS A 172 2.67 42.77 -12.42
C HIS A 172 3.66 41.60 -12.54
N GLY A 173 4.95 41.89 -12.45
CA GLY A 173 5.99 40.86 -12.53
C GLY A 173 6.17 40.12 -11.22
N ARG A 174 5.32 39.14 -10.98
CA ARG A 174 5.24 38.46 -9.68
C ARG A 174 6.36 37.46 -9.43
N THR A 175 7.09 37.12 -10.50
CA THR A 175 8.32 36.34 -10.40
C THR A 175 9.38 37.12 -9.62
N VAL A 176 9.40 38.43 -9.82
CA VAL A 176 10.28 39.31 -9.05
C VAL A 176 9.86 39.41 -7.58
N HIS A 177 8.54 39.49 -7.33
CA HIS A 177 8.01 39.68 -5.98
C HIS A 177 8.57 38.71 -4.93
N SER A 178 8.20 37.45 -5.01
CA SER A 178 8.59 36.48 -4.01
C SER A 178 10.12 36.28 -4.03
N LEU A 179 10.73 36.51 -5.20
CA LEU A 179 12.19 36.47 -5.30
C LEU A 179 12.86 37.54 -4.44
N ALA A 180 12.31 38.75 -4.47
CA ALA A 180 12.83 39.85 -3.64
C ALA A 180 12.74 39.48 -2.16
N CYS A 181 11.64 38.83 -1.80
CA CYS A 181 11.36 38.43 -0.43
C CYS A 181 12.05 37.13 -0.01
N LEU A 182 12.56 36.35 -0.96
CA LEU A 182 13.45 35.21 -0.67
C LEU A 182 14.89 35.73 -0.48
N LEU A 183 15.23 36.78 -1.23
CA LEU A 183 16.50 37.48 -1.09
C LEU A 183 16.65 38.17 0.28
N THR A 184 15.56 38.25 1.03
CA THR A 184 15.58 38.56 2.46
C THR A 184 16.62 37.74 3.21
N GLN A 185 16.63 36.44 2.98
CA GLN A 185 17.41 35.50 3.78
C GLN A 185 18.93 35.54 3.52
N TYR A 186 19.40 36.56 2.81
CA TYR A 186 20.83 36.72 2.54
C TYR A 186 21.27 38.15 2.79
N ARG A 187 22.58 38.34 2.84
CA ARG A 187 23.17 39.66 2.95
C ARG A 187 23.21 40.25 1.55
N VAL A 188 22.22 41.09 1.22
CA VAL A 188 22.14 41.69 -0.13
C VAL A 188 21.64 43.12 -0.13
N SER A 189 21.91 43.81 -1.23
CA SER A 189 21.28 45.09 -1.52
C SER A 189 20.54 45.02 -2.85
N LEU A 190 19.39 45.68 -2.95
CA LEU A 190 18.54 45.60 -4.13
C LEU A 190 18.30 46.94 -4.84
N ARG A 191 18.43 46.90 -6.15
CA ARG A 191 18.21 48.06 -7.01
C ARG A 191 17.00 47.84 -7.93
N TYR A 192 16.09 48.82 -7.96
CA TYR A 192 14.87 48.73 -8.76
C TYR A 192 14.91 49.72 -9.90
N VAL A 193 15.00 49.17 -11.11
CA VAL A 193 15.05 49.94 -12.34
C VAL A 193 13.77 49.65 -13.12
N ALA A 194 12.89 50.64 -13.19
CA ALA A 194 11.61 50.47 -13.87
C ALA A 194 11.01 51.82 -14.25
N PRO A 195 9.87 51.80 -14.97
CA PRO A 195 9.01 52.98 -15.03
C PRO A 195 8.43 53.35 -13.66
N PRO A 196 7.99 54.61 -13.50
CA PRO A 196 7.29 55.03 -12.27
C PRO A 196 5.94 54.33 -12.11
N SER A 197 5.23 54.14 -13.22
CA SER A 197 3.96 53.40 -13.23
C SER A 197 4.14 51.91 -12.89
N LEU A 198 5.34 51.38 -13.13
CA LEU A 198 5.60 49.94 -13.02
C LEU A 198 6.63 49.59 -11.95
N ARG A 199 6.70 50.40 -10.89
CA ARG A 199 7.62 50.14 -9.80
C ARG A 199 7.11 49.02 -8.92
N MET A 200 7.98 48.56 -8.02
CA MET A 200 7.68 47.45 -7.11
C MET A 200 6.45 47.76 -6.26
N PRO A 201 5.53 46.79 -6.10
CA PRO A 201 4.35 46.94 -5.23
C PRO A 201 4.66 47.22 -3.74
N PRO A 202 3.68 47.81 -3.01
CA PRO A 202 3.82 48.14 -1.58
C PRO A 202 4.11 46.94 -0.68
N THR A 203 3.24 45.92 -0.76
CA THR A 203 3.38 44.70 0.05
C THR A 203 4.81 44.16 0.07
N VAL A 204 5.55 44.39 -1.01
CA VAL A 204 6.92 43.90 -1.13
C VAL A 204 7.91 44.89 -0.56
N ARG A 205 7.97 46.10 -1.13
CA ARG A 205 8.93 47.11 -0.65
C ARG A 205 8.83 47.30 0.86
N ALA A 206 7.59 47.33 1.36
CA ALA A 206 7.32 47.43 2.79
C ALA A 206 7.79 46.19 3.54
N PHE A 207 7.71 45.02 2.89
CA PHE A 207 8.23 43.79 3.47
C PHE A 207 9.76 43.82 3.58
N VAL A 208 10.42 44.08 2.45
CA VAL A 208 11.87 43.93 2.36
C VAL A 208 12.60 44.94 3.27
N ALA A 209 11.99 46.12 3.42
CA ALA A 209 12.47 47.14 4.37
C ALA A 209 12.34 46.68 5.82
N SER A 210 11.38 45.79 6.06
CA SER A 210 11.08 45.28 7.41
C SER A 210 11.77 43.98 7.75
N ARG A 211 12.40 43.33 6.77
CA ARG A 211 13.17 42.12 7.03
C ARG A 211 14.67 42.40 7.20
N GLY A 212 15.08 43.64 7.01
CA GLY A 212 16.47 44.07 7.21
C GLY A 212 17.21 44.48 5.96
N THR A 213 16.84 43.89 4.82
CA THR A 213 17.51 44.14 3.55
C THR A 213 17.29 45.57 3.04
N LYS A 214 18.39 46.21 2.64
CA LYS A 214 18.39 47.57 2.10
C LYS A 214 17.88 47.59 0.66
N GLN A 215 17.26 48.70 0.27
CA GLN A 215 16.76 48.87 -1.09
C GLN A 215 17.01 50.29 -1.60
N GLU A 216 17.38 50.41 -2.87
CA GLU A 216 17.43 51.71 -3.55
C GLU A 216 16.87 51.60 -4.95
N GLU A 217 16.28 52.69 -5.43
CA GLU A 217 15.70 52.73 -6.75
C GLU A 217 16.57 53.56 -7.69
N PHE A 218 16.63 53.15 -8.94
CA PHE A 218 17.38 53.85 -9.96
C PHE A 218 16.48 53.95 -11.18
N GLU A 219 16.71 54.96 -12.00
CA GLU A 219 15.85 55.22 -13.17
C GLU A 219 16.29 54.47 -14.43
N SER A 220 17.59 54.20 -14.55
CA SER A 220 18.12 53.60 -15.77
C SER A 220 19.10 52.47 -15.45
N ILE A 221 19.30 51.59 -16.42
CA ILE A 221 20.21 50.46 -16.25
C ILE A 221 21.60 50.99 -15.89
N GLU A 222 22.11 51.89 -16.74
CA GLU A 222 23.47 52.43 -16.54
C GLU A 222 23.64 53.17 -15.21
N GLU A 223 22.57 53.78 -14.69
CA GLU A 223 22.64 54.34 -13.32
C GLU A 223 22.95 53.24 -12.29
N ALA A 224 22.26 52.10 -12.39
CA ALA A 224 22.44 51.00 -11.43
C ALA A 224 23.65 50.11 -11.68
N LEU A 225 24.13 50.07 -12.93
CA LEU A 225 24.94 48.98 -13.40
C LEU A 225 26.30 48.82 -12.72
N PRO A 226 27.13 49.89 -12.68
CA PRO A 226 28.53 49.66 -12.26
C PRO A 226 28.73 48.91 -10.94
N ASP A 227 27.78 49.00 -10.00
CA ASP A 227 27.88 48.26 -8.74
C ASP A 227 26.91 47.06 -8.62
N THR A 228 26.41 46.58 -9.76
CA THR A 228 25.48 45.43 -9.81
C THR A 228 26.25 44.11 -10.03
N ASP A 229 26.09 43.15 -9.11
CA ASP A 229 26.64 41.81 -9.27
C ASP A 229 25.69 40.87 -9.99
N VAL A 230 24.39 41.16 -9.90
CA VAL A 230 23.36 40.36 -10.54
C VAL A 230 22.32 41.27 -11.14
N LEU A 231 22.23 41.27 -12.47
CA LEU A 231 21.26 42.08 -13.13
C LEU A 231 20.16 41.15 -13.59
N TYR A 232 18.97 41.33 -13.03
CA TYR A 232 17.85 40.40 -13.19
C TYR A 232 16.79 41.02 -14.10
N MET A 233 16.87 40.68 -15.37
CA MET A 233 16.14 41.38 -16.42
C MET A 233 14.78 40.74 -16.65
N THR A 234 13.76 41.58 -16.83
CA THR A 234 12.39 41.15 -17.12
C THR A 234 11.73 42.03 -18.20
N ARG A 235 10.64 41.49 -18.74
CA ARG A 235 9.81 42.10 -19.79
C ARG A 235 9.15 43.42 -19.45
N ILE A 236 8.80 44.15 -20.52
CA ILE A 236 8.12 45.45 -20.45
C ILE A 236 6.69 45.35 -21.00
N GLN A 237 6.55 45.24 -22.32
CA GLN A 237 5.22 45.36 -22.98
C GLN A 237 4.60 46.72 -22.69
N LYS A 238 4.19 47.45 -23.74
CA LYS A 238 3.61 48.79 -23.51
C LYS A 238 2.25 48.71 -22.80
N GLU A 239 2.33 48.60 -21.47
CA GLU A 239 1.20 48.76 -20.56
C GLU A 239 1.69 49.61 -19.39
N ARG A 240 2.43 50.67 -19.74
CA ARG A 240 2.86 51.69 -18.79
C ARG A 240 1.71 52.65 -18.56
N PHE A 241 1.91 53.60 -17.64
CA PHE A 241 0.86 54.54 -17.27
C PHE A 241 0.50 55.49 -18.40
N PHE A 251 11.26 56.88 -21.45
CA PHE A 251 11.75 55.98 -20.40
C PHE A 251 12.40 54.69 -20.93
N GLY A 252 12.12 54.31 -22.18
CA GLY A 252 12.72 53.11 -22.83
C GLY A 252 14.26 52.97 -22.76
N GLN A 253 14.81 53.17 -21.56
CA GLN A 253 16.24 52.95 -21.29
C GLN A 253 16.37 51.67 -20.47
N PHE A 254 15.70 50.62 -20.91
CA PHE A 254 15.66 49.35 -20.19
C PHE A 254 16.06 48.15 -21.07
N ILE A 255 16.68 48.44 -22.22
CA ILE A 255 17.21 47.42 -23.12
C ILE A 255 18.71 47.23 -22.84
N LEU A 256 19.14 45.98 -22.63
CA LEU A 256 20.53 45.69 -22.34
C LEU A 256 21.27 45.41 -23.65
N THR A 257 22.24 46.26 -23.95
CA THR A 257 23.03 46.14 -25.18
C THR A 257 24.52 46.05 -24.80
N PRO A 258 25.38 45.58 -25.71
CA PRO A 258 26.83 45.52 -25.46
C PRO A 258 27.44 46.87 -25.10
N HIS A 259 26.95 47.92 -25.75
CA HIS A 259 27.27 49.29 -25.39
C HIS A 259 27.01 49.52 -23.89
N ILE A 260 25.79 49.25 -23.46
CA ILE A 260 25.42 49.45 -22.06
C ILE A 260 26.17 48.51 -21.13
N MET A 261 26.44 47.29 -21.60
CA MET A 261 27.21 46.29 -20.85
C MET A 261 28.67 46.68 -20.60
N THR A 262 29.22 47.61 -21.37
CA THR A 262 30.62 48.04 -21.19
C THR A 262 30.82 48.79 -19.85
N ARG A 263 29.73 49.24 -19.23
CA ARG A 263 29.78 49.81 -17.87
C ARG A 263 29.72 48.74 -16.77
N ALA A 264 29.54 47.47 -17.14
CA ALA A 264 29.27 46.44 -16.15
C ALA A 264 30.57 45.92 -15.57
N LYS A 265 30.45 45.33 -14.37
CA LYS A 265 31.60 44.74 -13.70
C LYS A 265 32.00 43.48 -14.42
N LYS A 266 33.29 43.17 -14.31
CA LYS A 266 33.89 41.94 -14.84
C LYS A 266 33.25 40.73 -14.16
N LYS A 267 33.22 40.78 -12.83
CA LYS A 267 32.61 39.75 -12.00
C LYS A 267 31.16 40.10 -11.70
N MET A 268 30.27 39.49 -12.48
CA MET A 268 28.90 39.92 -12.53
C MET A 268 28.16 38.98 -13.46
N VAL A 269 26.85 38.85 -13.26
CA VAL A 269 26.03 38.11 -14.22
C VAL A 269 24.74 38.87 -14.61
N VAL A 270 24.29 38.65 -15.85
CA VAL A 270 22.95 39.06 -16.24
C VAL A 270 22.06 37.81 -16.32
N MET A 271 20.88 37.94 -15.74
CA MET A 271 19.92 36.87 -15.70
C MET A 271 18.61 37.34 -16.29
N HIS A 272 17.81 36.37 -16.69
CA HIS A 272 16.49 36.61 -17.25
C HIS A 272 15.70 35.29 -17.12
N PRO A 273 14.54 35.33 -16.45
CA PRO A 273 13.69 34.17 -16.27
C PRO A 273 13.18 33.61 -17.58
N MET A 274 13.02 34.48 -18.57
CA MET A 274 12.68 34.13 -19.95
C MET A 274 11.16 33.94 -20.01
N PRO A 275 10.55 34.19 -21.17
CA PRO A 275 11.20 34.54 -22.42
C PRO A 275 11.63 36.00 -22.44
N ARG A 276 12.61 36.32 -23.27
CA ARG A 276 13.00 37.70 -23.52
C ARG A 276 12.64 38.11 -24.95
N VAL A 277 12.38 39.40 -25.15
CA VAL A 277 12.03 39.91 -26.45
C VAL A 277 13.05 40.94 -26.89
N ASN A 278 12.89 42.17 -26.41
CA ASN A 278 13.69 43.29 -26.87
C ASN A 278 14.64 43.79 -25.78
N GLU A 279 14.27 43.58 -24.52
CA GLU A 279 15.02 44.09 -23.37
C GLU A 279 16.44 43.52 -23.21
N ILE A 280 16.76 42.42 -23.91
CA ILE A 280 18.17 41.97 -24.02
C ILE A 280 18.47 41.74 -25.50
N SER A 281 19.33 42.59 -26.06
CA SER A 281 19.78 42.45 -27.42
C SER A 281 20.46 41.09 -27.57
N VAL A 282 20.24 40.44 -28.71
CA VAL A 282 20.81 39.11 -28.93
C VAL A 282 22.32 39.17 -28.93
N GLU A 283 22.86 40.38 -29.18
CA GLU A 283 24.30 40.67 -29.10
C GLU A 283 24.97 40.35 -27.75
N VAL A 284 24.21 40.48 -26.67
CA VAL A 284 24.70 40.21 -25.32
C VAL A 284 24.78 38.71 -25.05
N ASP A 285 23.90 37.93 -25.67
CA ASP A 285 23.94 36.48 -25.54
C ASP A 285 25.36 35.92 -25.63
N SER A 286 26.20 36.48 -26.51
CA SER A 286 27.58 35.99 -26.65
C SER A 286 28.55 36.47 -25.54
N ASP A 287 28.12 37.43 -24.73
CA ASP A 287 28.91 37.92 -23.58
C ASP A 287 28.93 36.83 -22.50
N PRO A 288 30.11 36.54 -21.90
CA PRO A 288 30.14 35.43 -20.96
C PRO A 288 29.35 35.66 -19.66
N ARG A 289 29.13 36.91 -19.30
CA ARG A 289 28.32 37.22 -18.13
C ARG A 289 26.82 36.94 -18.37
N ALA A 290 26.45 36.70 -19.63
CA ALA A 290 25.07 36.36 -19.99
C ALA A 290 24.77 34.93 -19.59
N ALA A 291 24.16 34.76 -18.42
CA ALA A 291 23.86 33.45 -17.82
C ALA A 291 22.39 33.07 -17.85
N TYR A 292 21.62 33.56 -18.81
CA TYR A 292 20.17 33.24 -18.82
C TYR A 292 19.84 31.97 -19.63
N PHE A 293 20.82 31.41 -20.33
CA PHE A 293 20.69 30.04 -20.86
C PHE A 293 21.21 29.00 -19.86
N ARG A 294 22.27 29.32 -19.13
CA ARG A 294 22.77 28.45 -18.08
C ARG A 294 21.68 28.31 -17.02
N GLN A 295 21.12 29.46 -16.64
CA GLN A 295 19.98 29.58 -15.75
C GLN A 295 18.86 28.63 -16.15
N ALA A 296 18.56 28.57 -17.45
CA ALA A 296 17.55 27.66 -17.98
C ALA A 296 17.96 26.19 -17.86
N GLU A 297 19.23 25.90 -18.09
CA GLU A 297 19.79 24.56 -17.84
C GLU A 297 19.72 24.16 -16.37
N ASN A 298 20.14 25.07 -15.49
CA ASN A 298 20.11 24.84 -14.04
C ASN A 298 18.72 24.46 -13.55
N GLY A 299 17.71 25.14 -14.05
CA GLY A 299 16.33 24.82 -13.75
C GLY A 299 15.98 23.37 -13.97
N MET A 300 16.57 22.73 -14.99
CA MET A 300 16.32 21.30 -15.19
C MET A 300 16.79 20.49 -13.98
N TYR A 301 17.92 20.88 -13.39
CA TYR A 301 18.57 20.10 -12.31
C TYR A 301 17.84 20.29 -10.99
N ILE A 302 17.34 21.50 -10.79
CA ILE A 302 16.56 21.83 -9.61
C ILE A 302 15.27 21.00 -9.62
N ARG A 303 14.67 20.87 -10.80
CA ARG A 303 13.45 20.10 -10.94
C ARG A 303 13.67 18.60 -10.85
N MET A 304 14.86 18.12 -11.22
CA MET A 304 15.26 16.73 -10.93
C MET A 304 15.41 16.49 -9.43
N ALA A 305 16.04 17.42 -8.72
CA ALA A 305 16.28 17.29 -7.28
C ALA A 305 14.99 17.28 -6.48
N LEU A 306 14.08 18.19 -6.81
CA LEU A 306 12.79 18.27 -6.14
C LEU A 306 11.93 17.03 -6.42
N LEU A 307 11.90 16.59 -7.67
CA LEU A 307 11.14 15.37 -8.03
C LEU A 307 11.67 14.17 -7.28
N ALA A 308 12.98 13.99 -7.26
CA ALA A 308 13.61 12.84 -6.63
C ALA A 308 13.40 12.88 -5.12
N THR A 309 13.60 14.08 -4.57
CA THR A 309 13.40 14.36 -3.15
C THR A 309 11.95 14.13 -2.68
N VAL A 310 11.00 14.78 -3.32
CA VAL A 310 9.58 14.61 -2.99
C VAL A 310 9.13 13.15 -3.06
N LEU A 311 9.71 12.39 -3.98
CA LEU A 311 9.44 10.95 -4.10
C LEU A 311 10.38 10.07 -3.27
N GLY A 312 11.07 10.66 -2.31
CA GLY A 312 11.82 9.91 -1.29
C GLY A 312 13.22 9.41 -1.62
N ARG A 313 13.72 9.68 -2.84
CA ARG A 313 14.94 9.00 -3.33
C ARG A 313 16.24 9.63 -2.83
N PHE A 314 16.34 10.93 -2.93
CA PHE A 314 17.40 11.68 -2.29
C PHE A 314 16.74 12.51 -1.19
N SER B 4 38.99 3.41 -35.35
CA SER B 4 38.39 4.72 -34.96
C SER B 4 36.89 4.79 -35.22
N PRO B 5 36.22 3.61 -35.26
CA PRO B 5 35.06 3.30 -36.10
C PRO B 5 33.78 4.16 -36.00
N LEU B 6 33.93 5.47 -35.83
CA LEU B 6 32.84 6.40 -36.03
C LEU B 6 33.25 7.43 -37.11
N LEU B 7 34.10 6.99 -38.04
CA LEU B 7 34.65 7.89 -39.07
C LEU B 7 33.78 7.98 -40.33
N HIS B 8 32.72 7.16 -40.39
CA HIS B 8 31.75 7.22 -41.48
C HIS B 8 30.44 7.85 -41.01
N SER B 9 30.31 8.09 -39.70
CA SER B 9 29.09 8.65 -39.14
C SER B 9 29.27 10.11 -38.79
N LEU B 10 28.26 10.92 -39.11
CA LEU B 10 28.35 12.38 -38.97
C LEU B 10 28.09 12.80 -37.52
N VAL B 11 29.06 12.50 -36.64
CA VAL B 11 28.88 12.58 -35.19
C VAL B 11 28.80 14.02 -34.66
N GLY B 12 27.75 14.33 -33.92
CA GLY B 12 27.58 15.63 -33.30
C GLY B 12 27.37 16.78 -34.28
N GLN B 13 26.92 16.44 -35.49
CA GLN B 13 26.77 17.40 -36.57
C GLN B 13 25.30 17.68 -36.84
N HIS B 14 24.99 18.89 -37.28
CA HIS B 14 23.65 19.21 -37.78
C HIS B 14 23.44 18.40 -39.06
N ILE B 15 22.21 17.94 -39.28
CA ILE B 15 21.84 17.24 -40.51
C ILE B 15 20.81 18.08 -41.25
N LEU B 16 21.30 18.96 -42.12
CA LEU B 16 20.46 19.94 -42.80
C LEU B 16 20.11 19.58 -44.24
N SER B 17 21.05 18.99 -44.95
CA SER B 17 20.86 18.58 -46.34
C SER B 17 21.28 17.15 -46.51
N VAL B 18 20.62 16.43 -47.41
CA VAL B 18 21.16 15.14 -47.85
C VAL B 18 22.52 15.26 -48.55
N GLN B 19 22.85 16.44 -49.07
CA GLN B 19 24.17 16.71 -49.69
C GLN B 19 25.35 16.44 -48.79
N GLN B 20 25.18 16.62 -47.47
CA GLN B 20 26.30 16.50 -46.54
C GLN B 20 26.76 15.05 -46.31
N PHE B 21 26.13 14.08 -46.97
CA PHE B 21 26.51 12.68 -46.84
C PHE B 21 27.28 12.17 -48.06
N THR B 22 28.55 11.83 -47.87
CA THR B 22 29.28 11.09 -48.88
C THR B 22 28.61 9.73 -49.02
N LYS B 23 29.02 8.97 -50.02
CA LYS B 23 28.40 7.68 -50.26
C LYS B 23 28.82 6.66 -49.21
N ASP B 24 30.06 6.78 -48.72
CA ASP B 24 30.52 5.99 -47.57
C ASP B 24 29.68 6.25 -46.30
N GLN B 25 29.21 7.49 -46.11
CA GLN B 25 28.39 7.82 -44.93
C GLN B 25 26.98 7.24 -45.02
N MET B 26 26.41 7.23 -46.22
CA MET B 26 25.05 6.74 -46.43
C MET B 26 24.96 5.23 -46.40
N SER B 27 26.01 4.56 -46.87
CA SER B 27 26.04 3.11 -46.82
C SER B 27 26.17 2.67 -45.38
N HIS B 28 26.89 3.45 -44.59
CA HIS B 28 27.01 3.19 -43.18
C HIS B 28 25.67 3.35 -42.46
N LEU B 29 24.96 4.45 -42.76
CA LEU B 29 23.68 4.73 -42.15
C LEU B 29 22.66 3.62 -42.45
N PHE B 30 22.65 3.16 -43.69
CA PHE B 30 21.86 1.99 -44.11
C PHE B 30 22.25 0.71 -43.35
N ASN B 31 23.55 0.47 -43.23
CA ASN B 31 24.02 -0.68 -42.46
C ASN B 31 23.52 -0.65 -41.01
N VAL B 32 23.63 0.52 -40.40
CA VAL B 32 23.21 0.71 -39.00
C VAL B 32 21.69 0.61 -38.88
N ALA B 33 21.00 1.17 -39.86
CA ALA B 33 19.54 1.05 -39.90
C ALA B 33 19.12 -0.40 -39.97
N HIS B 34 19.78 -1.19 -40.81
CA HIS B 34 19.47 -2.62 -40.86
C HIS B 34 19.81 -3.31 -39.55
N THR B 35 20.95 -2.97 -38.97
CA THR B 35 21.36 -3.56 -37.71
C THR B 35 20.28 -3.33 -36.63
N LEU B 36 19.85 -2.08 -36.49
CA LEU B 36 18.83 -1.73 -35.49
C LEU B 36 17.49 -2.42 -35.76
N ARG B 37 17.12 -2.55 -37.03
CA ARG B 37 15.88 -3.26 -37.41
C ARG B 37 15.91 -4.69 -36.92
N MET B 38 17.05 -5.35 -37.12
CA MET B 38 17.17 -6.74 -36.78
C MET B 38 17.25 -6.95 -35.27
N MET B 39 17.84 -6.00 -34.55
CA MET B 39 17.75 -6.03 -33.08
C MET B 39 16.30 -5.90 -32.61
N VAL B 40 15.54 -5.01 -33.22
CA VAL B 40 14.13 -4.85 -32.85
C VAL B 40 13.35 -6.16 -33.04
N GLN B 41 13.55 -6.81 -34.18
CA GLN B 41 12.89 -8.10 -34.48
C GLN B 41 13.37 -9.22 -33.59
N LYS B 42 14.62 -9.15 -33.11
CA LYS B 42 15.14 -10.14 -32.18
C LYS B 42 14.79 -9.77 -30.74
N GLU B 43 13.79 -8.89 -30.57
CA GLU B 43 13.34 -8.35 -29.26
C GLU B 43 14.48 -7.87 -28.36
N ARG B 44 15.61 -7.49 -28.95
CA ARG B 44 16.82 -7.27 -28.18
C ARG B 44 16.69 -6.02 -27.28
N SER B 45 17.31 -6.07 -26.10
CA SER B 45 17.27 -4.93 -25.19
C SER B 45 18.07 -3.80 -25.80
N LEU B 46 17.44 -2.64 -25.98
CA LEU B 46 18.16 -1.46 -26.53
C LEU B 46 18.13 -0.31 -25.53
N ASP B 47 19.28 -0.10 -24.86
CA ASP B 47 19.53 1.10 -24.07
C ASP B 47 20.50 2.03 -24.78
N ILE B 48 20.53 1.97 -26.11
CA ILE B 48 21.49 2.76 -26.90
C ILE B 48 21.45 4.22 -26.47
N LEU B 49 20.24 4.77 -26.39
CA LEU B 49 20.02 6.17 -26.05
C LEU B 49 19.35 6.40 -24.71
N LYS B 50 19.46 5.41 -23.84
CA LYS B 50 19.05 5.54 -22.46
C LYS B 50 19.83 6.67 -21.86
N GLY B 51 19.13 7.68 -21.35
CA GLY B 51 19.79 8.85 -20.83
C GLY B 51 19.65 10.07 -21.73
N LYS B 52 19.16 9.86 -22.96
CA LYS B 52 19.10 10.96 -23.92
C LYS B 52 17.70 11.55 -24.05
N VAL B 53 17.65 12.84 -24.39
CA VAL B 53 16.42 13.56 -24.62
C VAL B 53 16.41 14.11 -26.06
N MET B 54 15.34 13.81 -26.78
CA MET B 54 15.12 14.31 -28.15
C MET B 54 14.07 15.42 -28.10
N ALA B 55 14.45 16.62 -28.48
CA ALA B 55 13.48 17.69 -28.59
C ALA B 55 12.87 17.60 -29.97
N SER B 56 11.54 17.51 -30.01
CA SER B 56 10.78 17.43 -31.23
C SER B 56 10.01 18.73 -31.38
N MET B 57 10.34 19.49 -32.41
CA MET B 57 9.76 20.81 -32.62
C MET B 57 9.22 20.89 -34.04
N PHE B 58 7.92 20.67 -34.17
CA PHE B 58 7.26 20.71 -35.48
C PHE B 58 6.33 21.91 -35.59
N TYR B 59 6.58 22.75 -36.59
CA TYR B 59 5.76 23.93 -36.82
C TYR B 59 4.79 23.74 -37.96
N GLU B 60 5.20 22.96 -38.95
CA GLU B 60 4.27 22.39 -39.92
C GLU B 60 4.02 20.94 -39.51
N VAL B 61 2.77 20.53 -39.53
CA VAL B 61 2.43 19.17 -39.08
C VAL B 61 2.57 18.21 -40.26
N SER B 62 3.74 17.57 -40.36
CA SER B 62 3.89 16.30 -41.10
C SER B 62 3.91 15.15 -40.11
N THR B 63 2.94 14.25 -40.26
CA THR B 63 2.59 13.26 -39.25
C THR B 63 3.42 11.99 -39.32
N ARG B 64 3.85 11.61 -40.52
CA ARG B 64 4.83 10.54 -40.67
C ARG B 64 6.06 10.90 -39.87
N THR B 65 6.53 12.11 -40.12
CA THR B 65 7.79 12.59 -39.63
C THR B 65 7.90 12.55 -38.10
N SER B 66 7.07 13.33 -37.42
CA SER B 66 7.19 13.50 -35.97
C SER B 66 6.91 12.18 -35.24
N SER B 67 5.98 11.38 -35.77
CA SER B 67 5.70 10.06 -35.19
C SER B 67 6.86 9.08 -35.39
N SER B 68 7.52 9.22 -36.52
CA SER B 68 8.63 8.34 -36.88
C SER B 68 9.85 8.64 -36.00
N PHE B 69 10.16 9.91 -35.80
CA PHE B 69 11.24 10.33 -34.89
C PHE B 69 10.95 9.93 -33.41
N ALA B 70 9.81 10.34 -32.87
CA ALA B 70 9.43 9.96 -31.49
C ALA B 70 9.55 8.46 -31.22
N ALA B 71 9.04 7.66 -32.17
CA ALA B 71 9.03 6.19 -32.02
C ALA B 71 10.42 5.61 -32.14
N ALA B 72 11.19 6.16 -33.06
CA ALA B 72 12.58 5.78 -33.20
C ALA B 72 13.30 6.01 -31.88
N MET B 73 13.15 7.20 -31.31
CA MET B 73 13.78 7.53 -30.04
C MET B 73 13.40 6.50 -28.97
N ALA B 74 12.10 6.23 -28.83
CA ALA B 74 11.60 5.25 -27.84
C ALA B 74 12.34 3.93 -27.97
N ARG B 75 12.44 3.43 -29.20
CA ARG B 75 13.04 2.13 -29.45
C ARG B 75 14.53 2.05 -29.17
N LEU B 76 15.24 3.18 -29.17
CA LEU B 76 16.63 3.23 -28.77
C LEU B 76 16.72 3.40 -27.25
N GLY B 77 15.60 3.74 -26.63
CA GLY B 77 15.51 3.89 -25.20
C GLY B 77 15.64 5.32 -24.71
N GLY B 78 15.61 6.29 -25.63
CA GLY B 78 15.63 7.73 -25.28
C GLY B 78 14.25 8.33 -25.10
N ALA B 79 14.21 9.59 -24.68
CA ALA B 79 12.96 10.26 -24.38
C ALA B 79 12.68 11.39 -25.38
N VAL B 80 11.41 11.79 -25.45
CA VAL B 80 10.92 12.78 -26.40
C VAL B 80 10.19 13.93 -25.69
N LEU B 81 10.53 15.18 -26.04
CA LEU B 81 9.78 16.39 -25.61
C LEU B 81 8.97 16.95 -26.79
N SER B 82 7.76 17.42 -26.53
CA SER B 82 6.90 18.07 -27.57
C SER B 82 6.71 19.58 -27.35
N PHE B 83 7.19 20.40 -28.28
CA PHE B 83 7.20 21.86 -28.10
C PHE B 83 5.95 22.54 -28.66
N GLY B 93 4.91 35.62 -28.60
CA GLY B 93 5.44 34.56 -27.74
C GLY B 93 6.95 34.61 -27.61
N GLU B 94 7.65 33.97 -28.53
CA GLU B 94 9.11 33.91 -28.48
C GLU B 94 9.72 33.67 -29.85
N SER B 95 10.91 34.24 -30.05
CA SER B 95 11.67 34.07 -31.29
C SER B 95 12.02 32.60 -31.49
N LEU B 96 12.65 32.29 -32.63
CA LEU B 96 12.86 30.90 -33.04
C LEU B 96 14.20 30.35 -32.59
N ALA B 97 15.24 31.15 -32.75
CA ALA B 97 16.59 30.76 -32.34
C ALA B 97 16.70 30.64 -30.83
N ASP B 98 15.87 31.38 -30.10
CA ASP B 98 15.79 31.28 -28.62
C ASP B 98 15.12 29.98 -28.17
N SER B 99 13.97 29.66 -28.77
CA SER B 99 13.22 28.44 -28.40
C SER B 99 14.13 27.23 -28.57
N VAL B 100 14.73 27.14 -29.75
CA VAL B 100 15.66 26.07 -30.07
C VAL B 100 16.77 25.92 -29.03
N GLN B 101 17.50 27.00 -28.73
CA GLN B 101 18.58 26.93 -27.75
C GLN B 101 18.06 26.65 -26.32
N THR B 102 16.88 27.14 -25.97
CA THR B 102 16.34 26.81 -24.65
C THR B 102 15.87 25.37 -24.58
N MET B 103 15.32 24.86 -25.68
CA MET B 103 15.07 23.42 -25.80
C MET B 103 16.40 22.68 -25.73
N SER B 104 17.41 23.24 -26.38
CA SER B 104 18.74 22.64 -26.36
C SER B 104 19.41 22.71 -24.98
N CYS B 105 18.87 23.50 -24.06
CA CYS B 105 19.32 23.43 -22.66
C CYS B 105 18.91 22.12 -21.97
N TYR B 106 17.86 21.46 -22.44
CA TYR B 106 17.36 20.22 -21.83
C TYR B 106 17.56 18.97 -22.67
N ALA B 107 17.65 19.14 -23.98
CA ALA B 107 17.76 18.02 -24.91
C ALA B 107 19.18 17.83 -25.46
N ASP B 108 19.46 16.59 -25.88
CA ASP B 108 20.75 16.22 -26.47
C ASP B 108 20.78 16.46 -27.97
N VAL B 109 19.62 16.37 -28.60
CA VAL B 109 19.52 16.57 -30.06
C VAL B 109 18.17 17.21 -30.36
N VAL B 110 18.13 18.11 -31.34
CA VAL B 110 16.88 18.73 -31.76
C VAL B 110 16.43 18.26 -33.15
N VAL B 111 15.18 17.83 -33.25
CA VAL B 111 14.52 17.52 -34.49
C VAL B 111 13.58 18.68 -34.78
N LEU B 112 13.70 19.27 -35.97
CA LEU B 112 13.10 20.55 -36.26
C LEU B 112 12.52 20.62 -37.67
N ARG B 113 11.25 20.97 -37.77
CA ARG B 113 10.60 21.22 -39.05
C ARG B 113 9.95 22.59 -39.01
N HIS B 114 10.32 23.46 -39.95
CA HIS B 114 9.80 24.82 -39.97
C HIS B 114 9.55 25.30 -41.41
N PRO B 115 8.37 25.88 -41.68
CA PRO B 115 7.99 26.24 -43.05
C PRO B 115 8.60 27.52 -43.59
N GLN B 116 8.85 28.49 -42.72
CA GLN B 116 9.62 29.69 -43.08
C GLN B 116 10.94 29.35 -43.81
N PRO B 117 11.07 29.77 -45.08
CA PRO B 117 12.34 29.60 -45.76
C PRO B 117 13.50 30.13 -44.94
N GLY B 118 14.55 29.32 -44.81
CA GLY B 118 15.74 29.67 -44.04
C GLY B 118 15.71 29.39 -42.54
N ALA B 119 14.54 29.15 -41.97
CA ALA B 119 14.38 29.11 -40.51
C ALA B 119 15.14 27.97 -39.83
N VAL B 120 15.04 26.76 -40.40
CA VAL B 120 15.70 25.60 -39.80
C VAL B 120 17.20 25.84 -39.65
N GLU B 121 17.82 26.25 -40.77
CA GLU B 121 19.26 26.53 -40.82
C GLU B 121 19.70 27.64 -39.83
N LEU B 122 18.92 28.71 -39.76
CA LEU B 122 19.24 29.83 -38.85
C LEU B 122 19.01 29.48 -37.37
N ALA B 123 18.14 28.50 -37.12
CA ALA B 123 17.97 27.96 -35.77
C ALA B 123 19.17 27.11 -35.35
N ALA B 124 19.71 26.30 -36.28
CA ALA B 124 20.88 25.47 -36.03
C ALA B 124 22.15 26.28 -35.80
N LYS B 125 22.22 27.41 -36.51
CA LYS B 125 23.35 28.33 -36.49
C LYS B 125 24.07 28.44 -35.14
N HIS B 126 23.38 28.99 -34.14
CA HIS B 126 23.96 29.13 -32.79
C HIS B 126 23.36 28.14 -31.78
N CYS B 127 23.01 26.96 -32.26
CA CYS B 127 22.52 25.90 -31.38
C CYS B 127 23.71 25.12 -30.87
N ARG B 128 23.81 24.95 -29.56
CA ARG B 128 24.89 24.14 -28.99
C ARG B 128 24.55 22.65 -28.92
N ARG B 129 23.44 22.25 -29.54
CA ARG B 129 23.14 20.84 -29.73
C ARG B 129 22.87 20.57 -31.21
N PRO B 130 23.16 19.33 -31.66
CA PRO B 130 22.91 19.00 -33.05
C PRO B 130 21.44 19.16 -33.42
N VAL B 131 21.20 19.68 -34.62
CA VAL B 131 19.87 19.88 -35.11
C VAL B 131 19.70 18.90 -36.26
N ILE B 132 18.52 18.29 -36.32
CA ILE B 132 18.18 17.41 -37.41
C ILE B 132 17.03 18.07 -38.10
N ASN B 133 17.21 18.29 -39.41
CA ASN B 133 16.24 18.99 -40.24
C ASN B 133 15.18 18.03 -40.65
N ALA B 134 13.92 18.38 -40.44
CA ALA B 134 12.79 17.51 -40.70
C ALA B 134 11.80 18.14 -41.67
N GLY B 135 12.27 19.06 -42.50
CA GLY B 135 11.43 19.71 -43.50
C GLY B 135 11.52 21.21 -43.34
N ASP B 136 12.05 21.89 -44.36
CA ASP B 136 12.22 23.36 -44.31
C ASP B 136 11.44 24.05 -45.43
N GLY B 137 11.58 25.37 -45.55
CA GLY B 137 10.83 26.13 -46.55
C GLY B 137 11.21 25.92 -48.01
N VAL B 138 12.38 25.36 -48.26
CA VAL B 138 12.88 25.14 -49.63
C VAL B 138 12.10 24.05 -50.42
N GLY B 139 11.99 22.82 -49.94
CA GLY B 139 12.30 22.42 -48.57
C GLY B 139 12.97 21.05 -48.45
N GLU B 140 14.24 21.06 -48.07
CA GLU B 140 15.01 19.84 -47.86
C GLU B 140 14.37 19.00 -46.76
N HIS B 141 14.37 17.68 -46.99
CA HIS B 141 13.86 16.72 -46.03
C HIS B 141 14.81 15.54 -46.04
N PRO B 142 15.99 15.72 -45.42
CA PRO B 142 17.05 14.74 -45.64
C PRO B 142 16.65 13.29 -45.34
N THR B 143 16.09 13.02 -44.16
CA THR B 143 15.70 11.64 -43.82
C THR B 143 14.60 11.08 -44.72
N GLN B 144 13.80 11.94 -45.35
CA GLN B 144 12.86 11.46 -46.36
C GLN B 144 13.62 10.93 -47.59
N ALA B 145 14.62 11.68 -48.06
CA ALA B 145 15.43 11.26 -49.20
C ALA B 145 16.22 9.98 -48.88
N LEU B 146 16.91 9.99 -47.74
CA LEU B 146 17.60 8.81 -47.27
C LEU B 146 16.70 7.57 -47.15
N LEU B 147 15.47 7.75 -46.68
CA LEU B 147 14.57 6.62 -46.53
C LEU B 147 14.01 6.14 -47.87
N ASP B 148 13.83 7.06 -48.81
CA ASP B 148 13.46 6.70 -50.20
C ASP B 148 14.56 5.87 -50.91
N ILE B 149 15.83 6.20 -50.73
CA ILE B 149 16.90 5.37 -51.30
C ILE B 149 17.03 4.03 -50.54
N PHE B 150 16.79 4.02 -49.22
CA PHE B 150 16.85 2.77 -48.46
C PHE B 150 15.77 1.81 -48.97
N THR B 151 14.56 2.33 -49.14
CA THR B 151 13.44 1.54 -49.65
C THR B 151 13.71 0.94 -51.02
N ILE B 152 14.21 1.77 -51.94
CA ILE B 152 14.45 1.31 -53.31
C ILE B 152 15.44 0.18 -53.29
N ARG B 153 16.42 0.30 -52.41
CA ARG B 153 17.50 -0.70 -52.34
C ARG B 153 17.00 -2.00 -51.72
N GLU B 154 16.34 -1.90 -50.57
CA GLU B 154 15.80 -3.09 -49.91
C GLU B 154 14.83 -3.83 -50.80
N GLU B 155 13.99 -3.08 -51.51
CA GLU B 155 12.88 -3.67 -52.29
C GLU B 155 13.36 -4.36 -53.57
N LEU B 156 14.33 -3.75 -54.27
CA LEU B 156 14.82 -4.25 -55.58
C LEU B 156 16.26 -4.78 -55.61
N GLY B 157 16.98 -4.69 -54.51
CA GLY B 157 18.36 -5.18 -54.43
C GLY B 157 19.38 -4.11 -54.69
N THR B 158 19.07 -3.24 -55.65
CA THR B 158 19.98 -2.20 -56.10
C THR B 158 19.21 -0.92 -56.41
N VAL B 159 19.92 0.19 -56.37
CA VAL B 159 19.42 1.49 -56.85
C VAL B 159 19.94 1.73 -58.27
N ASN B 160 21.24 1.50 -58.44
CA ASN B 160 21.88 1.50 -59.74
C ASN B 160 21.15 0.51 -60.65
N GLY B 161 21.01 0.89 -61.92
CA GLY B 161 20.34 0.06 -62.91
C GLY B 161 18.84 0.22 -63.00
N MET B 162 18.30 1.30 -62.43
CA MET B 162 16.84 1.49 -62.34
C MET B 162 16.28 2.68 -63.11
N THR B 163 15.01 2.56 -63.49
CA THR B 163 14.19 3.66 -63.99
C THR B 163 13.20 4.16 -62.92
N ILE B 164 13.33 5.42 -62.55
CA ILE B 164 12.55 6.03 -61.48
C ILE B 164 11.57 7.05 -62.06
N THR B 165 10.30 6.69 -62.08
CA THR B 165 9.24 7.55 -62.58
C THR B 165 8.56 8.32 -61.45
N MET B 166 8.86 9.62 -61.39
CA MET B 166 8.23 10.54 -60.45
C MET B 166 6.93 11.06 -61.03
N VAL B 167 5.84 10.91 -60.29
CA VAL B 167 4.52 11.34 -60.73
C VAL B 167 3.91 12.35 -59.75
N GLY B 168 3.43 13.48 -60.27
CA GLY B 168 2.64 14.44 -59.46
C GLY B 168 2.95 15.90 -59.68
N ASP B 169 2.96 16.68 -58.59
CA ASP B 169 3.30 18.10 -58.69
C ASP B 169 4.82 18.25 -58.58
N LEU B 170 5.46 18.02 -59.71
CA LEU B 170 6.91 18.03 -59.81
C LEU B 170 7.46 19.46 -59.83
N LYS B 171 6.59 20.42 -60.17
CA LYS B 171 6.98 21.84 -60.14
C LYS B 171 7.19 22.32 -58.72
N HIS B 172 6.27 21.93 -57.85
CA HIS B 172 6.28 22.37 -56.46
C HIS B 172 6.84 21.31 -55.51
N GLY B 173 6.95 20.06 -55.98
CA GLY B 173 7.58 18.98 -55.21
C GLY B 173 9.07 19.23 -55.03
N ARG B 174 9.40 20.10 -54.08
CA ARG B 174 10.80 20.53 -53.86
C ARG B 174 11.64 19.41 -53.27
N THR B 175 10.99 18.53 -52.51
CA THR B 175 11.69 17.38 -51.92
C THR B 175 11.89 16.29 -52.98
N VAL B 176 10.99 16.23 -53.97
CA VAL B 176 11.18 15.37 -55.15
C VAL B 176 12.33 15.87 -56.06
N HIS B 177 12.65 17.16 -55.96
CA HIS B 177 13.81 17.72 -56.65
C HIS B 177 15.10 17.25 -55.96
N SER B 178 15.09 17.37 -54.63
CA SER B 178 16.19 16.93 -53.80
C SER B 178 16.48 15.47 -54.11
N LEU B 179 15.41 14.71 -54.27
CA LEU B 179 15.50 13.27 -54.57
C LEU B 179 16.05 12.98 -55.98
N ALA B 180 15.63 13.76 -56.98
CA ALA B 180 16.22 13.66 -58.32
C ALA B 180 17.70 13.99 -58.30
N CYS B 181 18.05 15.08 -57.60
CA CYS B 181 19.43 15.51 -57.46
C CYS B 181 20.25 14.40 -56.83
N LEU B 182 19.80 13.91 -55.67
CA LEU B 182 20.47 12.80 -54.98
C LEU B 182 20.60 11.57 -55.88
N LEU B 183 19.57 11.30 -56.67
CA LEU B 183 19.55 10.13 -57.53
C LEU B 183 20.68 10.16 -58.58
N THR B 184 21.01 11.36 -59.06
CA THR B 184 22.07 11.53 -60.06
C THR B 184 23.44 11.00 -59.61
N GLN B 185 23.61 10.79 -58.31
CA GLN B 185 24.81 10.10 -57.80
C GLN B 185 24.81 8.58 -58.05
N TYR B 186 23.72 8.07 -58.63
CA TYR B 186 23.62 6.65 -58.97
C TYR B 186 23.50 6.46 -60.47
N ARG B 187 23.62 5.21 -60.92
CA ARG B 187 23.46 4.83 -62.32
C ARG B 187 21.97 4.61 -62.57
N VAL B 188 21.26 5.65 -63.01
CA VAL B 188 19.80 5.57 -63.19
C VAL B 188 19.27 6.40 -64.36
N SER B 189 18.00 6.16 -64.68
CA SER B 189 17.31 6.93 -65.69
C SER B 189 16.00 7.49 -65.13
N LEU B 190 15.97 8.80 -64.93
CA LEU B 190 14.79 9.49 -64.40
C LEU B 190 13.72 9.71 -65.47
N ARG B 191 12.47 9.58 -65.05
CA ARG B 191 11.31 9.91 -65.88
C ARG B 191 10.27 10.69 -65.08
N TYR B 192 9.64 11.68 -65.73
CA TYR B 192 8.67 12.58 -65.08
C TYR B 192 7.29 12.54 -65.71
N VAL B 193 6.26 12.44 -64.88
CA VAL B 193 4.87 12.45 -65.30
C VAL B 193 4.11 13.55 -64.54
N ALA B 194 3.98 14.71 -65.17
CA ALA B 194 3.31 15.87 -64.57
C ALA B 194 2.26 16.44 -65.52
N PRO B 195 1.15 17.00 -64.96
CA PRO B 195 0.20 17.70 -65.83
C PRO B 195 0.82 19.02 -66.32
N PRO B 196 0.44 19.44 -67.55
CA PRO B 196 0.97 20.58 -68.31
C PRO B 196 1.60 21.72 -67.51
N SER B 197 0.85 22.27 -66.55
CA SER B 197 1.29 23.45 -65.80
C SER B 197 2.12 23.15 -64.53
N LEU B 198 2.44 21.89 -64.29
CA LEU B 198 3.17 21.50 -63.07
C LEU B 198 4.42 20.65 -63.36
N ARG B 199 5.10 20.96 -64.47
CA ARG B 199 6.31 20.24 -64.89
C ARG B 199 7.43 20.45 -63.90
N MET B 200 8.43 19.58 -63.96
CA MET B 200 9.61 19.69 -63.11
C MET B 200 10.41 20.92 -63.56
N PRO B 201 10.72 21.85 -62.62
CA PRO B 201 11.48 23.07 -62.92
C PRO B 201 12.65 22.85 -63.85
N PRO B 202 12.90 23.79 -64.78
CA PRO B 202 13.95 23.60 -65.77
C PRO B 202 15.36 23.50 -65.20
N THR B 203 15.60 24.18 -64.08
CA THR B 203 16.96 24.15 -63.51
C THR B 203 17.18 22.85 -62.73
N VAL B 204 16.11 22.17 -62.34
CA VAL B 204 16.24 20.83 -61.79
C VAL B 204 16.67 19.88 -62.91
N ARG B 205 16.01 20.00 -64.06
CA ARG B 205 16.33 19.18 -65.22
C ARG B 205 17.74 19.48 -65.75
N ALA B 206 18.19 20.73 -65.57
CA ALA B 206 19.57 21.13 -65.90
C ALA B 206 20.56 20.49 -64.93
N PHE B 207 20.20 20.55 -63.66
CA PHE B 207 20.96 19.90 -62.61
C PHE B 207 21.20 18.44 -62.98
N VAL B 208 20.14 17.77 -63.41
CA VAL B 208 20.19 16.34 -63.73
C VAL B 208 21.01 16.10 -65.00
N ALA B 209 20.65 16.80 -66.07
CA ALA B 209 21.36 16.68 -67.35
C ALA B 209 22.86 16.91 -67.18
N SER B 210 23.23 18.01 -66.52
CA SER B 210 24.64 18.35 -66.35
C SER B 210 25.38 17.24 -65.60
N ARG B 211 24.64 16.45 -64.82
CA ARG B 211 25.22 15.32 -64.11
C ARG B 211 25.30 14.07 -64.99
N GLY B 212 24.64 14.09 -66.15
CA GLY B 212 24.70 12.97 -67.09
C GLY B 212 23.81 11.82 -66.66
N THR B 213 22.53 12.13 -66.49
CA THR B 213 21.51 11.16 -66.12
C THR B 213 20.40 11.28 -67.15
N LYS B 214 19.91 10.16 -67.64
CA LYS B 214 18.86 10.15 -68.65
C LYS B 214 17.53 10.66 -68.10
N GLN B 215 16.93 11.61 -68.82
CA GLN B 215 15.65 12.20 -68.41
C GLN B 215 14.63 12.06 -69.52
N GLU B 216 13.35 12.08 -69.15
CA GLU B 216 12.27 11.85 -70.10
C GLU B 216 10.92 12.26 -69.51
N GLU B 217 10.24 13.15 -70.21
CA GLU B 217 9.02 13.77 -69.72
C GLU B 217 7.85 13.06 -70.39
N PHE B 218 6.81 12.77 -69.62
CA PHE B 218 5.70 11.93 -70.05
C PHE B 218 4.37 12.56 -69.63
N GLU B 219 3.29 12.24 -70.34
CA GLU B 219 1.99 12.88 -70.08
C GLU B 219 0.96 11.98 -69.35
N SER B 220 1.36 10.77 -68.98
CA SER B 220 0.47 9.83 -68.29
C SER B 220 1.25 8.68 -67.64
N ILE B 221 0.60 7.95 -66.74
CA ILE B 221 1.24 6.82 -66.11
C ILE B 221 1.14 5.59 -67.00
N GLU B 222 0.04 5.48 -67.75
CA GLU B 222 -0.22 4.31 -68.59
C GLU B 222 0.84 4.06 -69.66
N GLU B 223 1.58 5.10 -70.02
CA GLU B 223 2.58 5.02 -71.09
C GLU B 223 4.01 4.91 -70.54
N ALA B 224 4.32 5.65 -69.47
CA ALA B 224 5.68 5.63 -68.88
C ALA B 224 5.98 4.39 -68.03
N LEU B 225 4.96 3.59 -67.74
CA LEU B 225 5.05 2.52 -66.75
C LEU B 225 5.89 1.30 -67.13
N PRO B 226 5.81 0.83 -68.40
CA PRO B 226 6.46 -0.46 -68.69
C PRO B 226 7.98 -0.54 -68.48
N ASP B 227 8.69 0.57 -68.61
CA ASP B 227 10.12 0.64 -68.30
C ASP B 227 10.38 1.06 -66.85
N THR B 228 9.37 1.61 -66.18
CA THR B 228 9.49 2.00 -64.76
C THR B 228 9.94 0.84 -63.85
N ASP B 229 10.91 1.13 -62.99
CA ASP B 229 11.34 0.22 -61.94
C ASP B 229 10.80 0.69 -60.59
N VAL B 230 10.89 1.99 -60.34
CA VAL B 230 10.27 2.62 -59.18
C VAL B 230 9.15 3.58 -59.62
N LEU B 231 7.92 3.29 -59.20
CA LEU B 231 6.84 4.25 -59.42
C LEU B 231 6.65 5.09 -58.16
N TYR B 232 7.18 6.30 -58.18
CA TYR B 232 7.14 7.18 -57.04
C TYR B 232 5.99 8.18 -57.21
N MET B 233 4.86 7.87 -56.59
CA MET B 233 3.65 8.69 -56.67
C MET B 233 3.71 9.85 -55.68
N THR B 234 3.26 11.02 -56.11
CA THR B 234 3.00 12.15 -55.20
C THR B 234 1.68 12.86 -55.52
N ARG B 235 1.30 13.74 -54.60
CA ARG B 235 0.11 14.59 -54.71
C ARG B 235 0.15 15.49 -55.94
N ILE B 236 -1.01 15.66 -56.58
CA ILE B 236 -1.21 16.69 -57.59
C ILE B 236 -2.54 17.38 -57.30
N SER B 243 -4.86 26.32 -65.14
CA SER B 243 -5.68 25.33 -64.48
C SER B 243 -6.97 25.07 -65.27
N THR B 244 -8.01 24.66 -64.56
CA THR B 244 -9.38 24.64 -65.09
C THR B 244 -9.58 23.64 -66.24
N GLN B 245 -9.36 24.10 -67.46
CA GLN B 245 -9.45 23.22 -68.63
C GLN B 245 -8.34 22.15 -68.61
N GLU B 246 -7.20 22.51 -68.02
CA GLU B 246 -6.14 21.55 -67.75
C GLU B 246 -6.68 20.39 -66.93
N TYR B 247 -7.36 20.70 -65.81
CA TYR B 247 -7.89 19.67 -64.91
C TYR B 247 -8.75 18.61 -65.63
N GLU B 248 -9.71 19.07 -66.42
CA GLU B 248 -10.71 18.21 -67.02
C GLU B 248 -10.07 17.27 -68.04
N ALA B 249 -9.29 17.84 -68.94
CA ALA B 249 -8.53 17.08 -69.93
C ALA B 249 -7.62 16.04 -69.28
N CYS B 250 -7.13 16.36 -68.08
CA CYS B 250 -5.94 15.70 -67.50
C CYS B 250 -6.18 14.65 -66.45
N PHE B 251 -6.90 15.04 -65.40
CA PHE B 251 -6.89 14.39 -64.06
C PHE B 251 -6.62 12.89 -63.97
N GLY B 252 -7.28 12.09 -64.82
CA GLY B 252 -7.22 10.62 -64.71
C GLY B 252 -5.87 9.98 -65.03
N GLN B 253 -4.98 10.74 -65.65
CA GLN B 253 -3.68 10.26 -66.10
C GLN B 253 -2.59 10.22 -65.01
N PHE B 254 -2.89 10.75 -63.82
CA PHE B 254 -1.89 10.83 -62.73
C PHE B 254 -2.36 10.05 -61.49
N ILE B 255 -3.23 9.06 -61.72
CA ILE B 255 -3.85 8.28 -60.68
C ILE B 255 -3.54 6.80 -60.90
N LEU B 256 -2.92 6.16 -59.91
CA LEU B 256 -2.61 4.76 -59.98
C LEU B 256 -3.86 3.96 -59.60
N THR B 257 -4.14 2.90 -60.37
CA THR B 257 -5.20 1.93 -60.08
C THR B 257 -4.67 0.51 -60.40
N PRO B 258 -5.32 -0.54 -59.89
CA PRO B 258 -4.93 -1.92 -60.25
C PRO B 258 -5.14 -2.31 -61.74
N HIS B 259 -5.97 -1.55 -62.45
CA HIS B 259 -6.12 -1.72 -63.90
C HIS B 259 -4.90 -1.19 -64.63
N ILE B 260 -4.46 -0.01 -64.25
CA ILE B 260 -3.24 0.58 -64.81
C ILE B 260 -2.02 -0.28 -64.45
N MET B 261 -2.05 -0.90 -63.27
CA MET B 261 -0.95 -1.72 -62.80
C MET B 261 -0.72 -3.01 -63.61
N THR B 262 -1.72 -3.50 -64.35
CA THR B 262 -1.54 -4.76 -65.10
C THR B 262 -0.44 -4.68 -66.17
N ARG B 263 -0.05 -3.47 -66.56
CA ARG B 263 1.08 -3.27 -67.47
C ARG B 263 2.36 -2.88 -66.71
N ALA B 264 2.40 -3.18 -65.40
CA ALA B 264 3.59 -3.00 -64.60
C ALA B 264 4.37 -4.29 -64.65
N LYS B 265 5.70 -4.18 -64.65
CA LYS B 265 6.54 -5.36 -64.57
C LYS B 265 6.36 -6.00 -63.20
N LYS B 266 6.64 -7.30 -63.13
CA LYS B 266 6.39 -8.06 -61.91
C LYS B 266 7.29 -7.59 -60.76
N LYS B 267 8.53 -7.21 -61.08
CA LYS B 267 9.57 -6.98 -60.06
C LYS B 267 9.64 -5.53 -59.55
N MET B 268 8.79 -4.66 -60.06
CA MET B 268 8.89 -3.23 -59.74
C MET B 268 8.25 -2.91 -58.39
N VAL B 269 8.56 -1.71 -57.87
CA VAL B 269 7.95 -1.23 -56.63
C VAL B 269 7.26 0.14 -56.78
N VAL B 270 6.15 0.31 -56.07
CA VAL B 270 5.46 1.59 -56.02
C VAL B 270 5.62 2.23 -54.63
N MET B 271 6.05 3.48 -54.66
CA MET B 271 6.34 4.27 -53.48
C MET B 271 5.52 5.56 -53.48
N HIS B 272 5.58 6.24 -52.35
CA HIS B 272 4.82 7.47 -52.11
C HIS B 272 5.25 7.96 -50.72
N PRO B 273 5.77 9.20 -50.64
CA PRO B 273 6.25 9.74 -49.36
C PRO B 273 5.12 9.97 -48.35
N MET B 274 3.90 10.11 -48.86
CA MET B 274 2.67 10.21 -48.06
C MET B 274 2.64 11.59 -47.39
N PRO B 275 1.45 12.11 -47.11
CA PRO B 275 0.14 11.49 -47.25
C PRO B 275 -0.47 11.59 -48.65
N ARG B 276 -1.31 10.62 -48.98
CA ARG B 276 -2.06 10.64 -50.23
C ARG B 276 -3.47 11.18 -50.01
N VAL B 277 -4.09 11.62 -51.10
CA VAL B 277 -5.45 12.15 -51.06
C VAL B 277 -6.37 11.55 -52.13
N ASN B 278 -5.80 10.84 -53.11
CA ASN B 278 -6.51 10.53 -54.36
C ASN B 278 -5.68 9.70 -55.34
N GLU B 279 -4.44 10.12 -55.52
CA GLU B 279 -3.47 9.52 -56.45
C GLU B 279 -3.41 7.98 -56.54
N ILE B 280 -3.27 7.28 -55.43
CA ILE B 280 -3.21 5.81 -55.45
C ILE B 280 -4.49 5.34 -54.81
N SER B 281 -5.26 4.56 -55.56
CA SER B 281 -6.54 4.09 -55.07
C SER B 281 -6.24 3.03 -54.02
N VAL B 282 -7.21 2.78 -53.15
CA VAL B 282 -7.02 1.92 -51.99
C VAL B 282 -6.77 0.44 -52.35
N GLU B 283 -7.23 -0.01 -53.51
CA GLU B 283 -7.11 -1.45 -53.88
C GLU B 283 -5.74 -1.86 -54.43
N VAL B 284 -4.85 -0.89 -54.58
CA VAL B 284 -3.44 -1.18 -54.87
C VAL B 284 -2.77 -1.88 -53.67
N ASP B 285 -3.23 -1.53 -52.47
CA ASP B 285 -2.56 -1.90 -51.23
C ASP B 285 -2.14 -3.37 -51.08
N SER B 286 -2.95 -4.31 -51.55
CA SER B 286 -2.64 -5.77 -51.39
C SER B 286 -1.66 -6.34 -52.41
N ASP B 287 -1.26 -5.54 -53.39
CA ASP B 287 -0.21 -5.90 -54.34
C ASP B 287 1.12 -5.87 -53.60
N PRO B 288 1.92 -6.95 -53.66
CA PRO B 288 3.26 -6.90 -53.07
C PRO B 288 4.09 -5.69 -53.48
N ARG B 289 3.87 -5.22 -54.72
CA ARG B 289 4.60 -4.09 -55.25
C ARG B 289 4.38 -2.80 -54.48
N ALA B 290 3.25 -2.74 -53.76
CA ALA B 290 2.86 -1.60 -52.95
C ALA B 290 3.69 -1.53 -51.66
N ALA B 291 4.72 -0.69 -51.72
CA ALA B 291 5.76 -0.56 -50.68
C ALA B 291 5.69 0.73 -49.85
N TYR B 292 4.63 1.53 -49.99
CA TYR B 292 4.62 2.88 -49.37
C TYR B 292 4.45 2.83 -47.85
N PHE B 293 3.84 1.76 -47.35
CA PHE B 293 3.76 1.58 -45.91
C PHE B 293 5.07 1.01 -45.37
N ARG B 294 5.68 0.10 -46.11
CA ARG B 294 7.00 -0.42 -45.73
C ARG B 294 7.99 0.75 -45.71
N GLN B 295 7.78 1.68 -46.62
CA GLN B 295 8.60 2.87 -46.76
C GLN B 295 8.49 3.75 -45.52
N ALA B 296 7.27 3.89 -45.02
CA ALA B 296 7.08 4.62 -43.78
C ALA B 296 7.83 3.91 -42.65
N GLU B 297 7.60 2.60 -42.54
CA GLU B 297 8.32 1.74 -41.58
C GLU B 297 9.85 1.87 -41.68
N ASN B 298 10.37 1.95 -42.90
CA ASN B 298 11.81 2.13 -43.10
C ASN B 298 12.31 3.42 -42.49
N GLY B 299 11.51 4.46 -42.63
CA GLY B 299 11.86 5.77 -42.09
C GLY B 299 12.18 5.74 -40.62
N MET B 300 11.44 4.92 -39.87
CA MET B 300 11.69 4.84 -38.43
C MET B 300 13.06 4.22 -38.13
N TYR B 301 13.47 3.21 -38.91
CA TYR B 301 14.80 2.59 -38.71
C TYR B 301 15.93 3.48 -39.21
N ILE B 302 15.69 4.25 -40.26
CA ILE B 302 16.71 5.17 -40.76
C ILE B 302 16.85 6.32 -39.76
N ARG B 303 15.72 6.80 -39.22
CA ARG B 303 15.79 7.79 -38.16
C ARG B 303 16.43 7.25 -36.90
N MET B 304 16.23 5.97 -36.61
CA MET B 304 16.92 5.34 -35.50
C MET B 304 18.42 5.38 -35.72
N ALA B 305 18.85 5.01 -36.93
CA ALA B 305 20.26 5.06 -37.31
C ALA B 305 20.81 6.48 -37.26
N LEU B 306 20.04 7.44 -37.78
CA LEU B 306 20.49 8.81 -37.77
C LEU B 306 20.74 9.28 -36.31
N LEU B 307 19.76 9.06 -35.44
CA LEU B 307 19.88 9.45 -34.02
C LEU B 307 21.04 8.76 -33.31
N ALA B 308 21.18 7.45 -33.51
CA ALA B 308 22.22 6.65 -32.84
C ALA B 308 23.62 7.11 -33.24
N THR B 309 23.77 7.51 -34.50
CA THR B 309 25.06 7.98 -35.01
C THR B 309 25.29 9.45 -34.63
N VAL B 310 24.32 10.31 -34.93
CA VAL B 310 24.42 11.73 -34.55
C VAL B 310 24.83 11.86 -33.09
N LEU B 311 24.12 11.18 -32.19
CA LEU B 311 24.45 11.17 -30.76
C LEU B 311 25.62 10.24 -30.37
N GLY B 312 26.32 9.70 -31.36
CA GLY B 312 27.57 8.97 -31.16
C GLY B 312 27.46 7.62 -30.46
N ARG B 313 26.63 6.73 -31.03
CA ARG B 313 26.54 5.33 -30.55
C ARG B 313 26.80 4.28 -31.64
N PHE B 314 26.79 4.71 -32.90
CA PHE B 314 27.19 3.90 -34.04
C PHE B 314 27.97 4.78 -35.01
N HIS C 8 -4.05 -17.96 -22.89
CA HIS C 8 -3.26 -17.11 -23.83
C HIS C 8 -3.92 -16.99 -25.20
N SER C 9 -5.23 -16.76 -25.20
CA SER C 9 -5.99 -16.67 -26.44
C SER C 9 -6.03 -15.23 -26.96
N LEU C 10 -5.68 -14.25 -26.14
CA LEU C 10 -5.84 -12.83 -26.49
C LEU C 10 -4.66 -12.18 -27.19
N VAL C 11 -3.58 -12.94 -27.35
CA VAL C 11 -2.37 -12.41 -27.98
C VAL C 11 -2.71 -11.97 -29.41
N GLY C 12 -2.26 -10.77 -29.77
CA GLY C 12 -2.49 -10.22 -31.09
C GLY C 12 -3.95 -10.05 -31.49
N GLN C 13 -4.86 -10.03 -30.53
CA GLN C 13 -6.27 -9.92 -30.84
C GLN C 13 -6.70 -8.45 -30.82
N HIS C 14 -7.55 -8.10 -31.78
CA HIS C 14 -8.26 -6.83 -31.74
C HIS C 14 -9.27 -6.91 -30.60
N ILE C 15 -9.27 -5.92 -29.70
CA ILE C 15 -10.21 -5.85 -28.58
C ILE C 15 -11.24 -4.75 -28.84
N LEU C 16 -12.38 -5.15 -29.38
CA LEU C 16 -13.44 -4.23 -29.80
C LEU C 16 -14.67 -4.23 -28.87
N SER C 17 -14.97 -5.35 -28.23
CA SER C 17 -16.10 -5.44 -27.28
C SER C 17 -15.84 -6.39 -26.11
N VAL C 18 -16.48 -6.13 -24.98
CA VAL C 18 -16.47 -7.09 -23.85
C VAL C 18 -17.09 -8.43 -24.25
N GLN C 19 -17.99 -8.39 -25.22
CA GLN C 19 -18.72 -9.60 -25.65
C GLN C 19 -17.83 -10.68 -26.27
N GLN C 20 -16.60 -10.33 -26.65
CA GLN C 20 -15.71 -11.35 -27.21
C GLN C 20 -14.99 -12.11 -26.12
N PHE C 21 -14.97 -11.57 -24.90
CA PHE C 21 -14.38 -12.29 -23.77
C PHE C 21 -15.31 -13.43 -23.33
N THR C 22 -14.73 -14.40 -22.64
CA THR C 22 -15.51 -15.35 -21.85
C THR C 22 -15.26 -15.09 -20.36
N LYS C 23 -15.93 -15.89 -19.52
CA LYS C 23 -15.77 -15.83 -18.06
C LYS C 23 -14.31 -16.05 -17.66
N ASP C 24 -13.71 -17.13 -18.15
CA ASP C 24 -12.34 -17.51 -17.82
C ASP C 24 -11.33 -16.45 -18.28
N GLN C 25 -11.48 -16.00 -19.53
CA GLN C 25 -10.66 -14.93 -20.08
C GLN C 25 -10.76 -13.65 -19.26
N MET C 26 -11.97 -13.33 -18.79
CA MET C 26 -12.21 -12.13 -18.00
C MET C 26 -11.57 -12.26 -16.62
N SER C 27 -11.89 -13.35 -15.95
CA SER C 27 -11.30 -13.68 -14.66
C SER C 27 -9.78 -13.63 -14.74
N HIS C 28 -9.23 -14.31 -15.75
CA HIS C 28 -7.81 -14.23 -16.02
C HIS C 28 -7.28 -12.79 -16.09
N LEU C 29 -7.95 -11.94 -16.88
CA LEU C 29 -7.58 -10.51 -16.97
C LEU C 29 -7.52 -9.84 -15.59
N PHE C 30 -8.55 -10.09 -14.78
CA PHE C 30 -8.60 -9.57 -13.41
C PHE C 30 -7.45 -10.06 -12.56
N ASN C 31 -7.12 -11.34 -12.67
CA ASN C 31 -6.01 -11.90 -11.92
C ASN C 31 -4.69 -11.23 -12.33
N VAL C 32 -4.49 -11.01 -13.62
CA VAL C 32 -3.27 -10.30 -14.06
C VAL C 32 -3.24 -8.83 -13.59
N ALA C 33 -4.37 -8.13 -13.67
CA ALA C 33 -4.45 -6.76 -13.16
C ALA C 33 -4.06 -6.73 -11.69
N HIS C 34 -4.54 -7.70 -10.92
CA HIS C 34 -4.12 -7.85 -9.52
C HIS C 34 -2.62 -8.00 -9.36
N THR C 35 -2.06 -8.96 -10.09
CA THR C 35 -0.63 -9.25 -10.01
C THR C 35 0.19 -8.02 -10.39
N LEU C 36 -0.23 -7.35 -11.45
CA LEU C 36 0.43 -6.14 -11.86
C LEU C 36 0.30 -5.07 -10.79
N ARG C 37 -0.90 -4.93 -10.21
CA ARG C 37 -1.10 -3.92 -9.17
C ARG C 37 -0.24 -4.18 -7.95
N MET C 38 -0.18 -5.42 -7.53
CA MET C 38 0.73 -5.76 -6.45
C MET C 38 2.17 -5.42 -6.81
N MET C 39 2.55 -5.64 -8.07
CA MET C 39 3.94 -5.36 -8.48
C MET C 39 4.23 -3.86 -8.34
N VAL C 40 3.27 -3.03 -8.74
CA VAL C 40 3.39 -1.58 -8.58
C VAL C 40 3.32 -1.17 -7.10
N GLN C 41 2.59 -1.93 -6.27
CA GLN C 41 2.56 -1.70 -4.82
C GLN C 41 3.92 -2.02 -4.20
N LYS C 42 4.54 -3.10 -4.66
CA LYS C 42 5.86 -3.49 -4.19
C LYS C 42 6.95 -2.66 -4.87
N GLU C 43 6.58 -2.01 -5.97
CA GLU C 43 7.49 -1.20 -6.80
C GLU C 43 8.57 -2.08 -7.41
N ARG C 44 8.11 -3.15 -8.05
CA ARG C 44 8.96 -4.09 -8.78
C ARG C 44 9.59 -3.36 -9.98
N SER C 45 10.77 -3.81 -10.39
CA SER C 45 11.46 -3.21 -11.54
C SER C 45 10.80 -3.71 -12.81
N LEU C 46 9.85 -2.93 -13.34
CA LEU C 46 8.98 -3.39 -14.43
C LEU C 46 9.41 -2.96 -15.84
N ASP C 47 9.74 -3.96 -16.66
CA ASP C 47 10.14 -3.78 -18.06
C ASP C 47 9.38 -4.76 -18.96
N ILE C 48 8.14 -5.06 -18.58
CA ILE C 48 7.35 -6.10 -19.25
C ILE C 48 7.14 -5.77 -20.74
N LEU C 49 6.95 -4.49 -21.05
CA LEU C 49 6.80 -4.03 -22.45
C LEU C 49 7.85 -2.95 -22.79
N LYS C 50 9.05 -3.12 -22.26
CA LYS C 50 10.22 -2.33 -22.64
C LYS C 50 10.52 -2.51 -24.12
N GLY C 51 10.78 -1.39 -24.81
CA GLY C 51 10.95 -1.37 -26.27
C GLY C 51 9.67 -1.65 -27.05
N LYS C 52 8.51 -1.52 -26.38
CA LYS C 52 7.20 -1.68 -27.01
C LYS C 52 6.57 -0.31 -27.07
N VAL C 53 5.69 -0.12 -28.04
CA VAL C 53 5.18 1.19 -28.35
C VAL C 53 3.69 1.11 -28.66
N MET C 54 2.94 1.99 -28.00
CA MET C 54 1.49 2.09 -28.13
C MET C 54 1.23 3.37 -28.90
N ALA C 55 0.32 3.30 -29.86
CA ALA C 55 -0.12 4.49 -30.57
C ALA C 55 -1.45 4.86 -30.00
N SER C 56 -1.54 6.03 -29.40
CA SER C 56 -2.73 6.47 -28.73
C SER C 56 -3.45 7.46 -29.64
N MET C 57 -4.50 6.99 -30.29
CA MET C 57 -5.18 7.77 -31.30
C MET C 57 -6.59 8.15 -30.86
N PHE C 58 -6.70 9.29 -30.20
CA PHE C 58 -7.95 9.81 -29.68
C PHE C 58 -8.53 10.92 -30.54
N TYR C 59 -9.52 10.55 -31.36
CA TYR C 59 -10.23 11.46 -32.26
C TYR C 59 -11.44 12.14 -31.58
N GLU C 60 -11.74 11.76 -30.34
CA GLU C 60 -12.50 12.61 -29.42
C GLU C 60 -11.69 12.73 -28.13
N VAL C 61 -11.92 13.80 -27.38
CA VAL C 61 -11.13 14.00 -26.16
C VAL C 61 -11.71 13.07 -25.10
N SER C 62 -10.84 12.55 -24.23
CA SER C 62 -11.29 11.76 -23.07
C SER C 62 -10.10 11.48 -22.17
N THR C 63 -9.90 12.42 -21.25
CA THR C 63 -8.75 12.47 -20.37
C THR C 63 -8.57 11.23 -19.51
N ARG C 64 -9.67 10.55 -19.22
CA ARG C 64 -9.63 9.38 -18.37
C ARG C 64 -9.10 8.18 -19.15
N THR C 65 -9.76 7.81 -20.24
CA THR C 65 -9.37 6.62 -20.99
C THR C 65 -8.00 6.86 -21.64
N SER C 66 -7.72 8.12 -21.96
CA SER C 66 -6.45 8.53 -22.61
C SER C 66 -5.25 8.49 -21.69
N SER C 67 -5.33 9.24 -20.58
CA SER C 67 -4.18 9.33 -19.68
C SER C 67 -4.01 8.04 -18.87
N SER C 68 -5.10 7.29 -18.74
CA SER C 68 -5.09 5.97 -18.08
C SER C 68 -4.38 4.92 -18.95
N PHE C 69 -4.66 4.90 -20.24
CA PHE C 69 -3.91 4.02 -21.15
C PHE C 69 -2.42 4.35 -21.22
N ALA C 70 -2.08 5.63 -21.09
CA ALA C 70 -0.71 6.08 -21.18
C ALA C 70 0.07 5.73 -19.94
N ALA C 71 -0.56 5.87 -18.78
CA ALA C 71 0.05 5.47 -17.51
C ALA C 71 0.34 3.98 -17.49
N ALA C 72 -0.67 3.21 -17.86
CA ALA C 72 -0.55 1.76 -17.92
C ALA C 72 0.65 1.30 -18.74
N MET C 73 0.77 1.83 -19.97
CA MET C 73 1.91 1.51 -20.82
C MET C 73 3.24 1.93 -20.20
N ALA C 74 3.32 3.17 -19.71
CA ALA C 74 4.59 3.63 -19.13
C ALA C 74 4.96 2.86 -17.84
N ARG C 75 3.98 2.25 -17.19
CA ARG C 75 4.24 1.44 -16.00
C ARG C 75 4.67 0.02 -16.35
N LEU C 76 4.35 -0.42 -17.56
CA LEU C 76 4.87 -1.69 -18.05
C LEU C 76 6.27 -1.58 -18.72
N GLY C 77 6.82 -0.37 -18.78
CA GLY C 77 8.14 -0.13 -19.37
C GLY C 77 8.10 0.42 -20.79
N GLY C 78 6.91 0.68 -21.31
CA GLY C 78 6.73 1.08 -22.72
C GLY C 78 6.68 2.57 -23.00
N ALA C 79 6.75 2.90 -24.28
CA ALA C 79 6.56 4.26 -24.79
C ALA C 79 5.19 4.41 -25.43
N VAL C 80 4.72 5.65 -25.47
CA VAL C 80 3.45 6.02 -26.03
C VAL C 80 3.68 7.09 -27.09
N LEU C 81 2.99 6.95 -28.22
CA LEU C 81 2.92 7.98 -29.27
C LEU C 81 1.51 8.50 -29.33
N SER C 82 1.29 9.76 -28.92
CA SER C 82 -0.07 10.31 -28.86
C SER C 82 -0.42 11.18 -30.06
N PHE C 83 -1.09 10.55 -31.03
CA PHE C 83 -1.64 11.21 -32.23
C PHE C 83 -2.49 12.45 -31.90
N LYS C 92 -4.79 18.32 -47.39
CA LYS C 92 -3.94 17.47 -46.58
C LYS C 92 -4.72 16.38 -45.84
N GLY C 93 -5.82 15.91 -46.43
CA GLY C 93 -6.71 14.94 -45.77
C GLY C 93 -6.42 13.50 -46.12
N GLU C 94 -6.26 12.64 -45.11
CA GLU C 94 -6.01 11.22 -45.32
C GLU C 94 -6.97 10.33 -44.54
N SER C 95 -7.24 9.14 -45.08
CA SER C 95 -8.30 8.28 -44.54
C SER C 95 -7.92 7.71 -43.17
N LEU C 96 -8.93 7.28 -42.42
CA LEU C 96 -8.71 6.75 -41.07
C LEU C 96 -7.80 5.54 -41.13
N ALA C 97 -8.09 4.65 -42.07
CA ALA C 97 -7.28 3.46 -42.31
C ALA C 97 -5.82 3.83 -42.63
N ASP C 98 -5.62 4.89 -43.43
CA ASP C 98 -4.27 5.40 -43.70
C ASP C 98 -3.53 5.89 -42.45
N SER C 99 -4.23 6.61 -41.57
CA SER C 99 -3.61 7.13 -40.35
C SER C 99 -3.31 6.00 -39.39
N VAL C 100 -4.25 5.07 -39.25
CA VAL C 100 -4.07 3.93 -38.36
C VAL C 100 -3.03 2.93 -38.90
N GLN C 101 -3.08 2.68 -40.20
CA GLN C 101 -2.11 1.81 -40.88
C GLN C 101 -0.69 2.35 -40.73
N THR C 102 -0.56 3.67 -40.78
CA THR C 102 0.73 4.32 -40.66
C THR C 102 1.27 4.26 -39.22
N MET C 103 0.44 4.58 -38.24
CA MET C 103 0.88 4.50 -36.84
C MET C 103 1.22 3.07 -36.46
N SER C 104 0.58 2.09 -37.07
CA SER C 104 0.92 0.70 -36.86
C SER C 104 2.19 0.28 -37.61
N CYS C 105 2.75 1.17 -38.41
CA CYS C 105 4.15 1.00 -38.86
C CYS C 105 5.14 1.26 -37.72
N TYR C 106 4.78 2.15 -36.79
CA TYR C 106 5.68 2.54 -35.69
C TYR C 106 5.44 1.83 -34.38
N ALA C 107 4.22 1.33 -34.18
CA ALA C 107 3.80 0.86 -32.86
C ALA C 107 3.30 -0.55 -32.90
N ASP C 108 3.38 -1.20 -31.74
CA ASP C 108 2.97 -2.57 -31.55
C ASP C 108 1.47 -2.73 -31.30
N VAL C 109 0.86 -1.72 -30.68
CA VAL C 109 -0.60 -1.67 -30.53
C VAL C 109 -1.03 -0.25 -30.78
N VAL C 110 -2.26 -0.11 -31.27
CA VAL C 110 -2.90 1.17 -31.48
C VAL C 110 -4.13 1.21 -30.57
N VAL C 111 -4.21 2.25 -29.74
CA VAL C 111 -5.40 2.49 -28.92
C VAL C 111 -6.22 3.56 -29.64
N LEU C 112 -7.43 3.19 -30.03
CA LEU C 112 -8.20 3.98 -30.97
C LEU C 112 -9.56 4.35 -30.42
N ARG C 113 -9.89 5.63 -30.51
CA ARG C 113 -11.18 6.10 -30.04
C ARG C 113 -11.75 7.06 -31.06
N HIS C 114 -12.83 6.64 -31.72
CA HIS C 114 -13.45 7.41 -32.79
C HIS C 114 -14.96 7.31 -32.66
N PRO C 115 -15.66 8.47 -32.62
CA PRO C 115 -17.09 8.44 -32.35
C PRO C 115 -18.00 8.20 -33.56
N GLN C 116 -17.42 7.92 -34.73
CA GLN C 116 -18.23 7.71 -35.92
C GLN C 116 -18.52 6.21 -36.04
N PRO C 117 -19.81 5.83 -36.00
CA PRO C 117 -20.26 4.44 -36.00
C PRO C 117 -19.59 3.54 -37.02
N GLY C 118 -18.81 2.59 -36.52
CA GLY C 118 -18.17 1.61 -37.37
C GLY C 118 -16.71 1.91 -37.65
N ALA C 119 -16.30 3.17 -37.49
CA ALA C 119 -14.94 3.60 -37.84
C ALA C 119 -13.84 2.79 -37.12
N VAL C 120 -14.07 2.46 -35.84
CA VAL C 120 -13.11 1.64 -35.08
C VAL C 120 -12.91 0.26 -35.70
N GLU C 121 -14.01 -0.46 -35.93
CA GLU C 121 -13.94 -1.85 -36.47
C GLU C 121 -13.32 -1.91 -37.87
N LEU C 122 -13.68 -0.96 -38.72
CA LEU C 122 -13.16 -0.95 -40.09
C LEU C 122 -11.64 -0.69 -40.11
N ALA C 123 -11.16 0.09 -39.16
CA ALA C 123 -9.72 0.37 -39.00
C ALA C 123 -8.94 -0.84 -38.52
N ALA C 124 -9.50 -1.56 -37.52
CA ALA C 124 -8.91 -2.78 -37.00
C ALA C 124 -8.84 -3.85 -38.07
N LYS C 125 -9.94 -4.00 -38.81
CA LYS C 125 -10.06 -5.01 -39.87
C LYS C 125 -8.82 -5.07 -40.76
N HIS C 126 -8.31 -3.89 -41.12
CA HIS C 126 -7.19 -3.80 -42.05
C HIS C 126 -5.83 -3.51 -41.40
N CYS C 127 -5.77 -3.61 -40.06
CA CYS C 127 -4.56 -3.28 -39.32
C CYS C 127 -3.72 -4.52 -39.06
N ARG C 128 -2.43 -4.42 -39.30
CA ARG C 128 -1.50 -5.53 -39.03
C ARG C 128 -1.08 -5.64 -37.56
N ARG C 129 -1.56 -4.70 -36.73
CA ARG C 129 -1.29 -4.70 -35.30
C ARG C 129 -2.62 -4.58 -34.54
N PRO C 130 -2.68 -5.09 -33.29
CA PRO C 130 -3.94 -5.03 -32.57
C PRO C 130 -4.39 -3.61 -32.28
N VAL C 131 -5.68 -3.36 -32.46
CA VAL C 131 -6.30 -2.07 -32.17
C VAL C 131 -7.24 -2.36 -30.99
N ILE C 132 -7.10 -1.58 -29.92
CA ILE C 132 -8.04 -1.68 -28.80
C ILE C 132 -8.97 -0.50 -28.91
N ASN C 133 -10.25 -0.82 -29.06
CA ASN C 133 -11.34 0.15 -29.03
C ASN C 133 -11.35 0.85 -27.68
N ALA C 134 -11.06 2.14 -27.68
CA ALA C 134 -11.12 2.96 -26.47
C ALA C 134 -12.45 3.72 -26.37
N GLY C 135 -13.41 3.36 -27.24
CA GLY C 135 -14.73 3.98 -27.27
C GLY C 135 -15.14 4.24 -28.71
N ASP C 136 -16.02 3.39 -29.27
CA ASP C 136 -16.37 3.47 -30.69
C ASP C 136 -17.72 4.14 -30.93
N GLY C 137 -18.30 3.89 -32.10
CA GLY C 137 -19.50 4.59 -32.51
C GLY C 137 -20.82 3.90 -32.29
N VAL C 138 -20.85 2.79 -31.56
CA VAL C 138 -22.12 2.20 -31.11
C VAL C 138 -22.15 1.87 -29.60
N GLY C 139 -21.28 2.51 -28.83
CA GLY C 139 -21.27 2.39 -27.36
C GLY C 139 -20.24 1.44 -26.79
N GLU C 140 -19.65 0.58 -27.63
CA GLU C 140 -18.66 -0.38 -27.18
C GLU C 140 -17.41 0.32 -26.69
N HIS C 141 -17.11 0.06 -25.42
CA HIS C 141 -15.93 0.60 -24.79
C HIS C 141 -15.51 -0.50 -23.83
N PRO C 142 -14.82 -1.52 -24.37
CA PRO C 142 -14.60 -2.75 -23.61
C PRO C 142 -13.95 -2.49 -22.26
N THR C 143 -12.98 -1.59 -22.24
CA THR C 143 -12.20 -1.41 -21.02
C THR C 143 -13.02 -0.72 -19.91
N GLN C 144 -13.99 0.12 -20.28
CA GLN C 144 -14.89 0.73 -19.30
C GLN C 144 -15.74 -0.35 -18.64
N ALA C 145 -16.34 -1.20 -19.47
CA ALA C 145 -17.13 -2.34 -18.99
C ALA C 145 -16.32 -3.23 -18.07
N LEU C 146 -15.13 -3.66 -18.52
CA LEU C 146 -14.27 -4.53 -17.73
C LEU C 146 -13.94 -3.92 -16.37
N LEU C 147 -13.48 -2.67 -16.37
CA LEU C 147 -13.07 -2.01 -15.15
C LEU C 147 -14.24 -1.82 -14.17
N ASP C 148 -15.45 -1.69 -14.69
CA ASP C 148 -16.66 -1.59 -13.85
C ASP C 148 -16.99 -2.92 -13.17
N ILE C 149 -16.92 -4.01 -13.92
CA ILE C 149 -17.12 -5.33 -13.34
C ILE C 149 -16.06 -5.54 -12.27
N PHE C 150 -14.80 -5.40 -12.67
CA PHE C 150 -13.71 -5.56 -11.72
C PHE C 150 -13.90 -4.69 -10.47
N THR C 151 -14.35 -3.46 -10.64
CA THR C 151 -14.52 -2.57 -9.48
C THR C 151 -15.68 -3.04 -8.58
N ILE C 152 -16.72 -3.63 -9.15
CA ILE C 152 -17.81 -4.18 -8.33
C ILE C 152 -17.29 -5.29 -7.44
N ARG C 153 -16.50 -6.18 -8.04
CA ARG C 153 -15.99 -7.35 -7.35
C ARG C 153 -14.88 -7.02 -6.34
N GLU C 154 -14.07 -6.01 -6.62
CA GLU C 154 -13.11 -5.56 -5.63
C GLU C 154 -13.85 -4.99 -4.41
N GLU C 155 -14.82 -4.11 -4.65
CA GLU C 155 -15.51 -3.40 -3.58
C GLU C 155 -16.42 -4.33 -2.73
N LEU C 156 -17.00 -5.36 -3.35
CA LEU C 156 -18.04 -6.18 -2.67
C LEU C 156 -17.75 -7.68 -2.54
N GLY C 157 -16.62 -8.15 -3.06
CA GLY C 157 -16.24 -9.55 -2.96
C GLY C 157 -16.99 -10.49 -3.88
N THR C 158 -17.92 -9.93 -4.64
CA THR C 158 -18.73 -10.68 -5.60
C THR C 158 -19.50 -9.69 -6.45
N VAL C 159 -19.92 -10.18 -7.62
CA VAL C 159 -20.84 -9.47 -8.50
C VAL C 159 -22.18 -10.20 -8.46
N ASN C 160 -22.13 -11.53 -8.53
CA ASN C 160 -23.27 -12.40 -8.26
C ASN C 160 -23.99 -12.09 -6.96
N GLY C 161 -25.32 -12.04 -7.04
CA GLY C 161 -26.16 -11.73 -5.91
C GLY C 161 -26.54 -10.27 -5.88
N MET C 162 -25.65 -9.41 -6.41
CA MET C 162 -25.77 -7.99 -6.19
C MET C 162 -26.96 -7.39 -6.92
N THR C 163 -27.50 -6.33 -6.35
CA THR C 163 -28.50 -5.49 -6.99
C THR C 163 -27.81 -4.21 -7.47
N ILE C 164 -28.02 -3.85 -8.73
CA ILE C 164 -27.30 -2.77 -9.38
C ILE C 164 -28.26 -1.70 -9.93
N THR C 165 -28.11 -0.48 -9.44
CA THR C 165 -29.00 0.63 -9.82
C THR C 165 -28.29 1.72 -10.65
N MET C 166 -28.61 1.72 -11.94
CA MET C 166 -28.05 2.66 -12.93
C MET C 166 -28.89 3.91 -13.04
N VAL C 167 -28.27 5.05 -12.75
CA VAL C 167 -28.93 6.34 -12.63
C VAL C 167 -28.56 7.26 -13.80
N GLY C 168 -29.50 8.13 -14.18
CA GLY C 168 -29.22 9.25 -15.10
C GLY C 168 -29.72 9.11 -16.52
N ASP C 169 -28.97 9.67 -17.47
CA ASP C 169 -29.37 9.66 -18.88
C ASP C 169 -29.19 8.27 -19.49
N LEU C 170 -30.13 7.38 -19.19
CA LEU C 170 -30.05 5.98 -19.60
C LEU C 170 -30.40 5.73 -21.07
N LYS C 171 -31.14 6.64 -21.70
CA LYS C 171 -31.49 6.49 -23.11
C LYS C 171 -30.29 6.79 -24.01
N HIS C 172 -29.56 7.85 -23.64
CA HIS C 172 -28.31 8.24 -24.33
C HIS C 172 -27.08 7.50 -23.80
N GLY C 173 -27.08 7.19 -22.50
CA GLY C 173 -25.94 6.53 -21.84
C GLY C 173 -25.45 5.30 -22.56
N ARG C 174 -24.48 5.49 -23.44
CA ARG C 174 -24.12 4.45 -24.42
C ARG C 174 -23.39 3.26 -23.80
N THR C 175 -22.43 3.55 -22.93
CA THR C 175 -21.71 2.51 -22.19
C THR C 175 -22.61 1.86 -21.15
N VAL C 176 -23.52 2.65 -20.58
CA VAL C 176 -24.43 2.18 -19.54
C VAL C 176 -25.24 1.00 -20.07
N HIS C 177 -25.75 1.14 -21.28
CA HIS C 177 -26.42 0.02 -21.95
C HIS C 177 -25.47 -1.16 -22.01
N SER C 178 -24.25 -0.89 -22.47
CA SER C 178 -23.21 -1.90 -22.62
C SER C 178 -22.97 -2.67 -21.32
N LEU C 179 -22.92 -1.95 -20.20
CA LEU C 179 -22.67 -2.58 -18.90
C LEU C 179 -23.84 -3.49 -18.49
N ALA C 180 -25.05 -2.95 -18.61
CA ALA C 180 -26.28 -3.66 -18.24
C ALA C 180 -26.43 -5.00 -18.94
N CYS C 181 -26.15 -5.01 -20.25
CA CYS C 181 -26.23 -6.24 -21.05
C CYS C 181 -25.17 -7.27 -20.67
N LEU C 182 -24.02 -6.82 -20.19
CA LEU C 182 -22.92 -7.74 -19.83
C LEU C 182 -23.16 -8.37 -18.47
N LEU C 183 -23.72 -7.59 -17.56
CA LEU C 183 -24.07 -8.04 -16.21
C LEU C 183 -24.97 -9.27 -16.22
N THR C 184 -25.91 -9.27 -17.16
CA THR C 184 -26.67 -10.46 -17.60
C THR C 184 -25.87 -11.78 -17.65
N GLN C 185 -24.53 -11.72 -17.77
CA GLN C 185 -23.66 -12.90 -17.63
C GLN C 185 -23.35 -13.26 -16.17
N TYR C 186 -23.98 -12.54 -15.23
CA TYR C 186 -23.93 -12.87 -13.82
C TYR C 186 -25.37 -12.93 -13.32
N ARG C 187 -25.54 -13.48 -12.13
CA ARG C 187 -26.85 -13.42 -11.46
C ARG C 187 -26.93 -12.13 -10.67
N VAL C 188 -27.57 -11.14 -11.26
CA VAL C 188 -27.69 -9.82 -10.64
C VAL C 188 -29.09 -9.26 -10.84
N SER C 189 -29.46 -8.34 -9.96
CA SER C 189 -30.75 -7.67 -10.03
C SER C 189 -30.50 -6.24 -10.49
N LEU C 190 -31.18 -5.81 -11.57
CA LEU C 190 -30.96 -4.48 -12.14
C LEU C 190 -32.11 -3.51 -11.90
N ARG C 191 -31.75 -2.31 -11.44
CA ARG C 191 -32.68 -1.22 -11.29
C ARG C 191 -32.24 -0.03 -12.12
N TYR C 192 -33.22 0.67 -12.67
CA TYR C 192 -32.98 1.89 -13.43
C TYR C 192 -33.73 3.05 -12.80
N VAL C 193 -32.98 4.05 -12.32
CA VAL C 193 -33.53 5.36 -12.03
C VAL C 193 -33.40 6.16 -13.32
N ALA C 194 -34.52 6.70 -13.82
CA ALA C 194 -34.51 7.47 -15.06
C ALA C 194 -35.82 8.23 -15.30
N PRO C 195 -35.73 9.46 -15.84
CA PRO C 195 -36.93 10.21 -16.20
C PRO C 195 -37.66 9.56 -17.38
N PRO C 196 -39.01 9.62 -17.37
CA PRO C 196 -39.93 8.98 -18.32
C PRO C 196 -39.47 8.89 -19.77
N SER C 197 -39.00 10.00 -20.33
CA SER C 197 -38.54 10.03 -21.70
C SER C 197 -37.29 9.17 -21.86
N LEU C 198 -36.17 9.65 -21.32
CA LEU C 198 -34.90 8.91 -21.35
C LEU C 198 -34.89 7.69 -20.39
N ARG C 199 -35.92 6.85 -20.50
CA ARG C 199 -35.94 5.55 -19.84
C ARG C 199 -34.79 4.69 -20.37
N MET C 200 -34.43 3.67 -19.61
CA MET C 200 -33.58 2.62 -20.16
C MET C 200 -34.34 2.03 -21.36
N PRO C 201 -33.77 2.20 -22.57
CA PRO C 201 -34.50 1.95 -23.82
C PRO C 201 -35.03 0.51 -23.96
N PRO C 202 -36.17 0.35 -24.66
CA PRO C 202 -36.88 -0.93 -24.79
C PRO C 202 -36.04 -2.08 -25.35
N THR C 203 -35.32 -1.84 -26.44
CA THR C 203 -34.48 -2.86 -27.05
C THR C 203 -33.41 -3.42 -26.10
N VAL C 204 -32.87 -2.57 -25.22
CA VAL C 204 -31.93 -3.03 -24.22
C VAL C 204 -32.66 -3.95 -23.24
N ARG C 205 -33.74 -3.44 -22.66
CA ARG C 205 -34.53 -4.15 -21.65
C ARG C 205 -34.97 -5.56 -22.08
N ALA C 206 -35.44 -5.69 -23.31
CA ALA C 206 -36.01 -6.96 -23.79
C ALA C 206 -34.93 -8.04 -23.99
N PHE C 207 -33.77 -7.63 -24.46
CA PHE C 207 -32.61 -8.53 -24.49
C PHE C 207 -32.18 -8.93 -23.08
N VAL C 208 -32.19 -7.97 -22.16
CA VAL C 208 -31.79 -8.24 -20.79
C VAL C 208 -32.66 -9.36 -20.20
N ALA C 209 -33.97 -9.14 -20.25
CA ALA C 209 -34.95 -10.09 -19.70
C ALA C 209 -34.87 -11.45 -20.39
N SER C 210 -34.70 -11.46 -21.72
CA SER C 210 -34.58 -12.70 -22.46
C SER C 210 -33.60 -13.69 -21.81
N ARG C 211 -32.54 -13.17 -21.20
CA ARG C 211 -31.55 -14.03 -20.52
C ARG C 211 -31.87 -14.32 -19.04
N GLY C 212 -32.93 -13.69 -18.50
CA GLY C 212 -33.47 -14.06 -17.18
C GLY C 212 -33.26 -13.04 -16.06
N THR C 213 -32.49 -12.00 -16.35
CA THR C 213 -32.21 -10.95 -15.38
C THR C 213 -33.46 -10.12 -15.11
N LYS C 214 -33.77 -9.94 -13.83
CA LYS C 214 -34.88 -9.09 -13.42
C LYS C 214 -34.52 -7.62 -13.60
N GLN C 215 -35.46 -6.84 -14.10
CA GLN C 215 -35.30 -5.40 -14.23
C GLN C 215 -36.53 -4.70 -13.67
N GLU C 216 -36.31 -3.64 -12.90
CA GLU C 216 -37.40 -2.79 -12.43
C GLU C 216 -37.01 -1.32 -12.46
N GLU C 217 -37.86 -0.51 -13.10
CA GLU C 217 -37.64 0.92 -13.23
C GLU C 217 -38.17 1.68 -12.03
N PHE C 218 -37.49 2.76 -11.69
CA PHE C 218 -37.87 3.61 -10.58
C PHE C 218 -37.77 5.07 -11.00
N GLU C 219 -38.62 5.92 -10.43
CA GLU C 219 -38.69 7.32 -10.84
C GLU C 219 -37.65 8.20 -10.15
N SER C 220 -36.88 7.63 -9.21
CA SER C 220 -35.87 8.41 -8.47
C SER C 220 -34.86 7.52 -7.74
N ILE C 221 -33.75 8.12 -7.32
CA ILE C 221 -32.72 7.38 -6.60
C ILE C 221 -33.25 6.82 -5.28
N GLU C 222 -33.88 7.70 -4.50
CA GLU C 222 -34.41 7.34 -3.18
C GLU C 222 -35.33 6.10 -3.23
N GLU C 223 -36.26 6.07 -4.18
CA GLU C 223 -37.14 4.89 -4.35
C GLU C 223 -36.39 3.58 -4.62
N ALA C 224 -35.16 3.67 -5.15
CA ALA C 224 -34.38 2.47 -5.47
C ALA C 224 -33.20 2.20 -4.54
N LEU C 225 -32.98 3.08 -3.56
CA LEU C 225 -31.74 3.08 -2.83
C LEU C 225 -31.55 2.09 -1.66
N PRO C 226 -32.63 1.81 -0.87
CA PRO C 226 -32.34 1.02 0.33
C PRO C 226 -31.80 -0.38 0.09
N ASP C 227 -32.28 -1.04 -0.97
CA ASP C 227 -31.85 -2.39 -1.27
C ASP C 227 -30.59 -2.43 -2.17
N THR C 228 -30.16 -1.30 -2.72
CA THR C 228 -29.11 -1.30 -3.75
C THR C 228 -27.69 -1.61 -3.24
N ASP C 229 -27.04 -2.55 -3.91
CA ASP C 229 -25.65 -2.90 -3.65
C ASP C 229 -24.71 -2.01 -4.47
N VAL C 230 -25.07 -1.67 -5.70
CA VAL C 230 -24.23 -0.80 -6.51
C VAL C 230 -25.04 0.34 -7.10
N LEU C 231 -24.68 1.58 -6.76
CA LEU C 231 -25.34 2.75 -7.35
C LEU C 231 -24.47 3.37 -8.43
N TYR C 232 -24.71 2.98 -9.69
CA TYR C 232 -23.89 3.41 -10.83
C TYR C 232 -24.44 4.71 -11.46
N MET C 233 -23.89 5.84 -11.00
CA MET C 233 -24.35 7.17 -11.40
C MET C 233 -23.93 7.48 -12.84
N THR C 234 -24.79 8.23 -13.55
CA THR C 234 -24.41 8.87 -14.82
C THR C 234 -24.98 10.29 -14.90
N ARG C 235 -24.45 11.04 -15.86
CA ARG C 235 -24.81 12.45 -16.10
C ARG C 235 -25.97 12.57 -17.10
N ILE C 236 -26.71 13.66 -17.01
CA ILE C 236 -27.89 13.82 -17.87
C ILE C 236 -27.74 14.87 -18.98
N GLN C 237 -27.29 16.08 -18.64
CA GLN C 237 -27.33 17.24 -19.57
C GLN C 237 -28.74 17.83 -19.59
N LYS C 238 -28.87 19.08 -19.17
CA LYS C 238 -30.18 19.75 -19.14
C LYS C 238 -30.95 19.58 -20.45
N GLU C 239 -30.25 19.80 -21.55
CA GLU C 239 -30.89 19.87 -22.87
C GLU C 239 -31.52 18.56 -23.34
N ARG C 240 -31.18 17.46 -22.69
CA ARG C 240 -31.68 16.13 -23.07
C ARG C 240 -33.11 15.84 -22.56
N PHE C 241 -33.49 16.41 -21.43
CA PHE C 241 -34.90 16.35 -20.98
C PHE C 241 -35.82 16.82 -22.09
N PHE C 251 -35.16 17.42 -11.66
CA PHE C 251 -33.83 16.82 -11.87
C PHE C 251 -33.08 16.49 -10.57
N GLY C 252 -33.62 16.86 -9.41
CA GLY C 252 -33.06 16.49 -8.11
C GLY C 252 -33.43 15.07 -7.71
N GLN C 253 -34.25 14.41 -8.52
CA GLN C 253 -34.58 12.99 -8.37
C GLN C 253 -33.49 12.07 -9.00
N PHE C 254 -32.56 12.68 -9.76
CA PHE C 254 -31.41 11.97 -10.36
C PHE C 254 -30.06 12.43 -9.81
N ILE C 255 -30.11 13.26 -8.77
CA ILE C 255 -28.94 13.77 -8.09
C ILE C 255 -28.74 13.02 -6.79
N LEU C 256 -27.52 12.54 -6.56
CA LEU C 256 -27.15 11.85 -5.33
C LEU C 256 -26.50 12.88 -4.41
N THR C 257 -26.88 12.84 -3.12
CA THR C 257 -26.29 13.71 -2.09
C THR C 257 -26.17 12.89 -0.79
N PRO C 258 -25.48 13.44 0.24
CA PRO C 258 -25.31 12.77 1.54
C PRO C 258 -26.59 12.36 2.29
N HIS C 259 -27.60 13.22 2.29
CA HIS C 259 -28.88 12.87 2.91
C HIS C 259 -29.56 11.73 2.15
N ILE C 260 -29.35 11.65 0.83
CA ILE C 260 -29.84 10.50 0.06
C ILE C 260 -29.05 9.26 0.50
N MET C 261 -27.77 9.44 0.79
CA MET C 261 -26.90 8.35 1.25
C MET C 261 -27.20 7.83 2.67
N THR C 262 -28.05 8.53 3.44
CA THR C 262 -28.47 8.06 4.78
C THR C 262 -29.28 6.77 4.73
N ARG C 263 -30.17 6.64 3.74
CA ARG C 263 -30.99 5.43 3.59
C ARG C 263 -30.24 4.25 2.95
N ALA C 264 -29.15 4.52 2.24
CA ALA C 264 -28.39 3.46 1.55
C ALA C 264 -27.73 2.56 2.59
N LYS C 265 -27.48 1.31 2.21
CA LYS C 265 -26.96 0.30 3.14
C LYS C 265 -25.54 0.62 3.54
N LYS C 266 -25.08 -0.09 4.58
CA LYS C 266 -23.73 0.08 5.10
C LYS C 266 -22.67 -0.52 4.17
N LYS C 267 -22.95 -1.70 3.59
CA LYS C 267 -22.08 -2.34 2.60
C LYS C 267 -22.63 -2.25 1.18
N MET C 268 -22.14 -1.25 0.45
CA MET C 268 -22.72 -0.84 -0.81
C MET C 268 -21.75 0.16 -1.47
N VAL C 269 -21.92 0.44 -2.77
CA VAL C 269 -20.92 1.24 -3.46
C VAL C 269 -21.53 2.16 -4.54
N VAL C 270 -21.09 3.42 -4.58
CA VAL C 270 -21.52 4.33 -5.64
C VAL C 270 -20.37 4.48 -6.63
N MET C 271 -20.68 4.20 -7.90
CA MET C 271 -19.71 4.24 -8.99
C MET C 271 -20.23 5.22 -10.04
N HIS C 272 -19.32 5.62 -10.93
CA HIS C 272 -19.58 6.64 -11.93
C HIS C 272 -18.41 6.58 -12.91
N PRO C 273 -18.68 6.35 -14.22
CA PRO C 273 -17.60 6.20 -15.20
C PRO C 273 -16.77 7.48 -15.33
N MET C 274 -17.44 8.59 -15.10
CA MET C 274 -16.85 9.91 -14.93
C MET C 274 -16.63 10.53 -16.31
N PRO C 275 -16.54 11.86 -16.39
CA PRO C 275 -16.61 12.85 -15.31
C PRO C 275 -18.00 13.11 -14.74
N ARG C 276 -18.04 13.71 -13.56
CA ARG C 276 -19.27 14.09 -12.88
C ARG C 276 -19.39 15.61 -12.83
N VAL C 277 -20.60 16.13 -13.07
CA VAL C 277 -20.84 17.56 -12.98
C VAL C 277 -21.41 17.86 -11.61
N ASN C 278 -22.70 17.59 -11.44
CA ASN C 278 -23.39 17.86 -10.19
C ASN C 278 -24.19 16.65 -9.68
N GLU C 279 -24.37 15.63 -10.52
CA GLU C 279 -25.13 14.44 -10.14
C GLU C 279 -24.59 13.70 -8.91
N ILE C 280 -23.37 14.02 -8.47
CA ILE C 280 -22.89 13.65 -7.13
C ILE C 280 -22.24 14.85 -6.48
N SER C 281 -22.64 15.12 -5.24
CA SER C 281 -22.06 16.20 -4.45
C SER C 281 -20.67 15.83 -3.92
N VAL C 282 -19.78 16.82 -3.88
CA VAL C 282 -18.41 16.66 -3.39
C VAL C 282 -18.34 16.20 -1.93
N GLU C 283 -19.37 16.56 -1.16
CA GLU C 283 -19.47 16.17 0.24
C GLU C 283 -19.51 14.65 0.33
N VAL C 284 -20.13 14.03 -0.68
CA VAL C 284 -20.20 12.58 -0.80
C VAL C 284 -18.83 11.92 -1.05
N ASP C 285 -17.83 12.69 -1.50
CA ASP C 285 -16.48 12.14 -1.69
C ASP C 285 -15.90 11.52 -0.42
N SER C 286 -16.35 11.99 0.75
CA SER C 286 -15.87 11.47 2.04
C SER C 286 -16.46 10.10 2.44
N ASP C 287 -17.58 9.72 1.86
CA ASP C 287 -18.20 8.43 2.14
C ASP C 287 -17.26 7.32 1.69
N PRO C 288 -16.85 6.41 2.60
CA PRO C 288 -15.97 5.32 2.18
C PRO C 288 -16.59 4.37 1.15
N ARG C 289 -17.87 4.56 0.83
CA ARG C 289 -18.57 3.80 -0.20
C ARG C 289 -18.56 4.50 -1.55
N ALA C 290 -18.02 5.72 -1.58
CA ALA C 290 -17.89 6.45 -2.82
C ALA C 290 -16.62 5.95 -3.49
N ALA C 291 -16.81 5.07 -4.49
CA ALA C 291 -15.70 4.31 -5.10
C ALA C 291 -15.23 4.83 -6.45
N TYR C 292 -15.72 6.00 -6.88
CA TYR C 292 -15.51 6.43 -8.29
C TYR C 292 -14.05 6.77 -8.64
N PHE C 293 -13.25 7.24 -7.68
CA PHE C 293 -11.81 7.42 -7.96
C PHE C 293 -11.04 6.10 -7.96
N ARG C 294 -11.25 5.25 -6.96
CA ARG C 294 -10.68 3.90 -6.95
C ARG C 294 -11.02 3.17 -8.26
N GLN C 295 -12.21 3.46 -8.75
CA GLN C 295 -12.70 2.94 -10.01
C GLN C 295 -11.83 3.40 -11.17
N ALA C 296 -11.44 4.67 -11.16
CA ALA C 296 -10.55 5.18 -12.21
C ALA C 296 -9.21 4.45 -12.19
N GLU C 297 -8.61 4.37 -10.99
CA GLU C 297 -7.36 3.65 -10.78
C GLU C 297 -7.38 2.16 -11.18
N ASN C 298 -8.49 1.48 -10.92
CA ASN C 298 -8.69 0.10 -11.41
C ASN C 298 -8.68 0.07 -12.96
N GLY C 299 -9.14 1.15 -13.56
CA GLY C 299 -9.03 1.35 -15.00
C GLY C 299 -7.59 1.26 -15.48
N MET C 300 -6.68 1.89 -14.75
CA MET C 300 -5.25 1.77 -15.07
C MET C 300 -4.78 0.32 -15.02
N TYR C 301 -5.08 -0.40 -13.93
CA TYR C 301 -4.54 -1.76 -13.76
C TYR C 301 -5.16 -2.83 -14.69
N ILE C 302 -6.42 -2.68 -15.09
CA ILE C 302 -6.97 -3.61 -16.11
C ILE C 302 -6.49 -3.27 -17.51
N ARG C 303 -6.22 -1.99 -17.79
CA ARG C 303 -5.58 -1.58 -19.03
C ARG C 303 -4.09 -2.02 -19.09
N MET C 304 -3.39 -2.04 -17.95
CA MET C 304 -2.04 -2.63 -17.92
C MET C 304 -2.11 -4.10 -18.27
N ALA C 305 -3.11 -4.78 -17.71
CA ALA C 305 -3.38 -6.18 -17.99
C ALA C 305 -3.80 -6.44 -19.44
N LEU C 306 -4.60 -5.55 -20.03
CA LEU C 306 -4.97 -5.72 -21.44
C LEU C 306 -3.74 -5.55 -22.36
N LEU C 307 -2.93 -4.53 -22.11
CA LEU C 307 -1.74 -4.30 -22.94
C LEU C 307 -0.72 -5.43 -22.84
N ALA C 308 -0.59 -6.00 -21.65
CA ALA C 308 0.35 -7.07 -21.40
C ALA C 308 -0.10 -8.35 -22.10
N THR C 309 -1.40 -8.64 -22.01
CA THR C 309 -1.95 -9.88 -22.56
C THR C 309 -2.06 -9.84 -24.10
N VAL C 310 -2.41 -8.68 -24.64
CA VAL C 310 -2.55 -8.55 -26.08
C VAL C 310 -1.19 -8.68 -26.76
N LEU C 311 -0.13 -8.20 -26.10
CA LEU C 311 1.24 -8.32 -26.63
C LEU C 311 2.04 -9.53 -26.15
N GLY C 312 1.35 -10.53 -25.61
CA GLY C 312 1.96 -11.83 -25.34
C GLY C 312 3.00 -11.84 -24.24
N ARG C 313 2.73 -11.10 -23.16
CA ARG C 313 3.63 -11.02 -22.01
C ARG C 313 2.93 -11.42 -20.71
N PHE C 314 1.78 -12.06 -20.84
CA PHE C 314 0.91 -12.41 -19.71
C PHE C 314 -0.37 -13.03 -20.24
N LEU D 7 -29.69 0.37 42.12
CA LEU D 7 -29.68 0.07 43.58
C LEU D 7 -29.30 -1.37 43.94
N HIS D 8 -29.72 -2.32 43.10
CA HIS D 8 -29.56 -3.76 43.36
C HIS D 8 -28.30 -4.37 42.71
N SER D 9 -27.55 -3.56 41.96
CA SER D 9 -26.30 -4.02 41.36
C SER D 9 -25.12 -3.71 42.30
N LEU D 10 -24.26 -4.70 42.56
CA LEU D 10 -23.16 -4.53 43.51
C LEU D 10 -21.99 -3.71 42.94
N VAL D 11 -22.22 -2.41 42.76
CA VAL D 11 -21.33 -1.50 42.02
C VAL D 11 -19.99 -1.25 42.72
N GLY D 12 -18.91 -1.44 41.99
CA GLY D 12 -17.57 -1.15 42.48
C GLY D 12 -17.11 -1.98 43.67
N GLN D 13 -17.85 -3.04 43.98
CA GLN D 13 -17.54 -3.84 45.16
C GLN D 13 -16.73 -5.03 44.73
N HIS D 14 -15.93 -5.56 45.66
CA HIS D 14 -15.32 -6.87 45.52
C HIS D 14 -16.45 -7.91 45.59
N ILE D 15 -16.27 -9.03 44.92
CA ILE D 15 -17.27 -10.08 44.89
C ILE D 15 -16.59 -11.35 45.34
N LEU D 16 -16.53 -11.55 46.65
CA LEU D 16 -15.74 -12.62 47.21
C LEU D 16 -16.55 -13.87 47.50
N SER D 17 -17.81 -13.70 47.91
CA SER D 17 -18.69 -14.85 48.14
C SER D 17 -20.16 -14.56 47.78
N VAL D 18 -20.87 -15.62 47.42
CA VAL D 18 -22.31 -15.55 47.13
C VAL D 18 -23.12 -15.09 48.34
N GLN D 19 -22.53 -15.19 49.53
CA GLN D 19 -23.12 -14.67 50.75
C GLN D 19 -23.60 -13.23 50.59
N GLN D 20 -22.81 -12.40 49.90
CA GLN D 20 -23.08 -10.95 49.90
C GLN D 20 -24.34 -10.53 49.14
N PHE D 21 -24.85 -11.40 48.27
CA PHE D 21 -26.04 -11.08 47.49
C PHE D 21 -27.32 -11.29 48.31
N THR D 22 -28.07 -10.20 48.49
CA THR D 22 -29.44 -10.32 48.96
C THR D 22 -30.19 -10.97 47.82
N LYS D 23 -31.19 -11.78 48.14
CA LYS D 23 -31.98 -12.50 47.14
C LYS D 23 -32.47 -11.59 46.00
N ASP D 24 -32.64 -10.30 46.28
CA ASP D 24 -33.01 -9.30 45.28
C ASP D 24 -31.85 -8.86 44.36
N GLN D 25 -30.63 -8.85 44.89
CA GLN D 25 -29.46 -8.56 44.07
C GLN D 25 -29.13 -9.75 43.19
N MET D 26 -29.38 -10.93 43.74
CA MET D 26 -29.31 -12.17 43.01
C MET D 26 -30.25 -12.18 41.81
N SER D 27 -31.48 -11.74 42.03
CA SER D 27 -32.52 -11.74 40.98
C SER D 27 -32.19 -10.71 39.91
N HIS D 28 -31.80 -9.52 40.35
CA HIS D 28 -31.38 -8.48 39.43
C HIS D 28 -30.26 -8.98 38.53
N LEU D 29 -29.30 -9.67 39.13
CA LEU D 29 -28.17 -10.26 38.39
C LEU D 29 -28.66 -11.24 37.33
N PHE D 30 -29.60 -12.09 37.73
CA PHE D 30 -30.21 -13.04 36.80
C PHE D 30 -31.00 -12.39 35.69
N ASN D 31 -31.70 -11.29 35.98
CA ASN D 31 -32.46 -10.60 34.94
C ASN D 31 -31.49 -9.97 33.96
N VAL D 32 -30.46 -9.32 34.51
CA VAL D 32 -29.45 -8.64 33.69
C VAL D 32 -28.73 -9.61 32.75
N ALA D 33 -28.37 -10.78 33.26
CA ALA D 33 -27.86 -11.86 32.41
C ALA D 33 -28.86 -12.32 31.35
N HIS D 34 -30.15 -12.29 31.68
CA HIS D 34 -31.20 -12.60 30.69
C HIS D 34 -31.24 -11.55 29.58
N THR D 35 -31.09 -10.28 29.95
CA THR D 35 -31.13 -9.22 28.96
C THR D 35 -29.89 -9.22 28.06
N LEU D 36 -28.71 -9.41 28.66
CA LEU D 36 -27.48 -9.55 27.88
C LEU D 36 -27.57 -10.69 26.90
N ARG D 37 -28.06 -11.84 27.37
CA ARG D 37 -28.23 -13.01 26.51
C ARG D 37 -29.06 -12.67 25.29
N MET D 38 -30.23 -12.07 25.50
CA MET D 38 -31.13 -11.80 24.39
C MET D 38 -30.57 -10.79 23.37
N MET D 39 -29.89 -9.74 23.86
CA MET D 39 -29.14 -8.81 23.00
C MET D 39 -28.08 -9.54 22.18
N VAL D 40 -27.35 -10.45 22.80
CA VAL D 40 -26.42 -11.31 22.06
C VAL D 40 -27.14 -12.14 20.98
N GLN D 41 -28.25 -12.78 21.34
CA GLN D 41 -28.98 -13.64 20.38
C GLN D 41 -29.46 -12.88 19.14
N LYS D 42 -29.86 -11.61 19.31
CA LYS D 42 -30.24 -10.75 18.18
C LYS D 42 -29.05 -9.95 17.65
N GLU D 43 -27.86 -10.22 18.18
CA GLU D 43 -26.56 -9.74 17.65
C GLU D 43 -26.46 -8.21 17.53
N ARG D 44 -26.85 -7.53 18.59
CA ARG D 44 -26.67 -6.08 18.71
C ARG D 44 -25.17 -5.73 18.78
N SER D 45 -24.83 -4.51 18.35
CA SER D 45 -23.48 -3.98 18.57
C SER D 45 -23.36 -3.67 20.06
N LEU D 46 -22.64 -4.51 20.81
CA LEU D 46 -22.51 -4.30 22.26
C LEU D 46 -21.22 -3.59 22.63
N ASP D 47 -21.37 -2.35 23.12
CA ASP D 47 -20.26 -1.52 23.56
C ASP D 47 -20.34 -1.19 25.06
N ILE D 48 -20.98 -2.03 25.85
CA ILE D 48 -21.21 -1.75 27.26
C ILE D 48 -19.90 -1.44 28.01
N LEU D 49 -18.89 -2.29 27.81
CA LEU D 49 -17.60 -2.18 28.50
C LEU D 49 -16.48 -1.86 27.53
N LYS D 50 -16.83 -1.15 26.48
CA LYS D 50 -15.85 -0.65 25.54
C LYS D 50 -15.04 0.41 26.27
N GLY D 51 -13.72 0.29 26.17
CA GLY D 51 -12.80 1.17 26.88
C GLY D 51 -12.40 0.64 28.25
N LYS D 52 -13.10 -0.40 28.71
CA LYS D 52 -12.80 -1.03 29.99
C LYS D 52 -11.87 -2.25 29.81
N VAL D 53 -11.06 -2.53 30.82
CA VAL D 53 -10.11 -3.61 30.77
C VAL D 53 -10.29 -4.51 32.02
N MET D 54 -10.31 -5.81 31.78
CA MET D 54 -10.38 -6.80 32.86
C MET D 54 -9.02 -7.49 32.92
N ALA D 55 -8.44 -7.56 34.11
CA ALA D 55 -7.26 -8.38 34.35
C ALA D 55 -7.70 -9.77 34.77
N SER D 56 -7.15 -10.80 34.16
CA SER D 56 -7.47 -12.18 34.50
C SER D 56 -6.27 -12.83 35.20
N MET D 57 -6.37 -13.03 36.50
CA MET D 57 -5.23 -13.52 37.29
C MET D 57 -5.53 -14.89 37.90
N PHE D 58 -5.06 -15.91 37.20
CA PHE D 58 -5.33 -17.29 37.56
C PHE D 58 -4.06 -17.97 38.05
N TYR D 59 -4.07 -18.38 39.30
CA TYR D 59 -2.94 -19.08 39.93
C TYR D 59 -3.24 -20.55 40.27
N GLU D 60 -4.51 -20.93 40.24
CA GLU D 60 -4.90 -22.34 40.05
C GLU D 60 -5.66 -22.29 38.74
N VAL D 61 -5.42 -23.27 37.87
CA VAL D 61 -5.93 -23.25 36.52
C VAL D 61 -7.33 -23.88 36.43
N SER D 62 -8.34 -23.02 36.30
CA SER D 62 -9.67 -23.40 35.79
C SER D 62 -9.87 -22.67 34.46
N THR D 63 -10.01 -23.42 33.36
CA THR D 63 -10.09 -22.81 32.01
C THR D 63 -11.52 -22.54 31.59
N ARG D 64 -12.48 -23.28 32.15
CA ARG D 64 -13.89 -22.93 31.95
C ARG D 64 -14.08 -21.56 32.54
N THR D 65 -13.65 -21.42 33.79
CA THR D 65 -13.71 -20.15 34.47
C THR D 65 -13.02 -19.05 33.64
N SER D 66 -11.73 -19.21 33.35
CA SER D 66 -10.96 -18.17 32.64
C SER D 66 -11.53 -17.83 31.26
N SER D 67 -11.94 -18.85 30.51
CA SER D 67 -12.52 -18.68 29.18
C SER D 67 -13.87 -17.97 29.23
N SER D 68 -14.76 -18.41 30.11
CA SER D 68 -16.10 -17.82 30.19
C SER D 68 -16.04 -16.35 30.56
N PHE D 69 -15.18 -16.03 31.51
CA PHE D 69 -14.94 -14.65 31.94
C PHE D 69 -14.34 -13.78 30.82
N ALA D 70 -13.34 -14.32 30.14
CA ALA D 70 -12.72 -13.62 29.03
C ALA D 70 -13.71 -13.44 27.92
N ALA D 71 -14.43 -14.51 27.61
CA ALA D 71 -15.43 -14.46 26.54
C ALA D 71 -16.48 -13.41 26.88
N ALA D 72 -17.00 -13.51 28.11
CA ALA D 72 -17.97 -12.55 28.63
C ALA D 72 -17.52 -11.11 28.42
N MET D 73 -16.26 -10.82 28.73
CA MET D 73 -15.71 -9.46 28.58
C MET D 73 -15.61 -9.02 27.11
N ALA D 74 -15.12 -9.90 26.25
CA ALA D 74 -15.16 -9.64 24.80
C ALA D 74 -16.56 -9.24 24.33
N ARG D 75 -17.55 -10.05 24.69
CA ARG D 75 -18.92 -9.86 24.22
C ARG D 75 -19.65 -8.64 24.77
N LEU D 76 -19.03 -7.95 25.73
CA LEU D 76 -19.48 -6.62 26.15
C LEU D 76 -18.72 -5.48 25.46
N GLY D 77 -17.73 -5.82 24.64
CA GLY D 77 -16.87 -4.82 24.03
C GLY D 77 -15.69 -4.46 24.89
N GLY D 78 -15.36 -5.31 25.86
CA GLY D 78 -14.21 -5.10 26.73
C GLY D 78 -12.98 -5.86 26.28
N ALA D 79 -11.83 -5.44 26.78
CA ALA D 79 -10.57 -6.14 26.59
C ALA D 79 -10.13 -6.88 27.85
N VAL D 80 -9.32 -7.92 27.63
CA VAL D 80 -8.73 -8.73 28.68
C VAL D 80 -7.19 -8.66 28.67
N LEU D 81 -6.60 -8.41 29.84
CA LEU D 81 -5.15 -8.62 30.04
C LEU D 81 -5.04 -9.87 30.86
N SER D 82 -4.34 -10.90 30.38
CA SER D 82 -4.22 -12.14 31.13
C SER D 82 -2.81 -12.40 31.66
N PHE D 83 -2.71 -12.38 32.99
CA PHE D 83 -1.46 -12.56 33.75
C PHE D 83 -0.91 -13.96 33.59
N SER D 84 -0.03 -14.13 32.60
CA SER D 84 0.52 -15.45 32.27
C SER D 84 1.76 -15.78 33.09
N GLU D 85 2.25 -14.83 33.89
CA GLU D 85 3.49 -14.97 34.67
C GLU D 85 3.59 -16.28 35.44
N GLN D 91 11.78 -19.13 41.88
CA GLN D 91 10.53 -18.54 41.43
C GLN D 91 9.82 -17.74 42.53
N LYS D 92 10.59 -17.22 43.49
CA LYS D 92 10.03 -16.57 44.68
C LYS D 92 9.80 -15.07 44.46
N GLY D 93 8.85 -14.77 43.56
CA GLY D 93 8.62 -13.40 43.12
C GLY D 93 8.03 -12.43 44.14
N GLU D 94 7.21 -11.51 43.65
CA GLU D 94 6.63 -10.44 44.47
C GLU D 94 5.41 -10.95 45.25
N SER D 95 4.93 -10.16 46.20
CA SER D 95 3.72 -10.54 46.93
C SER D 95 2.53 -10.42 45.98
N LEU D 96 1.60 -11.36 46.10
CA LEU D 96 0.40 -11.39 45.25
C LEU D 96 -0.30 -10.04 45.24
N ALA D 97 -0.36 -9.39 46.40
CA ALA D 97 -1.09 -8.13 46.54
C ALA D 97 -0.45 -7.04 45.71
N ASP D 98 0.87 -7.05 45.62
CA ASP D 98 1.58 -6.17 44.72
C ASP D 98 1.27 -6.49 43.26
N SER D 99 1.31 -7.77 42.90
CA SER D 99 0.95 -8.18 41.53
C SER D 99 -0.47 -7.73 41.22
N VAL D 100 -1.35 -7.85 42.21
CA VAL D 100 -2.73 -7.40 42.06
C VAL D 100 -2.85 -5.89 42.00
N GLN D 101 -2.13 -5.18 42.88
CA GLN D 101 -2.14 -3.74 42.85
C GLN D 101 -1.68 -3.22 41.48
N THR D 102 -0.54 -3.70 41.00
CA THR D 102 0.04 -3.26 39.72
C THR D 102 -0.88 -3.47 38.53
N MET D 103 -1.45 -4.66 38.40
CA MET D 103 -2.43 -4.91 37.35
C MET D 103 -3.63 -3.96 37.44
N SER D 104 -4.01 -3.60 38.66
CA SER D 104 -5.09 -2.63 38.86
C SER D 104 -4.67 -1.21 38.45
N CYS D 105 -3.39 -1.02 38.16
CA CYS D 105 -2.96 0.23 37.53
C CYS D 105 -3.28 0.28 36.02
N TYR D 106 -3.61 -0.87 35.43
CA TYR D 106 -3.91 -0.97 34.01
C TYR D 106 -5.36 -1.27 33.70
N ALA D 107 -6.01 -1.99 34.61
CA ALA D 107 -7.32 -2.57 34.38
C ALA D 107 -8.40 -1.91 35.23
N ASP D 108 -9.64 -2.16 34.84
CA ASP D 108 -10.79 -1.65 35.56
C ASP D 108 -11.34 -2.65 36.54
N VAL D 109 -10.94 -3.91 36.43
CA VAL D 109 -11.42 -4.93 37.36
C VAL D 109 -10.55 -6.18 37.24
N VAL D 110 -10.36 -6.88 38.36
CA VAL D 110 -9.48 -8.01 38.43
C VAL D 110 -10.30 -9.25 38.72
N VAL D 111 -10.04 -10.29 37.96
CA VAL D 111 -10.62 -11.59 38.21
C VAL D 111 -9.49 -12.46 38.76
N LEU D 112 -9.67 -12.99 39.96
CA LEU D 112 -8.57 -13.65 40.65
C LEU D 112 -8.93 -15.03 41.18
N ARG D 113 -8.15 -16.02 40.77
CA ARG D 113 -8.24 -17.36 41.33
C ARG D 113 -6.92 -17.75 41.96
N HIS D 114 -6.94 -18.02 43.27
CA HIS D 114 -5.73 -18.37 44.04
C HIS D 114 -6.05 -19.48 45.05
N PRO D 115 -5.24 -20.55 45.05
CA PRO D 115 -5.51 -21.67 45.95
C PRO D 115 -5.11 -21.51 47.44
N GLN D 116 -4.13 -20.66 47.75
CA GLN D 116 -3.75 -20.42 49.15
C GLN D 116 -4.95 -19.87 49.91
N PRO D 117 -5.28 -20.47 51.08
CA PRO D 117 -6.32 -19.92 51.94
C PRO D 117 -6.00 -18.50 52.43
N GLY D 118 -7.02 -17.66 52.52
CA GLY D 118 -6.85 -16.25 52.85
C GLY D 118 -6.55 -15.30 51.68
N ALA D 119 -5.83 -15.78 50.67
CA ALA D 119 -5.13 -14.94 49.67
C ALA D 119 -6.02 -14.07 48.82
N VAL D 120 -7.02 -14.67 48.20
CA VAL D 120 -7.93 -13.91 47.37
C VAL D 120 -8.41 -12.68 48.12
N GLU D 121 -8.73 -12.85 49.39
CA GLU D 121 -9.24 -11.76 50.23
C GLU D 121 -8.13 -10.74 50.57
N LEU D 122 -6.96 -11.25 50.95
CA LEU D 122 -5.79 -10.40 51.24
C LEU D 122 -5.33 -9.59 50.02
N ALA D 123 -5.44 -10.17 48.83
CA ALA D 123 -5.14 -9.46 47.58
C ALA D 123 -6.14 -8.35 47.30
N ALA D 124 -7.41 -8.61 47.61
CA ALA D 124 -8.46 -7.64 47.37
C ALA D 124 -8.39 -6.48 48.35
N LYS D 125 -7.68 -6.66 49.47
CA LYS D 125 -7.84 -5.81 50.66
C LYS D 125 -7.56 -4.33 50.43
N HIS D 126 -6.36 -3.98 49.97
CA HIS D 126 -6.11 -2.56 49.65
C HIS D 126 -6.15 -2.28 48.16
N CYS D 127 -6.70 -3.22 47.37
CA CYS D 127 -6.75 -3.05 45.93
C CYS D 127 -7.70 -1.92 45.57
N ARG D 128 -7.22 -0.95 44.79
CA ARG D 128 -8.02 0.20 44.38
C ARG D 128 -9.15 -0.15 43.40
N ARG D 129 -9.14 -1.37 42.84
CA ARG D 129 -10.20 -1.81 41.93
C ARG D 129 -10.95 -3.05 42.47
N PRO D 130 -12.19 -3.31 41.97
CA PRO D 130 -12.95 -4.48 42.44
C PRO D 130 -12.39 -5.81 41.96
N VAL D 131 -12.08 -6.67 42.91
CA VAL D 131 -11.67 -8.05 42.66
C VAL D 131 -12.87 -8.98 42.72
N ILE D 132 -13.10 -9.65 41.59
CA ILE D 132 -14.06 -10.73 41.52
C ILE D 132 -13.32 -12.01 41.84
N ASN D 133 -13.78 -12.71 42.87
CA ASN D 133 -13.18 -13.97 43.25
C ASN D 133 -13.71 -15.03 42.30
N ALA D 134 -12.80 -15.73 41.64
CA ALA D 134 -13.11 -16.83 40.75
C ALA D 134 -12.63 -18.18 41.31
N GLY D 135 -12.38 -18.24 42.63
CA GLY D 135 -12.06 -19.50 43.31
C GLY D 135 -10.93 -19.32 44.32
N ASP D 136 -11.28 -19.31 45.61
CA ASP D 136 -10.29 -19.05 46.69
C ASP D 136 -9.74 -20.30 47.39
N GLY D 137 -9.07 -20.11 48.52
CA GLY D 137 -8.46 -21.22 49.25
C GLY D 137 -9.42 -22.13 49.99
N VAL D 138 -10.61 -21.65 50.32
CA VAL D 138 -11.66 -22.48 50.93
C VAL D 138 -12.69 -22.98 49.92
N GLY D 139 -12.32 -23.01 48.63
CA GLY D 139 -13.23 -23.47 47.57
C GLY D 139 -14.53 -22.68 47.37
N GLU D 140 -14.60 -21.49 47.96
CA GLU D 140 -15.69 -20.55 47.68
C GLU D 140 -15.56 -20.10 46.23
N HIS D 141 -16.67 -20.05 45.52
CA HIS D 141 -16.65 -19.66 44.12
C HIS D 141 -18.01 -19.13 43.64
N PRO D 142 -18.25 -17.80 43.80
CA PRO D 142 -19.60 -17.26 43.69
C PRO D 142 -20.22 -17.39 42.33
N THR D 143 -19.50 -17.05 41.27
CA THR D 143 -20.09 -17.12 39.93
C THR D 143 -20.44 -18.54 39.53
N GLN D 144 -19.72 -19.53 40.06
CA GLN D 144 -20.11 -20.93 39.91
C GLN D 144 -21.44 -21.19 40.63
N ALA D 145 -21.58 -20.68 41.84
CA ALA D 145 -22.82 -20.86 42.61
C ALA D 145 -23.98 -20.12 41.95
N LEU D 146 -23.73 -18.89 41.51
CA LEU D 146 -24.74 -18.09 40.83
C LEU D 146 -25.22 -18.75 39.53
N LEU D 147 -24.30 -19.30 38.73
CA LEU D 147 -24.66 -19.96 37.48
C LEU D 147 -25.34 -21.31 37.78
N ASP D 148 -25.00 -21.91 38.90
CA ASP D 148 -25.66 -23.17 39.32
C ASP D 148 -27.13 -22.99 39.61
N ILE D 149 -27.46 -21.97 40.40
CA ILE D 149 -28.86 -21.64 40.70
C ILE D 149 -29.56 -21.20 39.43
N PHE D 150 -28.95 -20.23 38.74
CA PHE D 150 -29.54 -19.64 37.53
C PHE D 150 -29.94 -20.75 36.57
N THR D 151 -29.12 -21.78 36.47
CA THR D 151 -29.40 -22.91 35.61
C THR D 151 -30.66 -23.68 36.05
N ILE D 152 -30.72 -24.02 37.32
CA ILE D 152 -31.84 -24.78 37.86
C ILE D 152 -33.15 -24.09 37.54
N ARG D 153 -33.21 -22.79 37.82
CA ARG D 153 -34.40 -21.98 37.55
C ARG D 153 -34.73 -21.93 36.07
N GLU D 154 -33.70 -21.73 35.25
CA GLU D 154 -33.86 -21.73 33.80
C GLU D 154 -34.40 -23.06 33.27
N GLU D 155 -33.87 -24.17 33.78
CA GLU D 155 -34.25 -25.50 33.24
C GLU D 155 -35.63 -25.97 33.68
N LEU D 156 -36.01 -25.64 34.91
CA LEU D 156 -37.23 -26.16 35.54
C LEU D 156 -38.29 -25.12 35.91
N GLY D 157 -38.00 -23.84 35.67
CA GLY D 157 -38.94 -22.76 35.99
C GLY D 157 -38.72 -22.16 37.37
N THR D 158 -38.46 -23.02 38.34
CA THR D 158 -38.27 -22.60 39.73
C THR D 158 -37.14 -23.36 40.42
N VAL D 159 -36.54 -22.70 41.40
CA VAL D 159 -35.68 -23.36 42.35
C VAL D 159 -36.53 -23.92 43.49
N ASN D 160 -37.44 -23.11 44.00
CA ASN D 160 -38.26 -23.53 45.15
C ASN D 160 -39.06 -24.79 44.85
N GLY D 161 -39.10 -25.68 45.85
CA GLY D 161 -39.87 -26.91 45.79
C GLY D 161 -39.24 -28.08 45.07
N MET D 162 -37.90 -28.12 45.03
CA MET D 162 -37.21 -29.15 44.26
C MET D 162 -36.33 -30.05 45.12
N THR D 163 -36.13 -31.28 44.65
CA THR D 163 -35.16 -32.21 45.27
C THR D 163 -33.83 -32.15 44.49
N ILE D 164 -32.78 -31.79 45.21
CA ILE D 164 -31.46 -31.58 44.61
C ILE D 164 -30.47 -32.62 45.14
N THR D 165 -30.03 -33.49 44.23
CA THR D 165 -29.21 -34.63 44.57
C THR D 165 -27.77 -34.45 44.08
N MET D 166 -26.84 -34.64 45.00
CA MET D 166 -25.43 -34.42 44.73
C MET D 166 -24.69 -35.76 44.75
N VAL D 167 -23.90 -35.99 43.70
CA VAL D 167 -23.24 -37.26 43.46
C VAL D 167 -21.73 -37.11 43.27
N GLY D 168 -20.98 -38.03 43.88
CA GLY D 168 -19.52 -38.12 43.67
C GLY D 168 -18.71 -37.87 44.93
N ASP D 169 -17.50 -37.37 44.75
CA ASP D 169 -16.63 -37.04 45.88
C ASP D 169 -17.14 -35.79 46.59
N LEU D 170 -18.08 -35.96 47.53
CA LEU D 170 -18.62 -34.81 48.26
C LEU D 170 -17.77 -34.42 49.46
N LYS D 171 -16.83 -35.27 49.85
CA LYS D 171 -15.91 -34.91 50.92
C LYS D 171 -15.02 -33.74 50.46
N HIS D 172 -14.42 -33.88 49.29
CA HIS D 172 -13.40 -32.93 48.84
C HIS D 172 -13.95 -31.71 48.07
N GLY D 173 -14.64 -31.97 46.96
CA GLY D 173 -15.15 -30.90 46.08
C GLY D 173 -15.96 -29.79 46.77
N ARG D 174 -15.27 -28.72 47.15
CA ARG D 174 -15.81 -27.68 48.06
C ARG D 174 -16.80 -26.67 47.45
N THR D 175 -17.13 -26.83 46.17
CA THR D 175 -18.16 -26.00 45.53
C THR D 175 -19.53 -26.63 45.65
N VAL D 176 -19.54 -27.95 45.80
CA VAL D 176 -20.76 -28.70 46.11
C VAL D 176 -21.23 -28.26 47.50
N HIS D 177 -20.27 -28.00 48.38
CA HIS D 177 -20.57 -27.55 49.74
C HIS D 177 -20.92 -26.07 49.75
N SER D 178 -20.43 -25.34 48.75
CA SER D 178 -20.92 -23.99 48.48
C SER D 178 -22.41 -24.02 48.13
N LEU D 179 -22.79 -24.91 47.22
CA LEU D 179 -24.16 -24.91 46.70
C LEU D 179 -25.20 -25.39 47.74
N ALA D 180 -24.83 -26.37 48.55
CA ALA D 180 -25.69 -26.90 49.61
C ALA D 180 -26.19 -25.82 50.53
N CYS D 181 -25.25 -25.08 51.11
CA CYS D 181 -25.54 -23.96 52.03
C CYS D 181 -26.43 -22.92 51.39
N LEU D 182 -26.07 -22.54 50.16
CA LEU D 182 -26.82 -21.50 49.46
C LEU D 182 -28.24 -21.99 49.14
N LEU D 183 -28.38 -23.31 48.93
CA LEU D 183 -29.67 -23.89 48.59
C LEU D 183 -30.63 -23.94 49.79
N THR D 184 -30.13 -23.58 50.98
CA THR D 184 -30.96 -23.41 52.19
C THR D 184 -31.63 -22.06 52.24
N GLN D 185 -31.32 -21.17 51.27
CA GLN D 185 -32.12 -19.95 51.05
C GLN D 185 -33.35 -20.22 50.19
N TYR D 186 -33.58 -21.49 49.87
CA TYR D 186 -34.73 -21.90 49.08
C TYR D 186 -35.41 -23.06 49.80
N ARG D 187 -36.61 -23.43 49.37
CA ARG D 187 -37.32 -24.57 49.96
C ARG D 187 -36.93 -25.81 49.18
N VAL D 188 -35.96 -26.54 49.70
CA VAL D 188 -35.42 -27.69 49.01
C VAL D 188 -35.15 -28.84 49.95
N SER D 189 -35.06 -30.01 49.36
CA SER D 189 -34.62 -31.21 50.05
C SER D 189 -33.35 -31.71 49.36
N LEU D 190 -32.30 -31.94 50.14
CA LEU D 190 -30.98 -32.27 49.59
C LEU D 190 -30.64 -33.74 49.78
N ARG D 191 -30.33 -34.43 48.69
CA ARG D 191 -29.84 -35.80 48.74
C ARG D 191 -28.36 -35.90 48.43
N TYR D 192 -27.66 -36.77 49.15
CA TYR D 192 -26.23 -36.96 49.01
C TYR D 192 -25.92 -38.39 48.62
N VAL D 193 -25.37 -38.55 47.42
CA VAL D 193 -24.83 -39.81 46.99
C VAL D 193 -23.31 -39.62 47.02
N ALA D 194 -22.63 -40.63 47.57
CA ALA D 194 -21.20 -40.55 47.86
C ALA D 194 -20.78 -41.86 48.53
N PRO D 195 -19.63 -42.42 48.12
CA PRO D 195 -19.16 -43.66 48.77
C PRO D 195 -18.76 -43.37 50.21
N PRO D 196 -18.90 -44.37 51.11
CA PRO D 196 -18.70 -44.17 52.55
C PRO D 196 -17.50 -43.30 52.94
N SER D 197 -16.41 -43.44 52.18
CA SER D 197 -15.16 -42.74 52.44
C SER D 197 -15.17 -41.25 52.06
N LEU D 198 -16.05 -40.88 51.13
CA LEU D 198 -16.10 -39.51 50.58
C LEU D 198 -17.45 -38.82 50.79
N ARG D 199 -18.03 -39.00 51.97
CA ARG D 199 -19.36 -38.47 52.25
C ARG D 199 -19.33 -36.99 52.58
N MET D 200 -20.51 -36.38 52.61
CA MET D 200 -20.66 -34.96 52.88
C MET D 200 -20.18 -34.70 54.31
N PRO D 201 -19.32 -33.67 54.49
CA PRO D 201 -18.82 -33.35 55.84
C PRO D 201 -19.90 -32.84 56.80
N PRO D 202 -19.63 -32.90 58.12
CA PRO D 202 -20.63 -32.69 59.18
C PRO D 202 -21.05 -31.24 59.39
N THR D 203 -20.10 -30.32 59.43
CA THR D 203 -20.42 -28.92 59.64
C THR D 203 -21.15 -28.36 58.40
N VAL D 204 -20.99 -29.00 57.26
CA VAL D 204 -21.83 -28.70 56.09
C VAL D 204 -23.26 -29.10 56.47
N ARG D 205 -23.43 -30.38 56.81
CA ARG D 205 -24.74 -30.92 57.20
C ARG D 205 -25.34 -30.21 58.42
N ALA D 206 -24.48 -29.65 59.27
CA ALA D 206 -24.91 -28.95 60.47
C ALA D 206 -25.53 -27.62 60.12
N PHE D 207 -24.87 -26.86 59.25
CA PHE D 207 -25.42 -25.58 58.77
C PHE D 207 -26.77 -25.78 58.06
N VAL D 208 -26.84 -26.83 57.26
CA VAL D 208 -28.04 -27.14 56.48
C VAL D 208 -29.20 -27.39 57.43
N ALA D 209 -29.00 -28.32 58.35
CA ALA D 209 -29.93 -28.55 59.46
C ALA D 209 -30.14 -27.27 60.27
N SER D 210 -29.05 -26.58 60.58
CA SER D 210 -29.14 -25.31 61.35
C SER D 210 -30.09 -24.31 60.68
N ARG D 211 -30.13 -24.30 59.35
CA ARG D 211 -31.09 -23.43 58.64
C ARG D 211 -32.36 -24.20 58.28
N GLY D 212 -32.38 -25.49 58.59
CA GLY D 212 -33.61 -26.28 58.60
C GLY D 212 -33.98 -26.95 57.31
N THR D 213 -32.98 -27.40 56.56
CA THR D 213 -33.22 -28.03 55.26
C THR D 213 -33.17 -29.55 55.39
N LYS D 214 -34.20 -30.21 54.89
CA LYS D 214 -34.25 -31.68 54.85
C LYS D 214 -33.09 -32.31 54.05
N GLN D 215 -32.41 -33.30 54.64
CA GLN D 215 -31.29 -34.00 53.99
C GLN D 215 -31.35 -35.53 54.19
N GLU D 216 -30.92 -36.26 53.16
CA GLU D 216 -30.94 -37.72 53.21
C GLU D 216 -29.80 -38.31 52.38
N GLU D 217 -29.02 -39.18 53.03
CA GLU D 217 -27.86 -39.81 52.39
C GLU D 217 -28.27 -41.10 51.71
N PHE D 218 -27.77 -41.30 50.49
CA PHE D 218 -28.05 -42.48 49.69
C PHE D 218 -26.73 -43.01 49.21
N GLU D 219 -26.74 -44.29 48.83
CA GLU D 219 -25.50 -45.00 48.55
C GLU D 219 -25.24 -45.17 47.05
N SER D 220 -26.29 -45.09 46.25
CA SER D 220 -26.15 -45.07 44.81
C SER D 220 -27.03 -44.00 44.18
N ILE D 221 -26.77 -43.73 42.90
CA ILE D 221 -27.60 -42.83 42.12
C ILE D 221 -28.99 -43.44 41.94
N GLU D 222 -29.02 -44.73 41.60
CA GLU D 222 -30.26 -45.47 41.30
C GLU D 222 -31.36 -45.27 42.35
N GLU D 223 -30.97 -45.31 43.62
CA GLU D 223 -31.94 -45.29 44.71
C GLU D 223 -32.32 -43.87 45.09
N ALA D 224 -31.43 -42.90 44.82
CA ALA D 224 -31.75 -41.49 45.04
C ALA D 224 -32.50 -40.84 43.87
N LEU D 225 -32.60 -41.54 42.73
CA LEU D 225 -32.97 -40.89 41.46
C LEU D 225 -34.46 -40.57 41.17
N PRO D 226 -35.37 -41.56 41.29
CA PRO D 226 -36.77 -41.34 40.82
C PRO D 226 -37.43 -40.05 41.34
N ASP D 227 -37.05 -39.60 42.51
CA ASP D 227 -37.59 -38.36 43.06
C ASP D 227 -36.67 -37.15 42.85
N THR D 228 -35.52 -37.35 42.21
CA THR D 228 -34.57 -36.25 41.94
C THR D 228 -35.12 -35.27 40.87
N ASP D 229 -35.14 -33.98 41.19
CA ASP D 229 -35.42 -32.93 40.20
C ASP D 229 -34.15 -32.38 39.54
N VAL D 230 -33.06 -32.33 40.30
CA VAL D 230 -31.75 -31.85 39.84
C VAL D 230 -30.67 -32.85 40.26
N LEU D 231 -30.11 -33.57 39.29
CA LEU D 231 -29.02 -34.50 39.57
C LEU D 231 -27.67 -33.81 39.28
N TYR D 232 -27.02 -33.37 40.35
CA TYR D 232 -25.83 -32.55 40.30
C TYR D 232 -24.57 -33.41 40.48
N MET D 233 -23.92 -33.71 39.37
CA MET D 233 -22.88 -34.73 39.31
C MET D 233 -21.48 -34.15 39.48
N THR D 234 -20.58 -34.95 40.08
CA THR D 234 -19.19 -34.57 40.29
C THR D 234 -18.26 -35.80 40.20
N ARG D 235 -17.02 -35.58 39.78
CA ARG D 235 -16.01 -36.65 39.73
C ARG D 235 -15.66 -37.16 41.11
N ILE D 236 -15.20 -38.40 41.17
CA ILE D 236 -14.72 -39.00 42.42
C ILE D 236 -13.20 -38.95 42.53
N GLN D 237 -12.51 -39.62 41.61
CA GLN D 237 -11.03 -39.73 41.63
C GLN D 237 -10.50 -40.59 42.78
N LYS D 238 -9.28 -41.08 42.64
CA LYS D 238 -8.72 -42.05 43.59
C LYS D 238 -7.24 -41.77 43.90
N PHE D 251 -17.47 -47.22 43.27
CA PHE D 251 -17.19 -46.99 41.86
C PHE D 251 -18.46 -46.77 41.04
N GLY D 252 -19.09 -47.86 40.60
CA GLY D 252 -20.23 -47.82 39.68
C GLY D 252 -21.52 -47.27 40.25
N GLN D 253 -21.56 -47.06 41.57
CA GLN D 253 -22.70 -46.42 42.22
C GLN D 253 -22.74 -44.88 42.06
N PHE D 254 -21.82 -44.32 41.27
CA PHE D 254 -21.69 -42.87 41.11
C PHE D 254 -21.45 -42.47 39.66
N ILE D 255 -21.81 -43.36 38.75
CA ILE D 255 -21.61 -43.15 37.34
C ILE D 255 -22.96 -43.13 36.69
N LEU D 256 -23.36 -41.95 36.21
CA LEU D 256 -24.62 -41.80 35.54
C LEU D 256 -24.46 -42.36 34.14
N THR D 257 -25.46 -43.13 33.72
CA THR D 257 -25.48 -43.82 32.45
C THR D 257 -26.88 -43.64 31.89
N PRO D 258 -27.07 -43.88 30.59
CA PRO D 258 -28.44 -43.83 30.03
C PRO D 258 -29.33 -44.96 30.57
N HIS D 259 -28.70 -46.09 30.93
CA HIS D 259 -29.36 -47.18 31.65
C HIS D 259 -30.00 -46.67 32.94
N ILE D 260 -29.19 -46.11 33.84
CA ILE D 260 -29.68 -45.57 35.13
C ILE D 260 -30.71 -44.46 34.94
N MET D 261 -30.57 -43.67 33.87
CA MET D 261 -31.49 -42.57 33.57
C MET D 261 -32.92 -42.98 33.28
N THR D 262 -33.17 -44.24 32.92
CA THR D 262 -34.53 -44.69 32.59
C THR D 262 -35.48 -44.57 33.78
N ARG D 263 -34.96 -44.06 34.90
CA ARG D 263 -35.68 -43.99 36.15
C ARG D 263 -35.94 -42.54 36.64
N ALA D 264 -35.00 -41.62 36.37
CA ALA D 264 -35.19 -40.19 36.65
C ALA D 264 -36.49 -39.67 36.06
N LYS D 265 -37.14 -38.76 36.77
CA LYS D 265 -38.37 -38.12 36.30
C LYS D 265 -38.21 -37.58 34.87
N LYS D 266 -39.33 -37.19 34.31
CA LYS D 266 -39.41 -36.79 32.91
C LYS D 266 -38.98 -35.31 32.78
N LYS D 267 -39.08 -34.57 33.87
CA LYS D 267 -38.96 -33.12 33.87
C LYS D 267 -37.61 -32.62 34.38
N MET D 268 -36.88 -33.49 35.05
CA MET D 268 -35.66 -33.13 35.78
C MET D 268 -34.49 -32.73 34.87
N VAL D 269 -33.40 -32.32 35.50
CA VAL D 269 -32.20 -31.92 34.77
C VAL D 269 -30.94 -32.46 35.44
N VAL D 270 -29.96 -32.85 34.62
CA VAL D 270 -28.67 -33.31 35.12
C VAL D 270 -27.63 -32.21 34.89
N MET D 271 -27.04 -31.79 36.00
CA MET D 271 -26.06 -30.72 36.00
C MET D 271 -24.70 -31.24 36.43
N HIS D 272 -23.67 -30.50 36.06
CA HIS D 272 -22.27 -30.89 36.31
C HIS D 272 -21.40 -29.66 36.14
N PRO D 273 -20.66 -29.25 37.19
CA PRO D 273 -19.88 -28.01 37.13
C PRO D 273 -18.69 -28.06 36.16
N MET D 274 -18.24 -29.28 35.86
CA MET D 274 -17.23 -29.60 34.83
C MET D 274 -15.86 -29.31 35.41
N PRO D 275 -14.80 -29.94 34.86
CA PRO D 275 -14.76 -31.03 33.87
C PRO D 275 -15.29 -32.36 34.38
N ARG D 276 -15.85 -33.16 33.49
CA ARG D 276 -16.10 -34.57 33.78
C ARG D 276 -14.98 -35.46 33.23
N VAL D 277 -14.85 -36.64 33.83
CA VAL D 277 -14.05 -37.72 33.27
C VAL D 277 -14.94 -38.96 33.18
N ASN D 278 -15.20 -39.60 34.32
CA ASN D 278 -15.95 -40.87 34.36
C ASN D 278 -17.45 -40.72 34.58
N GLU D 279 -17.79 -39.88 35.55
CA GLU D 279 -19.11 -39.84 36.18
C GLU D 279 -20.34 -39.70 35.26
N ILE D 280 -20.18 -39.22 34.04
CA ILE D 280 -21.29 -39.23 33.07
C ILE D 280 -20.86 -39.80 31.73
N SER D 281 -21.60 -40.82 31.29
CA SER D 281 -21.38 -41.44 30.00
C SER D 281 -21.77 -40.52 28.84
N VAL D 282 -20.92 -40.47 27.82
CA VAL D 282 -21.16 -39.62 26.68
C VAL D 282 -22.55 -39.81 26.05
N GLU D 283 -23.18 -40.96 26.25
CA GLU D 283 -24.49 -41.23 25.64
C GLU D 283 -25.66 -40.55 26.35
N VAL D 284 -25.41 -39.95 27.51
CA VAL D 284 -26.42 -39.14 28.19
C VAL D 284 -26.45 -37.69 27.63
N ASP D 285 -25.51 -37.35 26.74
CA ASP D 285 -25.41 -35.99 26.21
C ASP D 285 -26.60 -35.59 25.34
N SER D 286 -27.10 -36.51 24.52
CA SER D 286 -28.27 -36.22 23.68
C SER D 286 -29.60 -36.34 24.47
N ASP D 287 -29.53 -36.68 25.74
CA ASP D 287 -30.70 -36.62 26.62
C ASP D 287 -31.04 -35.13 26.82
N PRO D 288 -32.29 -34.72 26.52
CA PRO D 288 -32.66 -33.30 26.62
C PRO D 288 -32.62 -32.77 28.04
N ARG D 289 -32.63 -33.67 29.02
CA ARG D 289 -32.43 -33.31 30.39
C ARG D 289 -30.95 -33.05 30.72
N ALA D 290 -30.02 -33.49 29.86
CA ALA D 290 -28.59 -33.20 30.08
C ALA D 290 -28.29 -31.74 29.82
N ALA D 291 -27.89 -31.05 30.88
CA ALA D 291 -27.85 -29.59 30.93
C ALA D 291 -26.47 -29.05 31.26
N TYR D 292 -25.43 -29.89 31.19
CA TYR D 292 -24.12 -29.46 31.68
C TYR D 292 -23.38 -28.59 30.66
N PHE D 293 -23.84 -28.59 29.41
CA PHE D 293 -23.34 -27.65 28.42
C PHE D 293 -24.11 -26.33 28.43
N ARG D 294 -25.43 -26.39 28.55
CA ARG D 294 -26.24 -25.18 28.76
C ARG D 294 -25.81 -24.43 30.02
N GLN D 295 -25.46 -25.20 31.04
CA GLN D 295 -24.94 -24.66 32.30
C GLN D 295 -23.70 -23.78 32.10
N ALA D 296 -22.75 -24.26 31.31
CA ALA D 296 -21.50 -23.53 31.05
C ALA D 296 -21.73 -22.22 30.31
N GLU D 297 -22.62 -22.29 29.34
CA GLU D 297 -23.06 -21.11 28.62
C GLU D 297 -23.77 -20.08 29.50
N ASN D 298 -24.57 -20.55 30.45
CA ASN D 298 -25.20 -19.65 31.40
C ASN D 298 -24.13 -18.90 32.16
N GLY D 299 -23.03 -19.61 32.44
CA GLY D 299 -21.89 -19.03 33.14
C GLY D 299 -21.31 -17.82 32.45
N MET D 300 -21.20 -17.88 31.12
CA MET D 300 -20.70 -16.72 30.41
C MET D 300 -21.60 -15.54 30.68
N TYR D 301 -22.91 -15.77 30.60
CA TYR D 301 -23.89 -14.70 30.66
C TYR D 301 -24.05 -14.09 32.04
N ILE D 302 -23.94 -14.91 33.09
CA ILE D 302 -24.02 -14.35 34.45
C ILE D 302 -22.72 -13.59 34.70
N ARG D 303 -21.60 -14.15 34.27
CA ARG D 303 -20.34 -13.40 34.38
C ARG D 303 -20.40 -12.07 33.60
N MET D 304 -20.99 -12.09 32.41
CA MET D 304 -21.21 -10.84 31.68
C MET D 304 -22.01 -9.85 32.53
N ALA D 305 -23.07 -10.35 33.17
CA ALA D 305 -23.89 -9.56 34.10
C ALA D 305 -23.09 -9.02 35.31
N LEU D 306 -22.28 -9.87 35.93
CA LEU D 306 -21.50 -9.43 37.09
C LEU D 306 -20.50 -8.34 36.68
N LEU D 307 -19.83 -8.53 35.56
CA LEU D 307 -18.92 -7.51 35.02
C LEU D 307 -19.60 -6.18 34.76
N ALA D 308 -20.71 -6.24 34.02
CA ALA D 308 -21.47 -5.04 33.64
C ALA D 308 -21.94 -4.32 34.88
N THR D 309 -22.30 -5.12 35.88
CA THR D 309 -22.88 -4.65 37.12
C THR D 309 -21.81 -4.09 38.03
N VAL D 310 -20.75 -4.86 38.22
CA VAL D 310 -19.59 -4.39 39.01
C VAL D 310 -19.04 -3.07 38.46
N LEU D 311 -18.95 -2.95 37.14
CA LEU D 311 -18.56 -1.67 36.52
C LEU D 311 -19.70 -0.66 36.38
N GLY D 312 -20.88 -0.99 36.91
CA GLY D 312 -21.95 -0.02 37.13
C GLY D 312 -22.72 0.45 35.92
N ARG D 313 -22.77 -0.36 34.86
CA ARG D 313 -23.53 0.01 33.65
C ARG D 313 -24.93 -0.59 33.73
N PHE D 314 -25.03 -1.79 34.29
CA PHE D 314 -26.31 -2.50 34.39
C PHE D 314 -26.65 -2.83 35.84
N SER E 4 -28.43 -15.79 -3.18
CA SER E 4 -27.64 -14.98 -2.19
C SER E 4 -26.20 -14.80 -2.67
N PRO E 5 -25.56 -13.68 -2.28
CA PRO E 5 -24.18 -13.44 -2.68
C PRO E 5 -23.16 -14.33 -1.95
N LEU E 6 -23.62 -14.97 -0.86
CA LEU E 6 -22.88 -16.03 -0.19
C LEU E 6 -23.25 -17.42 -0.71
N LEU E 7 -23.72 -17.48 -1.97
CA LEU E 7 -24.11 -18.75 -2.61
C LEU E 7 -22.94 -19.73 -2.77
N HIS E 8 -21.71 -19.20 -2.77
CA HIS E 8 -20.51 -20.03 -2.76
C HIS E 8 -19.73 -19.91 -1.44
N SER E 9 -20.44 -19.59 -0.36
CA SER E 9 -19.86 -19.53 0.99
C SER E 9 -20.30 -20.73 1.81
N LEU E 10 -19.38 -21.27 2.60
CA LEU E 10 -19.66 -22.44 3.43
C LEU E 10 -20.08 -22.00 4.84
N VAL E 11 -21.20 -21.29 4.92
CA VAL E 11 -21.65 -20.69 6.18
C VAL E 11 -22.02 -21.73 7.23
N GLY E 12 -21.41 -21.59 8.41
CA GLY E 12 -21.62 -22.52 9.52
C GLY E 12 -21.11 -23.93 9.28
N GLN E 13 -20.23 -24.12 8.29
CA GLN E 13 -19.78 -25.46 7.97
C GLN E 13 -18.36 -25.69 8.46
N HIS E 14 -18.15 -26.87 9.05
CA HIS E 14 -16.84 -27.31 9.51
C HIS E 14 -15.90 -27.37 8.30
N ILE E 15 -14.77 -26.71 8.40
CA ILE E 15 -13.79 -26.70 7.31
C ILE E 15 -12.71 -27.68 7.73
N LEU E 16 -12.77 -28.89 7.18
CA LEU E 16 -11.83 -29.94 7.58
C LEU E 16 -10.78 -30.24 6.51
N SER E 17 -11.07 -29.97 5.23
CA SER E 17 -10.12 -30.22 4.14
C SER E 17 -10.39 -29.34 2.91
N VAL E 18 -9.34 -29.08 2.13
CA VAL E 18 -9.43 -28.16 0.98
C VAL E 18 -10.01 -28.85 -0.22
N GLN E 19 -9.77 -30.15 -0.30
CA GLN E 19 -10.40 -31.00 -1.31
C GLN E 19 -11.93 -31.05 -1.12
N GLN E 20 -12.47 -30.25 -0.18
CA GLN E 20 -13.91 -30.07 -0.09
C GLN E 20 -14.37 -28.76 -0.74
N PHE E 21 -13.43 -27.91 -1.19
CA PHE E 21 -13.76 -26.62 -1.85
C PHE E 21 -13.91 -26.73 -3.38
N THR E 22 -15.08 -26.37 -3.91
CA THR E 22 -15.18 -26.21 -5.38
C THR E 22 -14.32 -25.03 -5.82
N LYS E 23 -14.10 -24.94 -7.13
CA LYS E 23 -13.23 -23.93 -7.72
C LYS E 23 -13.84 -22.55 -7.55
N ASP E 24 -15.11 -22.44 -7.93
CA ASP E 24 -15.87 -21.22 -7.70
C ASP E 24 -16.07 -20.92 -6.21
N GLN E 25 -15.98 -21.94 -5.36
CA GLN E 25 -15.92 -21.71 -3.92
C GLN E 25 -14.57 -21.15 -3.48
N MET E 26 -13.48 -21.68 -4.05
CA MET E 26 -12.15 -21.21 -3.72
C MET E 26 -11.90 -19.85 -4.38
N SER E 27 -12.42 -19.69 -5.59
CA SER E 27 -12.30 -18.44 -6.33
C SER E 27 -13.00 -17.33 -5.57
N HIS E 28 -14.23 -17.61 -5.13
CA HIS E 28 -14.98 -16.69 -4.29
C HIS E 28 -14.19 -16.28 -3.07
N LEU E 29 -13.60 -17.25 -2.38
CA LEU E 29 -12.84 -16.97 -1.17
C LEU E 29 -11.62 -16.07 -1.46
N PHE E 30 -10.98 -16.33 -2.58
CA PHE E 30 -9.92 -15.43 -3.03
C PHE E 30 -10.46 -14.03 -3.27
N ASN E 31 -11.61 -13.91 -3.93
CA ASN E 31 -12.27 -12.61 -4.11
C ASN E 31 -12.49 -11.88 -2.77
N VAL E 32 -12.94 -12.60 -1.75
CA VAL E 32 -13.16 -12.01 -0.42
C VAL E 32 -11.83 -11.65 0.25
N ALA E 33 -10.84 -12.53 0.12
CA ALA E 33 -9.50 -12.26 0.66
C ALA E 33 -8.96 -10.92 0.17
N HIS E 34 -9.09 -10.66 -1.13
CA HIS E 34 -8.63 -9.40 -1.68
C HIS E 34 -9.48 -8.21 -1.24
N THR E 35 -10.80 -8.34 -1.36
CA THR E 35 -11.70 -7.23 -0.98
C THR E 35 -11.33 -6.74 0.42
N LEU E 36 -11.12 -7.70 1.31
CA LEU E 36 -10.75 -7.45 2.70
C LEU E 36 -9.38 -6.80 2.86
N ARG E 37 -8.38 -7.29 2.11
CA ARG E 37 -7.04 -6.67 2.14
C ARG E 37 -7.11 -5.22 1.74
N MET E 38 -7.87 -4.94 0.70
CA MET E 38 -7.98 -3.58 0.22
C MET E 38 -8.63 -2.70 1.27
N MET E 39 -9.56 -3.23 2.06
CA MET E 39 -10.17 -2.45 3.15
C MET E 39 -9.15 -2.12 4.23
N VAL E 40 -8.35 -3.13 4.61
CA VAL E 40 -7.27 -2.94 5.57
C VAL E 40 -6.28 -1.86 5.06
N GLN E 41 -5.98 -1.89 3.77
CA GLN E 41 -5.11 -0.88 3.15
C GLN E 41 -5.75 0.51 3.18
N LYS E 42 -7.06 0.57 2.94
CA LYS E 42 -7.78 1.84 2.97
C LYS E 42 -8.12 2.35 4.39
N GLU E 43 -7.91 1.52 5.41
CA GLU E 43 -8.48 1.72 6.76
C GLU E 43 -10.01 1.91 6.73
N ARG E 44 -10.68 1.15 5.88
CA ARG E 44 -12.15 1.13 5.84
C ARG E 44 -12.64 0.48 7.13
N SER E 45 -13.69 1.05 7.74
CA SER E 45 -14.17 0.54 9.01
C SER E 45 -14.69 -0.88 8.86
N LEU E 46 -13.94 -1.84 9.41
CA LEU E 46 -14.35 -3.25 9.40
C LEU E 46 -14.94 -3.67 10.74
N ASP E 47 -16.26 -3.55 10.85
CA ASP E 47 -17.02 -4.11 11.97
C ASP E 47 -17.68 -5.45 11.57
N ILE E 48 -17.06 -6.16 10.64
CA ILE E 48 -17.61 -7.39 10.06
C ILE E 48 -17.95 -8.46 11.10
N LEU E 49 -17.02 -8.75 12.01
CA LEU E 49 -17.26 -9.76 13.06
C LEU E 49 -17.27 -9.15 14.46
N LYS E 50 -17.57 -7.87 14.55
CA LYS E 50 -17.64 -7.20 15.84
C LYS E 50 -18.59 -7.95 16.74
N GLY E 51 -18.11 -8.26 17.95
CA GLY E 51 -18.85 -8.99 18.96
C GLY E 51 -18.69 -10.50 18.90
N LYS E 52 -17.99 -11.01 17.90
CA LYS E 52 -17.90 -12.45 17.68
C LYS E 52 -16.61 -12.97 18.24
N VAL E 53 -16.65 -14.25 18.64
CA VAL E 53 -15.56 -14.81 19.39
C VAL E 53 -15.05 -16.03 18.66
N MET E 54 -13.74 -16.11 18.54
CA MET E 54 -13.08 -17.25 17.94
C MET E 54 -12.39 -17.94 19.10
N ALA E 55 -12.50 -19.27 19.15
CA ALA E 55 -11.75 -20.09 20.12
C ALA E 55 -10.51 -20.66 19.45
N SER E 56 -9.33 -20.30 19.94
CA SER E 56 -8.06 -20.74 19.39
C SER E 56 -7.51 -21.91 20.18
N MET E 57 -7.60 -23.11 19.64
CA MET E 57 -7.21 -24.31 20.35
C MET E 57 -6.07 -25.05 19.62
N PHE E 58 -4.83 -24.79 20.05
CA PHE E 58 -3.63 -25.33 19.39
C PHE E 58 -2.83 -26.24 20.30
N TYR E 59 -2.93 -27.55 20.06
CA TYR E 59 -2.24 -28.55 20.89
C TYR E 59 -0.83 -28.86 20.39
N GLU E 60 -0.51 -28.44 19.17
CA GLU E 60 0.87 -28.40 18.71
C GLU E 60 1.21 -26.94 18.45
N VAL E 61 2.20 -26.44 19.19
CA VAL E 61 2.49 -25.00 19.24
C VAL E 61 2.93 -24.51 17.86
N SER E 62 1.94 -24.27 16.99
CA SER E 62 2.19 -23.75 15.65
C SER E 62 1.94 -22.25 15.71
N THR E 63 2.86 -21.56 16.39
CA THR E 63 2.68 -20.16 16.78
C THR E 63 2.60 -19.15 15.64
N ARG E 64 3.19 -19.47 14.49
CA ARG E 64 3.01 -18.66 13.28
C ARG E 64 1.58 -18.77 12.78
N THR E 65 1.01 -19.97 12.87
CA THR E 65 -0.31 -20.25 12.30
C THR E 65 -1.44 -19.74 13.20
N SER E 66 -1.22 -19.82 14.51
CA SER E 66 -2.17 -19.32 15.48
C SER E 66 -2.16 -17.80 15.48
N SER E 67 -0.99 -17.20 15.34
CA SER E 67 -0.90 -15.74 15.31
C SER E 67 -1.53 -15.18 14.04
N SER E 68 -1.51 -15.96 12.97
CA SER E 68 -2.09 -15.56 11.70
C SER E 68 -3.60 -15.47 11.83
N PHE E 69 -4.18 -16.55 12.33
CA PHE E 69 -5.60 -16.57 12.70
C PHE E 69 -5.99 -15.47 13.68
N ALA E 70 -5.18 -15.25 14.72
CA ALA E 70 -5.54 -14.25 15.73
C ALA E 70 -5.56 -12.89 15.11
N ALA E 71 -4.68 -12.68 14.13
CA ALA E 71 -4.60 -11.40 13.45
C ALA E 71 -5.84 -11.14 12.62
N ALA E 72 -6.27 -12.18 11.91
CA ALA E 72 -7.40 -12.14 11.01
C ALA E 72 -8.68 -11.81 11.75
N MET E 73 -8.88 -12.43 12.91
CA MET E 73 -10.12 -12.23 13.67
C MET E 73 -10.20 -10.78 14.17
N ALA E 74 -9.09 -10.30 14.73
CA ALA E 74 -9.01 -8.95 15.24
C ALA E 74 -9.18 -7.86 14.14
N ARG E 75 -8.62 -8.09 12.95
CA ARG E 75 -8.76 -7.11 11.84
C ARG E 75 -10.18 -7.00 11.34
N LEU E 76 -10.99 -8.04 11.59
CA LEU E 76 -12.41 -7.99 11.29
C LEU E 76 -13.24 -7.48 12.47
N GLY E 77 -12.61 -7.11 13.58
CA GLY E 77 -13.32 -6.58 14.71
C GLY E 77 -13.75 -7.62 15.75
N GLY E 78 -13.54 -8.91 15.47
CA GLY E 78 -13.84 -9.97 16.39
C GLY E 78 -12.97 -9.97 17.64
N ALA E 79 -13.00 -11.08 18.36
CA ALA E 79 -12.16 -11.28 19.53
C ALA E 79 -11.75 -12.72 19.56
N VAL E 80 -10.72 -13.01 20.36
CA VAL E 80 -10.08 -14.31 20.34
C VAL E 80 -9.88 -14.82 21.77
N LEU E 81 -10.19 -16.11 21.99
CA LEU E 81 -9.89 -16.78 23.27
C LEU E 81 -8.73 -17.74 23.11
N SER E 82 -7.63 -17.49 23.82
CA SER E 82 -6.50 -18.40 23.81
C SER E 82 -6.83 -19.63 24.65
N PHE E 83 -6.29 -20.78 24.25
CA PHE E 83 -6.52 -22.01 24.95
C PHE E 83 -5.19 -22.54 25.45
N SER E 84 -5.19 -23.11 26.66
CA SER E 84 -3.97 -23.56 27.29
C SER E 84 -4.06 -25.02 27.73
N GLU E 85 -3.30 -25.87 27.06
CA GLU E 85 -3.05 -27.23 27.53
C GLU E 85 -1.79 -27.80 26.89
N GLY E 93 -7.52 -35.49 31.83
CA GLY E 93 -8.89 -35.68 32.31
C GLY E 93 -9.92 -35.47 31.23
N GLU E 94 -10.39 -34.24 31.09
CA GLU E 94 -11.41 -33.90 30.11
C GLU E 94 -10.99 -34.34 28.70
N SER E 95 -11.98 -34.76 27.92
CA SER E 95 -11.74 -35.19 26.56
C SER E 95 -11.54 -33.98 25.65
N LEU E 96 -10.90 -34.24 24.52
CA LEU E 96 -10.77 -33.24 23.47
C LEU E 96 -12.13 -32.67 23.10
N ALA E 97 -13.06 -33.57 22.80
CA ALA E 97 -14.37 -33.18 22.32
C ALA E 97 -15.17 -32.42 23.37
N ASP E 98 -14.90 -32.67 24.65
CA ASP E 98 -15.54 -31.89 25.72
C ASP E 98 -15.06 -30.45 25.74
N SER E 99 -13.74 -30.27 25.71
CA SER E 99 -13.15 -28.91 25.68
C SER E 99 -13.71 -28.11 24.53
N VAL E 100 -13.78 -28.74 23.36
CA VAL E 100 -14.19 -28.06 22.14
C VAL E 100 -15.67 -27.75 22.15
N GLN E 101 -16.46 -28.67 22.69
CA GLN E 101 -17.86 -28.38 22.96
C GLN E 101 -18.00 -27.23 23.96
N THR E 102 -17.20 -27.24 25.02
CA THR E 102 -17.24 -26.21 26.06
C THR E 102 -16.80 -24.84 25.52
N MET E 103 -15.66 -24.77 24.81
CA MET E 103 -15.29 -23.56 24.06
C MET E 103 -16.43 -23.04 23.17
N SER E 104 -17.13 -23.96 22.52
CA SER E 104 -18.18 -23.58 21.58
C SER E 104 -19.43 -23.03 22.28
N CYS E 105 -19.52 -23.19 23.60
CA CYS E 105 -20.54 -22.50 24.41
C CYS E 105 -20.22 -21.00 24.52
N TYR E 106 -18.94 -20.68 24.48
CA TYR E 106 -18.42 -19.32 24.56
C TYR E 106 -18.15 -18.68 23.20
N ALA E 107 -17.70 -19.49 22.24
CA ALA E 107 -17.21 -19.04 20.94
C ALA E 107 -18.16 -19.30 19.78
N ASP E 108 -17.98 -18.52 18.72
CA ASP E 108 -18.76 -18.63 17.50
C ASP E 108 -18.10 -19.56 16.50
N VAL E 109 -16.81 -19.80 16.68
CA VAL E 109 -16.01 -20.65 15.79
C VAL E 109 -14.81 -21.12 16.56
N VAL E 110 -14.43 -22.36 16.30
CA VAL E 110 -13.31 -22.95 16.92
C VAL E 110 -12.28 -23.23 15.85
N VAL E 111 -11.09 -22.69 16.04
CA VAL E 111 -9.93 -23.07 15.23
C VAL E 111 -9.13 -24.05 16.09
N LEU E 112 -8.85 -25.22 15.54
CA LEU E 112 -8.29 -26.32 16.30
C LEU E 112 -7.15 -26.98 15.54
N ARG E 113 -5.98 -27.13 16.17
CA ARG E 113 -4.88 -27.91 15.59
C ARG E 113 -4.39 -28.96 16.58
N HIS E 114 -4.38 -30.21 16.15
CA HIS E 114 -4.07 -31.31 17.07
C HIS E 114 -3.40 -32.45 16.28
N PRO E 115 -2.28 -32.99 16.80
CA PRO E 115 -1.47 -33.98 16.05
C PRO E 115 -1.95 -35.45 15.99
N GLN E 116 -2.97 -35.80 16.76
CA GLN E 116 -3.42 -37.20 16.84
C GLN E 116 -4.39 -37.51 15.73
N PRO E 117 -4.11 -38.58 14.96
CA PRO E 117 -4.96 -39.03 13.86
C PRO E 117 -6.45 -39.05 14.19
N GLY E 118 -7.23 -38.30 13.41
CA GLY E 118 -8.67 -38.25 13.58
C GLY E 118 -9.21 -37.37 14.69
N ALA E 119 -8.34 -36.73 15.46
CA ALA E 119 -8.77 -35.95 16.64
C ALA E 119 -9.56 -34.69 16.23
N VAL E 120 -9.10 -33.97 15.20
CA VAL E 120 -9.84 -32.81 14.70
C VAL E 120 -11.27 -33.16 14.25
N GLU E 121 -11.40 -34.17 13.39
CA GLU E 121 -12.72 -34.61 12.92
C GLU E 121 -13.57 -35.07 14.12
N LEU E 122 -12.97 -35.84 15.01
CA LEU E 122 -13.61 -36.32 16.25
C LEU E 122 -14.19 -35.18 17.07
N ALA E 123 -13.43 -34.09 17.20
CA ALA E 123 -13.86 -32.92 17.94
C ALA E 123 -14.98 -32.14 17.24
N ALA E 124 -14.91 -32.04 15.93
CA ALA E 124 -15.92 -31.32 15.16
C ALA E 124 -17.19 -32.11 15.01
N LYS E 125 -17.09 -33.43 15.14
CA LYS E 125 -18.19 -34.32 14.83
C LYS E 125 -19.50 -33.86 15.42
N HIS E 126 -19.48 -33.68 16.72
CA HIS E 126 -20.69 -33.30 17.43
C HIS E 126 -20.60 -31.91 18.02
N CYS E 127 -19.68 -31.12 17.48
CA CYS E 127 -19.54 -29.75 17.91
C CYS E 127 -20.66 -28.94 17.33
N ARG E 128 -21.23 -28.07 18.17
CA ARG E 128 -22.35 -27.25 17.79
C ARG E 128 -21.91 -25.92 17.17
N ARG E 129 -20.61 -25.65 17.10
CA ARG E 129 -20.10 -24.49 16.37
C ARG E 129 -19.12 -24.97 15.29
N PRO E 130 -19.05 -24.22 14.17
CA PRO E 130 -18.13 -24.55 13.09
C PRO E 130 -16.69 -24.63 13.57
N VAL E 131 -15.98 -25.67 13.13
CA VAL E 131 -14.62 -25.96 13.50
C VAL E 131 -13.81 -25.83 12.23
N ILE E 132 -12.79 -24.98 12.27
CA ILE E 132 -11.81 -24.89 11.19
C ILE E 132 -10.53 -25.62 11.59
N ASN E 133 -10.22 -26.64 10.81
CA ASN E 133 -9.01 -27.43 10.92
C ASN E 133 -7.78 -26.56 10.66
N ALA E 134 -6.97 -26.35 11.68
CA ALA E 134 -5.73 -25.60 11.58
C ALA E 134 -4.53 -26.54 11.50
N GLY E 135 -4.79 -27.78 11.10
CA GLY E 135 -3.77 -28.82 10.99
C GLY E 135 -4.23 -30.06 11.75
N ASP E 136 -4.49 -31.14 11.02
CA ASP E 136 -4.85 -32.43 11.67
C ASP E 136 -3.76 -33.49 11.49
N GLY E 137 -3.94 -34.67 12.08
CA GLY E 137 -2.89 -35.69 12.10
C GLY E 137 -2.79 -36.58 10.88
N VAL E 138 -2.70 -35.96 9.70
CA VAL E 138 -2.56 -36.70 8.40
C VAL E 138 -1.94 -36.04 7.13
N GLY E 139 -1.57 -34.76 7.07
CA GLY E 139 -2.00 -33.67 7.93
C GLY E 139 -2.67 -32.56 7.16
N GLU E 140 -3.98 -32.70 6.95
CA GLU E 140 -4.80 -31.68 6.31
C GLU E 140 -4.64 -30.34 7.02
N HIS E 141 -4.16 -29.37 6.26
CA HIS E 141 -3.97 -28.00 6.72
C HIS E 141 -4.69 -27.11 5.71
N PRO E 142 -6.02 -26.98 5.84
CA PRO E 142 -6.79 -26.41 4.74
C PRO E 142 -6.38 -25.00 4.26
N THR E 143 -6.20 -24.08 5.20
CA THR E 143 -5.80 -22.72 4.85
C THR E 143 -4.34 -22.56 4.40
N GLN E 144 -3.43 -23.42 4.86
CA GLN E 144 -2.08 -23.42 4.30
C GLN E 144 -2.18 -23.73 2.79
N ALA E 145 -2.89 -24.79 2.42
CA ALA E 145 -3.04 -25.14 1.02
C ALA E 145 -3.69 -23.99 0.19
N LEU E 146 -4.78 -23.42 0.72
CA LEU E 146 -5.49 -22.32 0.07
C LEU E 146 -4.59 -21.09 -0.17
N LEU E 147 -3.77 -20.75 0.81
CA LEU E 147 -2.93 -19.57 0.74
C LEU E 147 -1.74 -19.81 -0.21
N ASP E 148 -1.21 -21.03 -0.21
CA ASP E 148 -0.19 -21.40 -1.19
C ASP E 148 -0.69 -21.19 -2.61
N ILE E 149 -1.92 -21.64 -2.89
CA ILE E 149 -2.55 -21.46 -4.19
C ILE E 149 -2.79 -19.98 -4.47
N PHE E 150 -3.34 -19.26 -3.48
CA PHE E 150 -3.59 -17.84 -3.62
C PHE E 150 -2.31 -17.08 -3.90
N THR E 151 -1.22 -17.47 -3.24
CA THR E 151 0.07 -16.80 -3.42
C THR E 151 0.66 -16.98 -4.83
N ILE E 152 0.53 -18.18 -5.39
CA ILE E 152 1.04 -18.50 -6.73
C ILE E 152 0.33 -17.61 -7.74
N ARG E 153 -0.97 -17.50 -7.54
CA ARG E 153 -1.81 -16.67 -8.35
C ARG E 153 -1.57 -15.17 -8.16
N GLU E 154 -1.33 -14.71 -6.93
CA GLU E 154 -0.99 -13.29 -6.74
C GLU E 154 0.32 -13.01 -7.48
N GLU E 155 1.30 -13.88 -7.27
CA GLU E 155 2.67 -13.65 -7.71
C GLU E 155 2.87 -13.82 -9.21
N LEU E 156 2.33 -14.90 -9.77
CA LEU E 156 2.54 -15.23 -11.19
C LEU E 156 1.38 -14.82 -12.07
N GLY E 157 0.19 -14.63 -11.49
CA GLY E 157 -0.98 -14.22 -12.27
C GLY E 157 -1.80 -15.38 -12.80
N THR E 158 -1.37 -16.60 -12.51
CA THR E 158 -2.03 -17.78 -13.00
C THR E 158 -1.51 -18.94 -12.17
N VAL E 159 -2.21 -20.08 -12.23
CA VAL E 159 -1.64 -21.31 -11.74
C VAL E 159 -1.48 -22.28 -12.91
N ASN E 160 -2.42 -22.25 -13.84
CA ASN E 160 -2.39 -23.14 -14.98
C ASN E 160 -1.11 -23.00 -15.84
N GLY E 161 -0.64 -24.13 -16.34
CA GLY E 161 0.57 -24.20 -17.15
C GLY E 161 1.88 -23.99 -16.40
N MET E 162 1.83 -23.86 -15.07
CA MET E 162 3.06 -23.58 -14.35
C MET E 162 3.82 -24.85 -13.96
N THR E 163 5.13 -24.69 -13.84
CA THR E 163 5.98 -25.76 -13.33
C THR E 163 6.30 -25.40 -11.88
N ILE E 164 6.09 -26.36 -10.99
CA ILE E 164 6.24 -26.15 -9.55
C ILE E 164 7.24 -27.17 -9.03
N THR E 165 8.34 -26.67 -8.48
CA THR E 165 9.38 -27.52 -7.96
C THR E 165 9.36 -27.50 -6.42
N MET E 166 9.03 -28.64 -5.86
CA MET E 166 9.04 -28.83 -4.42
C MET E 166 10.36 -29.42 -4.01
N VAL E 167 11.01 -28.76 -3.07
CA VAL E 167 12.32 -29.15 -2.60
C VAL E 167 12.17 -29.77 -1.22
N GLY E 168 13.20 -30.52 -0.82
CA GLY E 168 13.44 -30.87 0.57
C GLY E 168 12.83 -32.18 1.04
N ASP E 169 12.47 -32.22 2.33
CA ASP E 169 11.97 -33.45 2.96
C ASP E 169 10.57 -33.75 2.44
N LEU E 170 10.50 -34.28 1.21
CA LEU E 170 9.23 -34.60 0.58
C LEU E 170 8.56 -35.84 1.17
N LYS E 171 9.36 -36.81 1.60
CA LYS E 171 8.80 -37.98 2.30
C LYS E 171 7.97 -37.57 3.52
N HIS E 172 8.45 -36.58 4.27
CA HIS E 172 7.79 -36.19 5.52
C HIS E 172 6.99 -34.88 5.50
N GLY E 173 7.24 -34.04 4.50
CA GLY E 173 6.60 -32.71 4.41
C GLY E 173 5.10 -32.77 4.17
N ARG E 174 4.32 -32.35 5.15
CA ARG E 174 2.86 -32.46 5.11
C ARG E 174 2.23 -31.53 4.08
N THR E 175 2.72 -30.29 4.06
CA THR E 175 2.11 -29.24 3.25
C THR E 175 2.32 -29.52 1.76
N VAL E 176 3.51 -30.03 1.43
CA VAL E 176 3.81 -30.54 0.09
C VAL E 176 2.80 -31.58 -0.38
N HIS E 177 2.47 -32.53 0.48
CA HIS E 177 1.62 -33.66 0.10
C HIS E 177 0.21 -33.25 -0.30
N SER E 178 -0.39 -32.39 0.50
CA SER E 178 -1.76 -31.92 0.26
C SER E 178 -1.79 -30.89 -0.87
N LEU E 179 -0.77 -30.04 -0.93
CA LEU E 179 -0.63 -29.05 -2.01
C LEU E 179 -0.42 -29.73 -3.37
N ALA E 180 0.52 -30.67 -3.41
CA ALA E 180 0.81 -31.45 -4.60
C ALA E 180 -0.43 -32.18 -5.10
N CYS E 181 -1.22 -32.72 -4.17
CA CYS E 181 -2.54 -33.26 -4.52
C CYS E 181 -3.50 -32.15 -4.97
N LEU E 182 -3.49 -31.02 -4.26
CA LEU E 182 -4.38 -29.88 -4.60
C LEU E 182 -4.12 -29.32 -6.01
N LEU E 183 -2.88 -29.46 -6.48
CA LEU E 183 -2.49 -28.93 -7.79
C LEU E 183 -3.04 -29.69 -8.98
N THR E 184 -3.34 -30.97 -8.78
CA THR E 184 -3.84 -31.83 -9.85
C THR E 184 -5.20 -31.43 -10.39
N GLN E 185 -5.84 -30.44 -9.78
CA GLN E 185 -7.06 -29.83 -10.31
C GLN E 185 -6.78 -28.67 -11.26
N TYR E 186 -5.51 -28.30 -11.40
CA TYR E 186 -5.08 -27.30 -12.35
C TYR E 186 -4.22 -27.94 -13.44
N ARG E 187 -3.86 -27.18 -14.47
CA ARG E 187 -2.91 -27.66 -15.48
C ARG E 187 -1.51 -27.27 -15.06
N VAL E 188 -0.78 -28.20 -14.47
CA VAL E 188 0.55 -27.86 -13.98
C VAL E 188 1.52 -28.97 -14.27
N SER E 189 2.78 -28.69 -14.00
CA SER E 189 3.82 -29.67 -14.11
C SER E 189 4.61 -29.70 -12.82
N LEU E 190 4.54 -30.83 -12.15
CA LEU E 190 5.12 -30.97 -10.85
C LEU E 190 6.49 -31.57 -10.98
N ARG E 191 7.44 -30.97 -10.28
CA ARG E 191 8.79 -31.49 -10.13
C ARG E 191 9.16 -31.65 -8.65
N TYR E 192 9.98 -32.66 -8.37
CA TYR E 192 10.36 -33.02 -6.99
C TYR E 192 11.87 -33.09 -6.83
N VAL E 193 12.39 -32.32 -5.87
CA VAL E 193 13.79 -32.33 -5.55
C VAL E 193 13.93 -32.75 -4.10
N ALA E 194 14.08 -34.05 -3.88
CA ALA E 194 14.38 -34.61 -2.58
C ALA E 194 15.74 -35.32 -2.56
N PRO E 195 16.33 -35.48 -1.36
CA PRO E 195 17.37 -36.48 -1.23
C PRO E 195 16.91 -37.85 -1.72
N PRO E 196 17.86 -38.74 -2.04
CA PRO E 196 17.53 -40.08 -2.54
C PRO E 196 16.49 -40.83 -1.67
N SER E 197 16.75 -40.89 -0.36
CA SER E 197 15.85 -41.55 0.60
C SER E 197 14.50 -40.86 0.76
N LEU E 198 14.53 -39.53 0.91
CA LEU E 198 13.33 -38.76 1.27
C LEU E 198 12.47 -38.35 0.07
N ARG E 199 12.19 -39.30 -0.82
CA ARG E 199 11.38 -39.01 -2.01
C ARG E 199 9.97 -38.64 -1.62
N MET E 200 9.25 -38.06 -2.57
CA MET E 200 7.81 -37.93 -2.45
C MET E 200 7.30 -39.35 -2.29
N PRO E 201 6.53 -39.62 -1.20
CA PRO E 201 6.06 -40.97 -0.93
C PRO E 201 5.32 -41.60 -2.10
N PRO E 202 5.37 -42.94 -2.21
CA PRO E 202 4.66 -43.66 -3.27
C PRO E 202 3.13 -43.56 -3.18
N THR E 203 2.62 -43.16 -2.02
CA THR E 203 1.20 -42.83 -1.88
C THR E 203 0.84 -41.67 -2.81
N VAL E 204 1.62 -40.60 -2.72
CA VAL E 204 1.27 -39.34 -3.35
C VAL E 204 1.54 -39.42 -4.84
N ARG E 205 2.76 -39.82 -5.18
CA ARG E 205 3.18 -39.98 -6.58
C ARG E 205 2.16 -40.79 -7.39
N ALA E 206 1.67 -41.86 -6.78
CA ALA E 206 0.71 -42.77 -7.42
C ALA E 206 -0.62 -42.13 -7.79
N PHE E 207 -1.08 -41.17 -6.99
CA PHE E 207 -2.39 -40.51 -7.19
C PHE E 207 -2.36 -39.35 -8.19
N VAL E 208 -1.26 -38.59 -8.21
CA VAL E 208 -1.09 -37.47 -9.13
C VAL E 208 -0.98 -37.98 -10.58
N ALA E 209 -0.33 -39.12 -10.74
CA ALA E 209 -0.36 -39.86 -12.01
C ALA E 209 -1.80 -40.16 -12.42
N SER E 210 -2.55 -40.74 -11.49
CA SER E 210 -3.95 -41.13 -11.75
C SER E 210 -4.86 -39.97 -12.12
N ARG E 211 -4.43 -38.73 -11.84
CA ARG E 211 -5.25 -37.54 -12.07
C ARG E 211 -4.87 -36.67 -13.27
N GLY E 212 -3.79 -37.02 -13.97
CA GLY E 212 -3.42 -36.35 -15.23
C GLY E 212 -2.06 -35.67 -15.18
N THR E 213 -1.89 -34.78 -14.21
CA THR E 213 -0.64 -34.06 -13.99
C THR E 213 0.63 -34.87 -14.23
N LYS E 214 1.62 -34.22 -14.81
CA LYS E 214 2.95 -34.80 -14.99
C LYS E 214 3.80 -34.61 -13.73
N GLN E 215 4.63 -35.61 -13.42
CA GLN E 215 5.59 -35.57 -12.32
C GLN E 215 6.99 -35.93 -12.83
N GLU E 216 8.02 -35.42 -12.15
CA GLU E 216 9.39 -35.64 -12.55
C GLU E 216 10.37 -35.39 -11.38
N GLU E 217 11.07 -36.43 -10.95
CA GLU E 217 12.06 -36.30 -9.87
C GLU E 217 13.40 -35.79 -10.36
N PHE E 218 13.98 -34.86 -9.61
CA PHE E 218 15.33 -34.35 -9.83
C PHE E 218 16.12 -34.53 -8.55
N GLU E 219 17.42 -34.23 -8.62
CA GLU E 219 18.33 -34.51 -7.48
C GLU E 219 18.97 -33.24 -6.92
N SER E 220 18.55 -32.09 -7.42
CA SER E 220 19.22 -30.84 -7.13
C SER E 220 18.42 -29.66 -7.66
N ILE E 221 18.55 -28.52 -6.98
CA ILE E 221 17.77 -27.33 -7.37
C ILE E 221 18.35 -26.72 -8.64
N GLU E 222 19.67 -26.53 -8.65
CA GLU E 222 20.39 -26.04 -9.83
C GLU E 222 19.90 -26.76 -11.07
N GLU E 223 19.77 -28.08 -10.93
CA GLU E 223 19.27 -28.94 -11.99
C GLU E 223 17.86 -28.55 -12.41
N ALA E 224 16.95 -28.47 -11.43
CA ALA E 224 15.53 -28.27 -11.70
C ALA E 224 15.12 -26.84 -12.02
N LEU E 225 15.96 -25.88 -11.65
CA LEU E 225 15.55 -24.48 -11.57
C LEU E 225 15.26 -23.75 -12.89
N PRO E 226 16.07 -23.97 -13.96
CA PRO E 226 15.79 -23.31 -15.23
C PRO E 226 14.34 -23.36 -15.69
N ASP E 227 13.67 -24.50 -15.52
CA ASP E 227 12.29 -24.66 -15.97
C ASP E 227 11.25 -24.57 -14.85
N THR E 228 11.61 -23.88 -13.77
CA THR E 228 10.75 -23.79 -12.57
C THR E 228 10.08 -22.42 -12.47
N ASP E 229 8.75 -22.38 -12.44
CA ASP E 229 8.02 -21.13 -12.19
C ASP E 229 7.77 -20.91 -10.67
N VAL E 230 7.45 -21.97 -9.93
CA VAL E 230 7.28 -21.88 -8.46
C VAL E 230 8.31 -22.80 -7.80
N LEU E 231 9.27 -22.24 -7.10
CA LEU E 231 10.14 -23.05 -6.26
C LEU E 231 9.55 -23.12 -4.84
N TYR E 232 8.84 -24.21 -4.55
CA TYR E 232 8.27 -24.40 -3.21
C TYR E 232 9.26 -25.12 -2.27
N MET E 233 10.02 -24.33 -1.52
CA MET E 233 11.06 -24.85 -0.65
C MET E 233 10.46 -25.39 0.64
N THR E 234 11.21 -26.32 1.25
CA THR E 234 10.83 -26.92 2.53
C THR E 234 12.09 -27.34 3.29
N ARG E 235 11.93 -27.72 4.56
CA ARG E 235 13.04 -28.10 5.42
C ARG E 235 13.53 -29.50 5.11
N ILE E 236 14.79 -29.75 5.45
CA ILE E 236 15.35 -31.10 5.43
C ILE E 236 15.82 -31.57 6.81
N GLN E 237 16.63 -30.76 7.50
CA GLN E 237 17.15 -31.07 8.85
C GLN E 237 18.05 -32.32 8.94
N LYS E 238 18.96 -32.30 9.91
CA LYS E 238 19.91 -33.38 10.18
C LYS E 238 19.40 -34.83 10.09
N GLU E 239 18.49 -35.18 10.99
CA GLU E 239 18.19 -36.59 11.34
C GLU E 239 17.35 -37.40 10.36
N ARG E 240 16.96 -36.80 9.24
CA ARG E 240 16.08 -37.44 8.26
C ARG E 240 16.84 -38.16 7.16
N PHE E 241 18.07 -37.73 6.91
CA PHE E 241 18.90 -38.36 5.89
C PHE E 241 19.13 -39.84 6.14
N GLY E 242 19.57 -40.18 7.35
CA GLY E 242 19.85 -41.57 7.72
C GLY E 242 21.16 -42.05 7.13
N TYR E 247 24.00 -37.69 5.24
CA TYR E 247 23.74 -36.26 5.21
C TYR E 247 24.86 -35.42 4.56
N GLU E 248 26.11 -35.76 4.84
CA GLU E 248 27.28 -34.99 4.37
C GLU E 248 27.31 -34.77 2.85
N ALA E 249 27.11 -35.84 2.08
CA ALA E 249 27.35 -35.83 0.64
C ALA E 249 26.40 -34.96 -0.17
N CYS E 250 25.15 -34.84 0.28
CA CYS E 250 24.08 -34.27 -0.53
C CYS E 250 23.42 -33.04 0.10
N PHE E 251 24.00 -32.48 1.17
CA PHE E 251 23.31 -31.40 1.90
C PHE E 251 23.30 -30.06 1.17
N GLY E 252 24.35 -29.78 0.40
CA GLY E 252 24.49 -28.50 -0.30
C GLY E 252 23.52 -28.30 -1.46
N GLN E 253 23.07 -29.39 -2.06
CA GLN E 253 22.25 -29.30 -3.27
C GLN E 253 20.80 -28.87 -3.04
N PHE E 254 20.35 -28.86 -1.79
CA PHE E 254 18.95 -28.58 -1.48
C PHE E 254 18.78 -27.28 -0.74
N ILE E 255 19.71 -26.36 -0.99
CA ILE E 255 19.78 -25.10 -0.29
C ILE E 255 19.76 -23.97 -1.31
N LEU E 256 19.05 -22.89 -1.00
CA LEU E 256 18.89 -21.77 -1.90
C LEU E 256 19.81 -20.63 -1.47
N THR E 257 20.66 -20.21 -2.40
CA THR E 257 21.56 -19.08 -2.23
C THR E 257 21.31 -18.17 -3.43
N PRO E 258 21.85 -16.94 -3.41
CA PRO E 258 21.63 -16.09 -4.59
C PRO E 258 22.38 -16.62 -5.81
N HIS E 259 23.49 -17.33 -5.56
CA HIS E 259 24.25 -17.97 -6.63
C HIS E 259 23.40 -18.98 -7.37
N ILE E 260 22.72 -19.86 -6.64
CA ILE E 260 21.79 -20.82 -7.25
C ILE E 260 20.72 -20.09 -8.09
N MET E 261 20.28 -18.93 -7.60
CA MET E 261 19.22 -18.15 -8.23
C MET E 261 19.59 -17.44 -9.54
N THR E 262 20.86 -17.48 -9.95
CA THR E 262 21.22 -16.89 -11.26
C THR E 262 20.66 -17.73 -12.39
N ARG E 263 20.49 -19.02 -12.16
CA ARG E 263 19.87 -19.94 -13.14
C ARG E 263 18.32 -19.87 -13.20
N ALA E 264 17.68 -18.98 -12.41
CA ALA E 264 16.23 -18.87 -12.39
C ALA E 264 15.67 -17.89 -13.40
N LYS E 265 14.42 -18.14 -13.80
CA LYS E 265 13.63 -17.19 -14.59
C LYS E 265 13.52 -15.85 -13.91
N LYS E 266 13.08 -14.86 -14.66
CA LYS E 266 12.76 -13.56 -14.09
C LYS E 266 11.31 -13.54 -13.61
N LYS E 267 10.45 -14.29 -14.29
CA LYS E 267 9.08 -14.52 -13.84
C LYS E 267 8.98 -15.84 -13.09
N MET E 268 9.30 -15.80 -11.81
CA MET E 268 9.39 -17.01 -11.04
C MET E 268 9.21 -16.65 -9.57
N VAL E 269 8.66 -17.56 -8.78
CA VAL E 269 8.52 -17.29 -7.35
C VAL E 269 9.14 -18.38 -6.47
N VAL E 270 9.86 -17.96 -5.42
CA VAL E 270 10.26 -18.88 -4.38
C VAL E 270 9.38 -18.68 -3.15
N MET E 271 8.78 -19.78 -2.72
CA MET E 271 7.88 -19.83 -1.61
C MET E 271 8.43 -20.78 -0.57
N HIS E 272 7.87 -20.65 0.64
CA HIS E 272 8.21 -21.48 1.77
C HIS E 272 7.12 -21.33 2.83
N PRO E 273 6.51 -22.47 3.29
CA PRO E 273 5.50 -22.35 4.32
C PRO E 273 6.05 -21.75 5.62
N MET E 274 7.31 -22.11 5.93
CA MET E 274 8.14 -21.52 6.98
C MET E 274 7.75 -22.18 8.31
N PRO E 275 8.63 -22.12 9.32
CA PRO E 275 9.89 -21.41 9.38
C PRO E 275 10.98 -22.08 8.58
N ARG E 276 11.98 -21.30 8.22
CA ARG E 276 13.09 -21.79 7.43
C ARG E 276 14.37 -21.53 8.19
N VAL E 277 15.37 -22.36 7.93
CA VAL E 277 16.64 -22.32 8.65
C VAL E 277 17.75 -22.20 7.62
N ASN E 278 18.44 -23.30 7.32
CA ASN E 278 19.55 -23.30 6.36
C ASN E 278 19.10 -23.12 4.91
N GLU E 279 17.99 -23.76 4.56
CA GLU E 279 17.60 -23.99 3.17
C GLU E 279 17.31 -22.76 2.30
N ILE E 280 17.15 -21.59 2.91
CA ILE E 280 17.12 -20.34 2.14
C ILE E 280 18.03 -19.30 2.80
N SER E 281 19.14 -19.04 2.15
CA SER E 281 20.12 -18.06 2.63
C SER E 281 19.49 -16.68 2.82
N VAL E 282 19.95 -15.99 3.86
CA VAL E 282 19.41 -14.71 4.27
C VAL E 282 19.60 -13.65 3.16
N GLU E 283 20.59 -13.90 2.30
CA GLU E 283 20.94 -13.01 1.19
C GLU E 283 19.89 -13.04 0.08
N VAL E 284 19.09 -14.10 0.05
CA VAL E 284 18.02 -14.22 -0.95
C VAL E 284 16.81 -13.29 -0.65
N ASP E 285 16.66 -12.86 0.59
CA ASP E 285 15.44 -12.15 1.01
C ASP E 285 15.22 -10.84 0.26
N SER E 286 16.30 -10.15 -0.10
CA SER E 286 16.19 -8.92 -0.88
C SER E 286 15.79 -9.17 -2.36
N ASP E 287 15.92 -10.42 -2.82
CA ASP E 287 15.54 -10.77 -4.20
C ASP E 287 14.02 -10.67 -4.32
N PRO E 288 13.52 -9.90 -5.31
CA PRO E 288 12.06 -9.71 -5.52
C PRO E 288 11.26 -10.96 -5.91
N ARG E 289 11.93 -12.05 -6.23
CA ARG E 289 11.24 -13.30 -6.51
C ARG E 289 10.93 -14.09 -5.24
N ALA E 290 11.41 -13.62 -4.08
CA ALA E 290 11.25 -14.29 -2.80
C ALA E 290 9.96 -13.81 -2.10
N ALA E 291 8.96 -14.67 -2.09
CA ALA E 291 7.58 -14.29 -1.74
C ALA E 291 7.07 -14.96 -0.48
N TYR E 292 7.98 -15.57 0.28
CA TYR E 292 7.60 -16.40 1.44
C TYR E 292 7.10 -15.55 2.61
N PHE E 293 7.54 -14.30 2.71
CA PHE E 293 6.97 -13.41 3.71
C PHE E 293 5.62 -12.84 3.23
N ARG E 294 5.52 -12.49 1.96
CA ARG E 294 4.24 -12.13 1.33
C ARG E 294 3.21 -13.27 1.39
N GLN E 295 3.72 -14.50 1.33
CA GLN E 295 2.91 -15.70 1.50
C GLN E 295 2.35 -15.76 2.93
N ALA E 296 3.17 -15.36 3.90
CA ALA E 296 2.73 -15.27 5.30
C ALA E 296 1.60 -14.24 5.45
N GLU E 297 1.83 -13.02 4.95
CA GLU E 297 0.78 -11.99 4.93
C GLU E 297 -0.48 -12.43 4.16
N ASN E 298 -0.28 -13.15 3.06
CA ASN E 298 -1.40 -13.73 2.31
C ASN E 298 -2.24 -14.67 3.16
N GLY E 299 -1.59 -15.43 4.04
CA GLY E 299 -2.30 -16.35 4.91
C GLY E 299 -3.30 -15.63 5.80
N MET E 300 -2.96 -14.43 6.25
CA MET E 300 -3.84 -13.67 7.16
C MET E 300 -5.12 -13.28 6.44
N TYR E 301 -4.99 -12.88 5.17
CA TYR E 301 -6.14 -12.46 4.38
C TYR E 301 -7.02 -13.63 3.95
N ILE E 302 -6.41 -14.78 3.70
CA ILE E 302 -7.18 -16.00 3.41
C ILE E 302 -8.00 -16.37 4.65
N ARG E 303 -7.38 -16.22 5.82
CA ARG E 303 -8.06 -16.51 7.09
C ARG E 303 -9.18 -15.57 7.49
N MET E 304 -9.07 -14.29 7.12
CA MET E 304 -10.15 -13.35 7.35
C MET E 304 -11.35 -13.74 6.49
N ALA E 305 -11.08 -14.04 5.22
CA ALA E 305 -12.10 -14.51 4.29
C ALA E 305 -12.78 -15.74 4.82
N LEU E 306 -12.00 -16.65 5.38
CA LEU E 306 -12.55 -17.89 5.88
C LEU E 306 -13.40 -17.64 7.10
N LEU E 307 -12.84 -16.92 8.06
CA LEU E 307 -13.58 -16.59 9.28
C LEU E 307 -14.87 -15.85 8.95
N ALA E 308 -14.79 -14.87 8.03
CA ALA E 308 -15.94 -14.03 7.65
C ALA E 308 -16.99 -14.76 6.83
N THR E 309 -16.54 -15.77 6.10
CA THR E 309 -17.40 -16.56 5.23
C THR E 309 -18.15 -17.61 6.07
N VAL E 310 -17.43 -18.26 6.97
CA VAL E 310 -18.01 -19.25 7.88
C VAL E 310 -19.06 -18.63 8.79
N LEU E 311 -18.82 -17.39 9.23
CA LEU E 311 -19.73 -16.70 10.15
C LEU E 311 -20.81 -15.83 9.52
N GLY E 312 -21.11 -16.04 8.24
CA GLY E 312 -22.25 -15.40 7.57
C GLY E 312 -22.18 -13.90 7.31
N ARG E 313 -21.00 -13.40 6.92
CA ARG E 313 -20.85 -11.98 6.59
C ARG E 313 -20.41 -11.76 5.16
N PHE E 314 -19.92 -12.83 4.53
CA PHE E 314 -19.67 -12.87 3.10
C PHE E 314 -20.13 -14.23 2.61
N PRO F 5 3.38 20.00 13.28
CA PRO F 5 2.23 19.05 13.14
C PRO F 5 2.60 17.66 13.70
N LEU F 6 3.03 16.75 12.83
CA LEU F 6 3.60 15.48 13.26
C LEU F 6 5.13 15.62 13.20
N LEU F 7 5.57 16.86 13.34
CA LEU F 7 6.97 17.26 13.30
C LEU F 7 7.67 16.87 14.60
N HIS F 8 6.87 16.58 15.62
CA HIS F 8 7.36 16.20 16.94
C HIS F 8 7.30 14.68 17.18
N SER F 9 6.64 13.94 16.28
CA SER F 9 6.44 12.50 16.47
C SER F 9 7.41 11.65 15.66
N LEU F 10 7.63 10.42 16.13
CA LEU F 10 8.49 9.46 15.46
C LEU F 10 7.68 8.49 14.61
N VAL F 11 6.92 9.03 13.66
CA VAL F 11 6.03 8.23 12.82
C VAL F 11 6.83 7.26 11.96
N GLY F 12 6.56 5.97 12.12
CA GLY F 12 7.22 4.92 11.34
C GLY F 12 8.54 4.41 11.92
N GLN F 13 9.04 5.03 12.99
CA GLN F 13 10.40 4.81 13.47
C GLN F 13 10.52 3.67 14.45
N HIS F 14 11.64 2.95 14.40
CA HIS F 14 12.02 2.06 15.47
C HIS F 14 12.32 2.92 16.71
N ILE F 15 11.91 2.43 17.88
CA ILE F 15 12.12 3.14 19.14
C ILE F 15 13.09 2.30 19.97
N LEU F 16 14.40 2.56 19.82
CA LEU F 16 15.40 1.69 20.42
C LEU F 16 16.09 2.29 21.64
N SER F 17 16.26 3.60 21.67
CA SER F 17 16.89 4.28 22.79
C SER F 17 16.22 5.61 23.12
N VAL F 18 16.30 6.01 24.39
CA VAL F 18 15.85 7.35 24.77
C VAL F 18 16.76 8.43 24.25
N GLN F 19 17.96 8.05 23.83
CA GLN F 19 18.89 9.00 23.23
C GLN F 19 18.43 9.54 21.88
N GLN F 20 17.46 8.88 21.25
CA GLN F 20 16.96 9.37 19.96
C GLN F 20 15.81 10.37 20.15
N PHE F 21 15.55 10.77 21.40
CA PHE F 21 14.54 11.78 21.72
C PHE F 21 15.20 13.13 22.04
N THR F 22 14.67 14.21 21.48
CA THR F 22 15.11 15.56 21.84
C THR F 22 14.24 16.09 22.96
N LYS F 23 14.57 17.29 23.43
CA LYS F 23 13.71 18.05 24.35
C LYS F 23 12.30 18.10 23.80
N ASP F 24 12.17 18.59 22.58
CA ASP F 24 10.85 18.77 21.94
C ASP F 24 10.05 17.48 21.82
N GLN F 25 10.68 16.39 21.37
CA GLN F 25 9.97 15.14 21.12
C GLN F 25 9.42 14.49 22.40
N MET F 26 10.22 14.54 23.45
CA MET F 26 9.82 14.05 24.76
C MET F 26 8.67 14.89 25.30
N SER F 27 8.81 16.20 25.13
CA SER F 27 7.79 17.16 25.56
C SER F 27 6.47 16.87 24.88
N HIS F 28 6.53 16.48 23.61
CA HIS F 28 5.33 16.17 22.87
C HIS F 28 4.65 14.93 23.41
N LEU F 29 5.46 13.92 23.70
CA LEU F 29 5.02 12.61 24.19
C LEU F 29 4.41 12.67 25.60
N PHE F 30 4.99 13.51 26.44
CA PHE F 30 4.43 13.79 27.77
C PHE F 30 3.08 14.48 27.69
N ASN F 31 2.93 15.43 26.77
CA ASN F 31 1.67 16.15 26.62
C ASN F 31 0.60 15.24 26.05
N VAL F 32 1.00 14.30 25.18
CA VAL F 32 0.06 13.35 24.58
C VAL F 32 -0.42 12.32 25.60
N ALA F 33 0.51 11.75 26.36
CA ALA F 33 0.15 10.86 27.46
C ALA F 33 -0.85 11.58 28.36
N HIS F 34 -0.50 12.80 28.76
CA HIS F 34 -1.40 13.65 29.49
C HIS F 34 -2.77 13.74 28.81
N THR F 35 -2.75 14.08 27.53
CA THR F 35 -3.97 14.24 26.75
C THR F 35 -4.78 12.94 26.75
N LEU F 36 -4.11 11.85 26.39
CA LEU F 36 -4.77 10.55 26.33
C LEU F 36 -5.34 10.13 27.70
N ARG F 37 -4.61 10.41 28.79
CA ARG F 37 -5.09 10.11 30.17
C ARG F 37 -6.42 10.80 30.47
N MET F 38 -6.48 12.09 30.17
CA MET F 38 -7.69 12.85 30.38
C MET F 38 -8.87 12.32 29.57
N MET F 39 -8.63 11.98 28.30
CA MET F 39 -9.67 11.39 27.44
C MET F 39 -10.21 10.08 28.04
N VAL F 40 -9.31 9.28 28.60
CA VAL F 40 -9.70 8.06 29.31
C VAL F 40 -10.54 8.38 30.56
N GLN F 41 -10.13 9.40 31.32
CA GLN F 41 -10.85 9.80 32.52
C GLN F 41 -12.30 10.20 32.20
N LYS F 42 -12.48 11.00 31.15
CA LYS F 42 -13.80 11.47 30.74
C LYS F 42 -14.58 10.43 29.93
N GLU F 43 -14.10 9.17 29.92
CA GLU F 43 -14.82 8.02 29.34
C GLU F 43 -15.09 8.17 27.84
N ARG F 44 -14.11 8.69 27.12
CA ARG F 44 -14.26 8.97 25.70
C ARG F 44 -14.00 7.73 24.84
N SER F 45 -14.93 7.46 23.93
CA SER F 45 -14.85 6.28 23.05
C SER F 45 -13.57 6.41 22.21
N LEU F 46 -12.49 5.78 22.66
CA LEU F 46 -11.21 5.88 21.93
C LEU F 46 -11.03 4.76 20.90
N ASP F 47 -11.19 5.12 19.63
CA ASP F 47 -10.86 4.21 18.54
C ASP F 47 -9.67 4.76 17.74
N ILE F 48 -8.73 5.37 18.45
CA ILE F 48 -7.54 5.95 17.84
C ILE F 48 -6.71 4.90 17.08
N LEU F 49 -6.53 3.72 17.66
CA LEU F 49 -5.82 2.64 16.98
C LEU F 49 -6.73 1.48 16.58
N LYS F 50 -8.00 1.80 16.33
CA LYS F 50 -8.92 0.87 15.72
C LYS F 50 -8.41 0.61 14.30
N GLY F 51 -8.35 -0.67 13.94
CA GLY F 51 -7.79 -1.09 12.67
C GLY F 51 -6.30 -1.40 12.77
N LYS F 52 -5.77 -1.33 13.99
CA LYS F 52 -4.35 -1.54 14.22
C LYS F 52 -4.10 -2.79 15.05
N VAL F 53 -2.95 -3.40 14.84
CA VAL F 53 -2.55 -4.59 15.56
C VAL F 53 -1.13 -4.41 16.09
N MET F 54 -0.91 -4.86 17.33
CA MET F 54 0.41 -4.83 17.96
C MET F 54 0.86 -6.26 18.26
N ALA F 55 2.04 -6.64 17.79
CA ALA F 55 2.67 -7.91 18.18
C ALA F 55 3.52 -7.70 19.43
N SER F 56 3.27 -8.51 20.46
CA SER F 56 4.00 -8.42 21.75
C SER F 56 4.93 -9.60 21.88
N MET F 57 6.23 -9.36 21.86
CA MET F 57 7.21 -10.43 21.83
C MET F 57 8.18 -10.27 22.99
N PHE F 58 7.93 -11.04 24.05
CA PHE F 58 8.67 -10.91 25.29
C PHE F 58 9.43 -12.19 25.54
N TYR F 59 10.71 -12.18 25.16
CA TYR F 59 11.60 -13.33 25.33
C TYR F 59 12.19 -13.42 26.74
N GLU F 60 12.07 -12.36 27.51
CA GLU F 60 12.29 -12.44 28.94
C GLU F 60 11.03 -11.95 29.60
N VAL F 61 10.80 -12.41 30.82
CA VAL F 61 9.61 -12.05 31.54
C VAL F 61 9.78 -10.63 32.07
N SER F 62 8.68 -9.88 32.08
CA SER F 62 8.62 -8.55 32.73
C SER F 62 7.16 -8.13 32.78
N THR F 63 6.44 -8.70 33.74
CA THR F 63 4.97 -8.61 33.75
C THR F 63 4.55 -7.15 33.76
N ARG F 64 5.45 -6.30 34.24
CA ARG F 64 5.16 -4.87 34.38
C ARG F 64 5.17 -4.21 33.02
N THR F 65 6.16 -4.55 32.20
CA THR F 65 6.29 -3.97 30.88
C THR F 65 5.21 -4.51 29.92
N SER F 66 5.15 -5.83 29.80
CA SER F 66 4.23 -6.48 28.85
C SER F 66 2.73 -6.19 29.08
N SER F 67 2.27 -6.32 30.32
CA SER F 67 0.87 -5.99 30.64
C SER F 67 0.61 -4.52 30.32
N SER F 68 1.63 -3.69 30.50
CA SER F 68 1.48 -2.25 30.25
C SER F 68 1.19 -1.94 28.78
N PHE F 69 2.00 -2.47 27.88
CA PHE F 69 1.77 -2.26 26.45
C PHE F 69 0.42 -2.82 25.97
N ALA F 70 -0.04 -3.93 26.53
CA ALA F 70 -1.30 -4.50 26.09
C ALA F 70 -2.42 -3.59 26.51
N ALA F 71 -2.32 -3.08 27.74
CA ALA F 71 -3.34 -2.18 28.27
C ALA F 71 -3.46 -0.92 27.42
N ALA F 72 -2.32 -0.30 27.18
CA ALA F 72 -2.26 0.90 26.36
C ALA F 72 -2.88 0.64 24.98
N MET F 73 -2.49 -0.46 24.37
CA MET F 73 -3.04 -0.85 23.06
C MET F 73 -4.56 -0.98 23.09
N ALA F 74 -5.05 -1.77 24.06
CA ALA F 74 -6.48 -2.01 24.23
C ALA F 74 -7.32 -0.74 24.47
N ARG F 75 -6.71 0.28 25.05
CA ARG F 75 -7.43 1.52 25.38
C ARG F 75 -7.40 2.53 24.23
N LEU F 76 -6.45 2.39 23.31
CA LEU F 76 -6.50 3.12 22.05
C LEU F 76 -7.49 2.47 21.07
N GLY F 77 -7.96 1.27 21.40
CA GLY F 77 -8.91 0.54 20.59
C GLY F 77 -8.28 -0.50 19.68
N GLY F 78 -7.01 -0.85 19.93
CA GLY F 78 -6.29 -1.79 19.09
C GLY F 78 -6.12 -3.18 19.68
N ALA F 79 -5.61 -4.10 18.86
CA ALA F 79 -5.41 -5.48 19.27
C ALA F 79 -3.96 -5.79 19.58
N VAL F 80 -3.75 -6.85 20.36
CA VAL F 80 -2.45 -7.30 20.81
C VAL F 80 -2.28 -8.79 20.50
N LEU F 81 -1.29 -9.13 19.67
CA LEU F 81 -0.92 -10.53 19.45
C LEU F 81 0.19 -10.84 20.44
N SER F 82 -0.07 -11.68 21.45
CA SER F 82 0.89 -11.83 22.55
C SER F 82 1.88 -12.96 22.31
N LYS F 92 9.98 -23.18 19.64
CA LYS F 92 11.20 -22.39 19.63
C LYS F 92 12.20 -22.93 18.61
N GLY F 93 13.14 -22.09 18.20
CA GLY F 93 14.22 -22.50 17.30
C GLY F 93 14.52 -21.50 16.19
N GLU F 94 13.46 -20.94 15.62
CA GLU F 94 13.55 -20.06 14.44
C GLU F 94 14.15 -18.69 14.77
N SER F 95 15.09 -18.22 13.93
CA SER F 95 15.83 -16.98 14.19
C SER F 95 14.93 -15.79 14.54
N LEU F 96 15.48 -14.86 15.31
CA LEU F 96 14.76 -13.69 15.78
C LEU F 96 14.35 -12.79 14.63
N ALA F 97 15.25 -12.63 13.66
CA ALA F 97 14.98 -11.87 12.47
C ALA F 97 13.69 -12.38 11.82
N ASP F 98 13.67 -13.66 11.47
CA ASP F 98 12.50 -14.27 10.83
C ASP F 98 11.23 -14.20 11.68
N SER F 99 11.36 -14.32 13.00
CA SER F 99 10.18 -14.30 13.88
C SER F 99 9.54 -12.96 13.85
N VAL F 100 10.34 -11.93 14.12
CA VAL F 100 9.89 -10.56 14.16
C VAL F 100 9.33 -10.14 12.80
N GLN F 101 10.04 -10.49 11.72
CA GLN F 101 9.61 -10.15 10.37
C GLN F 101 8.31 -10.88 10.01
N THR F 102 8.15 -12.12 10.48
CA THR F 102 6.89 -12.84 10.29
C THR F 102 5.71 -12.21 11.07
N MET F 103 5.96 -11.78 12.30
CA MET F 103 4.94 -11.05 13.07
C MET F 103 4.54 -9.74 12.40
N SER F 104 5.52 -9.12 11.74
CA SER F 104 5.30 -7.84 11.10
C SER F 104 4.51 -7.94 9.79
N CYS F 105 4.28 -9.17 9.31
CA CYS F 105 3.32 -9.45 8.24
C CYS F 105 1.90 -9.27 8.74
N TYR F 106 1.68 -9.52 10.03
CA TYR F 106 0.38 -9.46 10.66
C TYR F 106 0.07 -8.12 11.33
N ALA F 107 1.09 -7.53 11.96
CA ALA F 107 0.93 -6.40 12.89
C ALA F 107 1.62 -5.11 12.43
N ASP F 108 1.11 -3.99 12.94
CA ASP F 108 1.57 -2.64 12.57
C ASP F 108 2.84 -2.24 13.35
N VAL F 109 2.88 -2.62 14.62
CA VAL F 109 4.05 -2.37 15.47
C VAL F 109 4.42 -3.66 16.15
N VAL F 110 5.68 -3.74 16.52
CA VAL F 110 6.23 -4.84 17.25
C VAL F 110 6.84 -4.27 18.52
N VAL F 111 6.50 -4.88 19.65
CA VAL F 111 7.06 -4.51 20.94
C VAL F 111 7.95 -5.66 21.40
N LEU F 112 9.25 -5.43 21.44
CA LEU F 112 10.19 -6.52 21.57
C LEU F 112 11.07 -6.37 22.79
N ARG F 113 11.08 -7.40 23.62
CA ARG F 113 11.97 -7.47 24.76
C ARG F 113 12.84 -8.70 24.61
N HIS F 114 14.16 -8.51 24.52
CA HIS F 114 15.07 -9.63 24.34
C HIS F 114 16.39 -9.40 25.09
N PRO F 115 16.77 -10.35 25.95
CA PRO F 115 17.89 -10.15 26.86
C PRO F 115 19.29 -10.30 26.23
N GLN F 116 19.37 -10.86 25.02
CA GLN F 116 20.65 -11.11 24.36
C GLN F 116 21.24 -9.85 23.74
N PRO F 117 22.34 -9.32 24.32
CA PRO F 117 22.94 -8.11 23.78
C PRO F 117 22.95 -8.10 22.25
N GLY F 118 22.40 -7.03 21.68
CA GLY F 118 22.31 -6.86 20.24
C GLY F 118 21.03 -7.36 19.58
N ALA F 119 20.31 -8.26 20.25
CA ALA F 119 19.19 -8.98 19.62
C ALA F 119 18.09 -8.07 19.09
N VAL F 120 17.63 -7.11 19.90
CA VAL F 120 16.58 -6.19 19.46
C VAL F 120 17.04 -5.42 18.23
N GLU F 121 18.24 -4.83 18.33
CA GLU F 121 18.86 -4.05 17.25
C GLU F 121 18.84 -4.72 15.87
N LEU F 122 19.39 -5.92 15.78
CA LEU F 122 19.41 -6.66 14.50
C LEU F 122 18.02 -7.10 14.05
N ALA F 123 17.12 -7.37 14.99
CA ALA F 123 15.74 -7.76 14.64
C ALA F 123 14.99 -6.62 13.96
N ALA F 124 15.32 -5.37 14.31
CA ALA F 124 14.67 -4.18 13.74
C ALA F 124 15.24 -3.82 12.39
N LYS F 125 16.55 -4.01 12.26
CA LYS F 125 17.31 -3.65 11.07
C LYS F 125 16.52 -3.85 9.78
N HIS F 126 16.02 -5.06 9.57
CA HIS F 126 15.32 -5.35 8.31
C HIS F 126 13.79 -5.36 8.40
N CYS F 127 13.26 -5.08 9.59
CA CYS F 127 11.85 -5.22 9.82
C CYS F 127 11.01 -4.22 9.02
N ARG F 128 9.97 -4.72 8.35
CA ARG F 128 9.10 -3.92 7.50
C ARG F 128 8.29 -2.92 8.35
N ARG F 129 8.11 -3.24 9.64
CA ARG F 129 7.34 -2.39 10.56
C ARG F 129 8.20 -1.85 11.69
N PRO F 130 7.73 -0.76 12.33
CA PRO F 130 8.46 -0.21 13.47
C PRO F 130 8.50 -1.14 14.66
N VAL F 131 9.56 -0.98 15.43
CA VAL F 131 9.91 -1.88 16.51
C VAL F 131 10.16 -1.00 17.71
N ILE F 132 9.60 -1.40 18.84
CA ILE F 132 9.77 -0.70 20.10
C ILE F 132 10.45 -1.66 21.03
N ASN F 133 11.68 -1.28 21.37
CA ASN F 133 12.49 -1.96 22.33
C ASN F 133 11.83 -1.90 23.69
N ALA F 134 11.48 -3.06 24.22
CA ALA F 134 10.83 -3.17 25.51
C ALA F 134 11.84 -3.60 26.57
N GLY F 135 13.12 -3.70 26.20
CA GLY F 135 14.18 -4.12 27.10
C GLY F 135 15.18 -5.01 26.40
N ASP F 136 16.42 -4.53 26.23
CA ASP F 136 17.49 -5.25 25.50
C ASP F 136 18.66 -5.65 26.41
N GLY F 137 19.69 -6.26 25.85
CA GLY F 137 20.80 -6.80 26.63
C GLY F 137 21.88 -5.84 27.08
N VAL F 138 21.92 -4.64 26.49
CA VAL F 138 22.70 -3.52 27.04
C VAL F 138 21.83 -2.64 27.95
N GLY F 139 20.71 -3.19 28.41
CA GLY F 139 19.81 -2.52 29.36
C GLY F 139 19.13 -1.24 28.91
N GLU F 140 18.97 -1.06 27.61
CA GLU F 140 18.17 0.05 27.10
C GLU F 140 16.70 -0.36 27.15
N HIS F 141 15.91 0.49 27.78
CA HIS F 141 14.50 0.26 27.96
C HIS F 141 13.82 1.64 27.84
N PRO F 142 13.68 2.15 26.61
CA PRO F 142 13.34 3.55 26.42
C PRO F 142 12.07 4.04 27.13
N THR F 143 11.02 3.22 27.18
CA THR F 143 9.79 3.63 27.87
C THR F 143 9.93 3.65 29.40
N GLN F 144 10.80 2.81 29.96
CA GLN F 144 11.08 2.90 31.41
C GLN F 144 11.68 4.27 31.74
N ALA F 145 12.73 4.67 31.02
CA ALA F 145 13.34 5.97 31.27
C ALA F 145 12.35 7.11 31.03
N LEU F 146 11.49 6.99 30.03
CA LEU F 146 10.54 8.07 29.73
C LEU F 146 9.45 8.18 30.80
N LEU F 147 9.03 7.04 31.35
CA LEU F 147 7.98 7.04 32.37
C LEU F 147 8.57 7.55 33.70
N ASP F 148 9.81 7.19 33.98
CA ASP F 148 10.53 7.72 35.14
C ASP F 148 10.59 9.26 35.14
N ILE F 149 10.95 9.89 34.00
CA ILE F 149 11.12 11.34 33.93
C ILE F 149 9.77 12.04 33.92
N PHE F 150 8.81 11.44 33.23
CA PHE F 150 7.46 11.89 33.29
C PHE F 150 6.95 11.85 34.74
N THR F 151 7.20 10.75 35.43
CA THR F 151 6.70 10.60 36.81
C THR F 151 7.34 11.61 37.78
N ILE F 152 8.59 12.00 37.51
CA ILE F 152 9.26 13.04 38.32
C ILE F 152 8.57 14.37 38.12
N ARG F 153 8.38 14.74 36.85
CA ARG F 153 7.84 16.06 36.53
C ARG F 153 6.44 16.18 37.13
N GLU F 154 5.62 15.17 36.85
CA GLU F 154 4.27 15.03 37.40
C GLU F 154 4.26 15.29 38.90
N GLU F 155 5.04 14.51 39.62
CA GLU F 155 4.98 14.46 41.08
C GLU F 155 5.52 15.71 41.75
N LEU F 156 6.53 16.33 41.15
CA LEU F 156 7.21 17.47 41.78
C LEU F 156 7.02 18.80 41.08
N GLY F 157 6.46 18.77 39.87
CA GLY F 157 6.23 19.98 39.07
C GLY F 157 7.38 20.35 38.17
N THR F 158 8.50 19.66 38.34
CA THR F 158 9.69 19.89 37.54
C THR F 158 10.72 18.80 37.85
N VAL F 159 11.56 18.53 36.86
CA VAL F 159 12.76 17.70 37.05
C VAL F 159 13.96 18.60 37.37
N ASN F 160 13.98 19.80 36.81
CA ASN F 160 15.08 20.73 37.02
C ASN F 160 15.21 21.20 38.46
N GLY F 161 16.44 21.27 38.94
CA GLY F 161 16.75 21.62 40.31
C GLY F 161 16.52 20.52 41.32
N MET F 162 16.19 19.33 40.84
CA MET F 162 15.96 18.22 41.76
C MET F 162 17.25 17.45 42.09
N THR F 163 17.38 17.05 43.34
CA THR F 163 18.39 16.11 43.80
C THR F 163 17.84 14.69 43.74
N ILE F 164 18.40 13.87 42.85
CA ILE F 164 17.89 12.50 42.63
C ILE F 164 18.86 11.45 43.18
N THR F 165 18.33 10.55 44.01
CA THR F 165 19.12 9.64 44.81
C THR F 165 18.79 8.17 44.48
N MET F 166 19.67 7.54 43.72
CA MET F 166 19.48 6.16 43.27
C MET F 166 20.03 5.14 44.27
N VAL F 167 19.25 4.10 44.56
CA VAL F 167 19.46 3.23 45.71
C VAL F 167 19.39 1.72 45.39
N GLY F 168 20.46 1.01 45.74
CA GLY F 168 20.50 -0.45 45.65
C GLY F 168 21.75 -0.99 44.94
N ASP F 169 21.54 -1.94 44.01
CA ASP F 169 22.62 -2.48 43.18
C ASP F 169 22.78 -1.61 41.95
N LEU F 170 23.59 -0.56 42.08
CA LEU F 170 23.76 0.45 41.04
C LEU F 170 24.83 0.04 40.01
N LYS F 171 25.70 -0.89 40.37
CA LYS F 171 26.72 -1.35 39.43
C LYS F 171 26.11 -2.16 38.28
N HIS F 172 25.12 -3.00 38.58
CA HIS F 172 24.45 -3.81 37.55
C HIS F 172 23.06 -3.27 37.12
N GLY F 173 22.69 -2.09 37.60
CA GLY F 173 21.44 -1.45 37.20
C GLY F 173 21.58 -0.77 35.85
N ARG F 174 21.44 -1.54 34.78
CA ARG F 174 21.73 -1.07 33.42
C ARG F 174 20.82 0.06 32.96
N THR F 175 19.53 -0.06 33.28
CA THR F 175 18.55 0.94 32.88
C THR F 175 18.69 2.20 33.74
N VAL F 176 19.23 2.01 34.96
CA VAL F 176 19.45 3.10 35.92
C VAL F 176 20.68 3.93 35.54
N HIS F 177 21.65 3.29 34.88
CA HIS F 177 22.74 4.05 34.27
C HIS F 177 22.10 4.97 33.25
N SER F 178 21.52 4.37 32.22
CA SER F 178 20.78 5.05 31.14
C SER F 178 19.88 6.17 31.66
N LEU F 179 19.26 5.95 32.81
CA LEU F 179 18.42 6.95 33.49
C LEU F 179 19.24 8.08 34.13
N ALA F 180 20.31 7.72 34.82
CA ALA F 180 21.23 8.72 35.37
C ALA F 180 21.90 9.45 34.22
N CYS F 181 22.11 8.72 33.13
CA CYS F 181 22.67 9.27 31.90
C CYS F 181 21.68 10.15 31.14
N LEU F 182 20.38 9.85 31.21
CA LEU F 182 19.35 10.72 30.59
C LEU F 182 19.23 12.04 31.35
N LEU F 183 19.15 11.94 32.67
CA LEU F 183 19.09 13.10 33.59
C LEU F 183 20.24 14.11 33.41
N THR F 184 21.14 13.81 32.47
CA THR F 184 22.10 14.75 31.90
C THR F 184 21.38 15.96 31.31
N GLN F 185 20.45 15.70 30.41
CA GLN F 185 19.71 16.77 29.71
C GLN F 185 18.87 17.67 30.64
N TYR F 186 18.99 17.45 31.94
CA TYR F 186 18.31 18.26 32.93
C TYR F 186 19.30 18.85 33.94
N ARG F 187 18.91 19.96 34.55
CA ARG F 187 19.73 20.61 35.60
C ARG F 187 19.42 19.93 36.93
N VAL F 188 20.19 18.91 37.27
CA VAL F 188 19.94 18.13 38.48
C VAL F 188 21.21 17.85 39.24
N SER F 189 21.03 17.26 40.42
CA SER F 189 22.12 16.79 41.26
C SER F 189 21.85 15.31 41.61
N LEU F 190 22.88 14.48 41.51
CA LEU F 190 22.72 13.03 41.69
C LEU F 190 23.38 12.49 42.95
N ARG F 191 22.71 11.53 43.59
CA ARG F 191 23.26 10.81 44.73
C ARG F 191 23.09 9.31 44.56
N TYR F 192 24.02 8.57 45.17
CA TYR F 192 24.09 7.12 45.06
C TYR F 192 24.17 6.46 46.44
N VAL F 193 23.42 5.38 46.63
CA VAL F 193 23.32 4.68 47.92
C VAL F 193 23.37 3.18 47.64
N ALA F 194 24.56 2.62 47.76
CA ALA F 194 24.82 1.21 47.49
C ALA F 194 25.69 0.60 48.60
N PRO F 195 25.89 -0.73 48.55
CA PRO F 195 27.01 -1.29 49.29
C PRO F 195 28.29 -1.05 48.48
N PRO F 196 29.41 -0.69 49.15
CA PRO F 196 30.69 -0.47 48.48
C PRO F 196 31.05 -1.48 47.37
N SER F 197 30.64 -2.73 47.52
CA SER F 197 30.79 -3.72 46.45
C SER F 197 30.10 -3.22 45.17
N LEU F 198 28.79 -3.00 45.26
CA LEU F 198 27.95 -2.68 44.11
C LEU F 198 27.68 -1.18 43.97
N ARG F 199 28.71 -0.36 44.09
CA ARG F 199 28.58 1.06 43.85
C ARG F 199 28.24 1.33 42.40
N MET F 200 27.74 2.53 42.12
CA MET F 200 27.51 2.95 40.74
C MET F 200 28.84 2.77 40.00
N PRO F 201 28.81 2.34 38.73
CA PRO F 201 30.08 2.06 38.04
C PRO F 201 30.87 3.33 37.73
N PRO F 202 32.21 3.21 37.63
CA PRO F 202 33.03 4.34 37.21
C PRO F 202 32.97 4.61 35.70
N THR F 203 32.50 3.64 34.92
CA THR F 203 32.21 3.84 33.50
C THR F 203 31.24 5.01 33.33
N VAL F 204 30.12 4.89 34.03
CA VAL F 204 29.00 5.81 33.91
C VAL F 204 29.21 7.06 34.76
N ARG F 205 29.76 6.86 35.97
CA ARG F 205 30.18 7.97 36.84
C ARG F 205 30.98 9.00 36.06
N ALA F 206 31.89 8.52 35.21
CA ALA F 206 32.75 9.37 34.40
C ALA F 206 32.01 10.02 33.25
N PHE F 207 30.98 9.35 32.71
CA PHE F 207 30.15 9.95 31.65
C PHE F 207 29.26 11.09 32.20
N VAL F 208 28.84 10.95 33.46
CA VAL F 208 28.01 11.96 34.10
C VAL F 208 28.85 13.12 34.66
N ALA F 209 30.11 12.83 34.97
CA ALA F 209 31.07 13.85 35.37
C ALA F 209 31.49 14.73 34.20
N SER F 210 31.60 14.15 33.00
CA SER F 210 31.92 14.91 31.79
C SER F 210 30.86 15.98 31.51
N ARG F 211 29.62 15.67 31.88
CA ARG F 211 28.48 16.57 31.69
C ARG F 211 28.42 17.77 32.65
N GLY F 212 29.08 17.66 33.81
CA GLY F 212 28.97 18.69 34.86
C GLY F 212 27.84 18.45 35.86
N THR F 213 27.16 17.31 35.74
CA THR F 213 26.17 16.90 36.72
C THR F 213 26.91 16.33 37.93
N LYS F 214 26.65 16.89 39.10
CA LYS F 214 27.30 16.49 40.35
C LYS F 214 26.85 15.14 40.91
N GLN F 215 27.79 14.39 41.47
CA GLN F 215 27.53 13.08 42.06
C GLN F 215 28.16 12.97 43.46
N GLU F 216 27.45 12.32 44.38
CA GLU F 216 27.97 11.99 45.70
C GLU F 216 27.54 10.56 46.07
N GLU F 217 28.34 9.87 46.89
CA GLU F 217 27.97 8.54 47.39
C GLU F 217 27.77 8.52 48.91
N PHE F 218 26.82 7.70 49.34
CA PHE F 218 26.52 7.46 50.75
C PHE F 218 26.36 5.96 51.02
N GLU F 219 26.36 5.58 52.29
CA GLU F 219 26.24 4.17 52.68
C GLU F 219 24.82 3.79 53.08
N SER F 220 23.97 4.78 53.31
CA SER F 220 22.60 4.53 53.77
C SER F 220 21.60 5.44 53.06
N ILE F 221 20.32 5.20 53.33
CA ILE F 221 19.25 6.08 52.89
C ILE F 221 19.17 7.25 53.88
N GLU F 222 19.42 6.95 55.15
CA GLU F 222 19.43 7.96 56.20
C GLU F 222 20.39 9.13 55.90
N GLU F 223 21.59 8.78 55.46
CA GLU F 223 22.62 9.77 55.14
C GLU F 223 22.24 10.65 53.94
N ALA F 224 21.82 10.02 52.85
CA ALA F 224 21.53 10.73 51.59
C ALA F 224 20.18 11.46 51.56
N LEU F 225 19.29 11.11 52.48
CA LEU F 225 17.87 11.44 52.36
C LEU F 225 17.43 12.89 52.62
N PRO F 226 18.19 13.67 53.42
CA PRO F 226 17.67 15.00 53.82
C PRO F 226 17.43 16.00 52.71
N ASP F 227 18.34 16.13 51.76
CA ASP F 227 18.10 17.02 50.63
C ASP F 227 17.78 16.25 49.34
N THR F 228 17.19 15.07 49.50
CA THR F 228 16.73 14.26 48.36
C THR F 228 15.32 14.70 47.92
N ASP F 229 15.18 15.03 46.63
CA ASP F 229 13.87 15.29 46.02
C ASP F 229 13.24 14.03 45.45
N VAL F 230 14.06 13.11 44.95
CA VAL F 230 13.56 11.91 44.30
C VAL F 230 14.34 10.70 44.79
N LEU F 231 13.70 9.90 45.63
CA LEU F 231 14.26 8.64 46.07
C LEU F 231 13.84 7.53 45.10
N TYR F 232 14.80 7.01 44.34
CA TYR F 232 14.57 5.97 43.33
C TYR F 232 15.09 4.66 43.88
N MET F 233 14.18 3.87 44.45
CA MET F 233 14.56 2.64 45.14
C MET F 233 14.68 1.50 44.15
N THR F 234 15.73 0.70 44.33
CA THR F 234 15.86 -0.60 43.69
C THR F 234 16.27 -1.58 44.78
N ARG F 235 16.25 -2.87 44.44
CA ARG F 235 16.63 -3.90 45.40
C ARG F 235 18.02 -4.43 45.13
N ILE F 236 18.53 -5.16 46.11
CA ILE F 236 19.86 -5.75 46.05
C ILE F 236 19.81 -7.12 45.37
N GLN F 237 19.06 -8.05 45.98
CA GLN F 237 19.18 -9.50 45.75
C GLN F 237 20.26 -10.03 46.71
N LYS F 238 19.83 -10.67 47.80
CA LYS F 238 20.73 -11.10 48.87
C LYS F 238 21.97 -11.85 48.39
N GLU F 239 21.83 -12.61 47.30
CA GLU F 239 22.96 -13.30 46.67
C GLU F 239 24.06 -12.36 46.18
N ARG F 240 23.69 -11.12 45.84
CA ARG F 240 24.60 -10.22 45.11
C ARG F 240 25.42 -9.32 46.02
N PHE F 241 25.16 -9.38 47.32
CA PHE F 241 26.03 -8.74 48.29
C PHE F 241 27.44 -9.24 48.05
N GLY F 242 28.42 -8.34 48.14
CA GLY F 242 29.82 -8.70 47.94
C GLY F 242 30.42 -9.42 49.14
N SER F 243 29.68 -10.42 49.63
CA SER F 243 30.01 -11.23 50.81
C SER F 243 28.86 -11.22 51.81
N THR F 244 28.70 -12.34 52.50
CA THR F 244 27.74 -12.48 53.57
C THR F 244 28.11 -11.67 54.81
N GLN F 245 29.41 -11.46 55.04
CA GLN F 245 29.86 -10.57 56.11
C GLN F 245 29.20 -9.21 55.91
N GLU F 246 29.34 -8.70 54.70
CA GLU F 246 28.86 -7.38 54.33
C GLU F 246 27.34 -7.30 54.52
N TYR F 247 26.62 -8.25 53.93
CA TYR F 247 25.16 -8.35 54.07
C TYR F 247 24.69 -8.07 55.49
N GLU F 248 25.25 -8.81 56.44
CA GLU F 248 24.80 -8.74 57.83
C GLU F 248 25.20 -7.43 58.53
N ALA F 249 26.15 -6.70 57.96
CA ALA F 249 26.56 -5.42 58.56
C ALA F 249 25.87 -4.23 57.87
N CYS F 250 24.98 -4.51 56.93
CA CYS F 250 24.74 -3.61 55.80
C CYS F 250 23.26 -3.41 55.40
N PHE F 251 22.58 -4.52 55.07
CA PHE F 251 21.21 -4.49 54.51
C PHE F 251 20.20 -3.51 55.14
N GLY F 252 20.28 -3.30 56.46
CA GLY F 252 19.41 -2.35 57.13
C GLY F 252 19.48 -0.92 56.61
N GLN F 253 20.47 -0.62 55.78
CA GLN F 253 20.70 0.71 55.24
C GLN F 253 20.10 0.98 53.85
N PHE F 254 19.38 0.00 53.30
CA PHE F 254 18.74 0.11 51.99
C PHE F 254 17.29 -0.39 52.05
N ILE F 255 16.72 -0.33 53.26
CA ILE F 255 15.34 -0.75 53.50
C ILE F 255 14.60 0.47 54.01
N LEU F 256 13.58 0.87 53.27
CA LEU F 256 12.82 2.05 53.61
C LEU F 256 11.67 1.62 54.53
N THR F 257 11.47 2.38 55.60
CA THR F 257 10.34 2.22 56.51
C THR F 257 9.74 3.60 56.85
N PRO F 258 8.52 3.62 57.39
CA PRO F 258 7.88 4.86 57.86
C PRO F 258 8.69 5.73 58.85
N HIS F 259 9.59 5.10 59.61
CA HIS F 259 10.47 5.81 60.55
C HIS F 259 11.63 6.48 59.83
N ILE F 260 12.20 5.81 58.84
CA ILE F 260 13.22 6.43 57.98
C ILE F 260 12.63 7.69 57.33
N MET F 261 11.37 7.58 56.90
CA MET F 261 10.69 8.63 56.15
C MET F 261 10.41 9.89 56.95
N THR F 262 10.22 9.75 58.27
CA THR F 262 9.95 10.92 59.13
C THR F 262 11.02 12.00 58.97
N ARG F 263 12.19 11.62 58.47
CA ARG F 263 13.25 12.59 58.17
C ARG F 263 13.22 13.12 56.73
N ALA F 264 12.32 12.58 55.90
CA ALA F 264 12.21 12.99 54.51
C ALA F 264 11.51 14.33 54.41
N LYS F 265 11.81 15.07 53.35
CA LYS F 265 11.18 16.35 53.13
C LYS F 265 9.70 16.14 52.89
N LYS F 266 8.92 17.11 53.33
CA LYS F 266 7.53 17.22 52.98
C LYS F 266 7.42 16.98 51.47
N LYS F 267 8.06 17.86 50.71
CA LYS F 267 7.87 17.94 49.28
C LYS F 267 8.88 17.02 48.59
N MET F 268 8.47 15.77 48.36
CA MET F 268 9.39 14.71 47.99
C MET F 268 8.63 13.48 47.48
N VAL F 269 9.26 12.70 46.61
CA VAL F 269 8.62 11.50 46.09
C VAL F 269 9.55 10.28 46.07
N VAL F 270 8.99 9.12 46.38
CA VAL F 270 9.73 7.85 46.33
C VAL F 270 9.24 7.07 45.12
N MET F 271 10.20 6.59 44.33
CA MET F 271 9.93 5.81 43.13
C MET F 271 10.59 4.45 43.23
N HIS F 272 10.07 3.53 42.43
CA HIS F 272 10.64 2.19 42.25
C HIS F 272 10.26 1.72 40.85
N PRO F 273 11.17 1.09 40.09
CA PRO F 273 10.81 0.49 38.81
C PRO F 273 9.88 -0.72 38.94
N MET F 274 10.05 -1.44 40.04
CA MET F 274 9.18 -2.55 40.46
C MET F 274 9.57 -3.79 39.67
N PRO F 275 9.36 -4.99 40.24
CA PRO F 275 8.75 -5.25 41.53
C PRO F 275 9.70 -4.99 42.70
N ARG F 276 9.16 -5.10 43.91
CA ARG F 276 9.96 -4.98 45.12
C ARG F 276 10.07 -6.32 45.86
N VAL F 277 11.08 -6.39 46.72
CA VAL F 277 11.18 -7.47 47.69
C VAL F 277 10.85 -6.86 49.06
N ASN F 278 11.85 -6.64 49.90
CA ASN F 278 11.67 -6.07 51.24
C ASN F 278 12.17 -4.61 51.36
N GLU F 279 12.89 -4.14 50.35
CA GLU F 279 13.49 -2.80 50.41
C GLU F 279 12.47 -1.66 50.63
N ILE F 280 11.20 -1.86 50.27
CA ILE F 280 10.17 -0.89 50.60
C ILE F 280 9.06 -1.56 51.39
N SER F 281 9.03 -1.27 52.68
CA SER F 281 7.98 -1.72 53.57
C SER F 281 6.58 -1.30 53.11
N VAL F 282 5.63 -2.22 53.21
CA VAL F 282 4.27 -1.98 52.75
C VAL F 282 3.65 -0.80 53.50
N GLU F 283 4.09 -0.56 54.74
CA GLU F 283 3.55 0.53 55.53
C GLU F 283 3.80 1.89 54.87
N VAL F 284 4.84 1.97 54.06
CA VAL F 284 5.12 3.18 53.27
C VAL F 284 3.99 3.51 52.28
N ASP F 285 3.44 2.47 51.62
CA ASP F 285 2.39 2.63 50.60
C ASP F 285 1.32 3.67 50.90
N SER F 286 0.99 3.86 52.18
CA SER F 286 -0.03 4.83 52.55
C SER F 286 0.48 6.28 52.55
N ASP F 287 1.79 6.44 52.49
CA ASP F 287 2.36 7.78 52.40
C ASP F 287 1.95 8.42 51.08
N PRO F 288 1.52 9.70 51.11
CA PRO F 288 1.24 10.42 49.86
C PRO F 288 2.44 10.48 48.91
N ARG F 289 3.65 10.39 49.46
CA ARG F 289 4.89 10.46 48.71
C ARG F 289 5.29 9.15 48.04
N ALA F 290 4.55 8.08 48.34
CA ALA F 290 4.79 6.76 47.75
C ALA F 290 4.19 6.70 46.36
N ALA F 291 5.03 6.99 45.36
CA ALA F 291 4.62 7.20 43.97
C ALA F 291 4.65 5.95 43.10
N TYR F 292 5.43 4.95 43.50
CA TYR F 292 5.73 3.78 42.64
C TYR F 292 4.53 3.08 41.98
N PHE F 293 3.35 3.15 42.59
CA PHE F 293 2.14 2.63 41.92
C PHE F 293 1.60 3.61 40.86
N ARG F 294 1.65 4.90 41.14
CA ARG F 294 1.29 5.93 40.13
C ARG F 294 2.32 5.93 38.99
N GLN F 295 3.54 5.56 39.35
CA GLN F 295 4.61 5.36 38.40
C GLN F 295 4.22 4.31 37.33
N ALA F 296 3.65 3.19 37.80
CA ALA F 296 3.21 2.12 36.92
C ALA F 296 2.00 2.50 36.08
N GLU F 297 1.12 3.33 36.61
CA GLU F 297 0.03 3.85 35.81
C GLU F 297 0.55 4.82 34.75
N ASN F 298 1.49 5.69 35.13
CA ASN F 298 2.07 6.63 34.18
C ASN F 298 2.69 5.93 32.96
N GLY F 299 3.34 4.78 33.18
CA GLY F 299 3.94 4.01 32.08
C GLY F 299 2.93 3.57 31.04
N MET F 300 1.71 3.24 31.48
CA MET F 300 0.65 2.84 30.57
C MET F 300 0.28 4.02 29.66
N TYR F 301 0.27 5.24 30.22
CA TYR F 301 -0.12 6.43 29.45
C TYR F 301 1.00 6.95 28.58
N ILE F 302 2.23 6.73 29.02
CA ILE F 302 3.43 6.95 28.19
C ILE F 302 3.50 5.94 27.03
N ARG F 303 3.06 4.70 27.28
CA ARG F 303 3.05 3.68 26.22
C ARG F 303 1.91 3.87 25.22
N MET F 304 0.76 4.33 25.72
CA MET F 304 -0.31 4.78 24.86
C MET F 304 0.19 5.88 23.92
N ALA F 305 0.96 6.82 24.47
CA ALA F 305 1.47 7.95 23.72
C ALA F 305 2.51 7.50 22.70
N LEU F 306 3.31 6.51 23.07
CA LEU F 306 4.25 5.93 22.14
C LEU F 306 3.56 5.24 20.97
N LEU F 307 2.69 4.27 21.25
CA LEU F 307 2.04 3.50 20.16
C LEU F 307 1.33 4.45 19.21
N ALA F 308 0.59 5.42 19.76
CA ALA F 308 -0.24 6.30 18.92
C ALA F 308 0.61 7.22 18.02
N THR F 309 1.74 7.72 18.52
CA THR F 309 2.57 8.62 17.71
C THR F 309 3.36 7.86 16.67
N VAL F 310 3.97 6.76 17.10
CA VAL F 310 4.73 5.93 16.20
C VAL F 310 3.85 5.45 15.04
N LEU F 311 2.60 5.14 15.35
CA LEU F 311 1.63 4.72 14.33
C LEU F 311 0.93 5.85 13.60
N GLY F 312 1.32 7.09 13.88
CA GLY F 312 0.84 8.26 13.15
C GLY F 312 -0.57 8.75 13.47
N ARG F 313 -0.87 8.89 14.77
CA ARG F 313 -2.16 9.41 15.24
C ARG F 313 -2.02 10.56 16.25
N PHE F 314 -0.82 11.12 16.40
CA PHE F 314 -0.58 12.24 17.30
C PHE F 314 0.77 12.84 17.01
#